data_8GN7
#
_entry.id   8GN7
#
_cell.length_a   1.00
_cell.length_b   1.00
_cell.length_c   1.00
_cell.angle_alpha   90.00
_cell.angle_beta   90.00
_cell.angle_gamma   90.00
#
_symmetry.space_group_name_H-M   'P 1'
#
loop_
_entity.id
_entity.type
_entity.pdbx_description
1 polymer 'Gap junction delta-4 protein'
2 non-polymer CHOLESTEROL
3 non-polymer PHOSPHATIDYLETHANOLAMINE
4 non-polymer 1,2-Distearoyl-sn-glycerophosphoethanolamine
#
_entity_poly.entity_id   1
_entity_poly.type   'polypeptide(L)'
_entity_poly.pdbx_seq_one_letter_code
;MEGVDLLGFLIITLNCNVTMVGKLWFVLTMLLRMLVIVLAGRPVYQDEQERFVCNTLQPGCANVCYDVFSPVSHLRFWLI
QGVCVLLPSAVFSVYVLHRGATLAALGPRRCPDPREPASGQRRCPRPFGERGGLQVPDFSAGYIIHLLLRTLLEAAFGAL
HYFLFGFLAPKKFPCTRPPCTGVVDCYVSRPTEKSLLMLFLWAVSALSFLLGLADLVCSLRRRMRRRPGPPTS
;
_entity_poly.pdbx_strand_id   A,B,G,J,M,P,S,V,Y,b
#
# COMPACT_ATOMS: atom_id res chain seq x y z
N GLY A 3 36.70 69.56 -29.08
CA GLY A 3 36.18 68.79 -27.96
C GLY A 3 35.78 67.38 -28.35
N VAL A 4 35.84 66.47 -27.39
CA VAL A 4 35.48 65.07 -27.59
C VAL A 4 34.61 64.62 -26.41
N ASP A 5 33.81 63.58 -26.64
CA ASP A 5 33.00 63.00 -25.58
C ASP A 5 33.85 62.10 -24.70
N LEU A 6 33.24 61.40 -23.75
CA LEU A 6 34.00 60.53 -22.87
C LEU A 6 33.30 59.19 -22.65
N LEU A 7 32.17 58.97 -23.32
CA LEU A 7 31.59 57.62 -23.33
C LEU A 7 32.43 56.76 -24.27
N GLY A 8 32.85 57.33 -25.39
CA GLY A 8 33.78 56.64 -26.26
C GLY A 8 35.14 56.46 -25.61
N PHE A 9 35.64 57.50 -24.94
CA PHE A 9 36.92 57.41 -24.26
C PHE A 9 36.93 56.33 -23.18
N LEU A 10 35.77 56.05 -22.58
CA LEU A 10 35.66 54.98 -21.60
C LEU A 10 35.66 53.60 -22.25
N ILE A 11 35.53 53.52 -23.57
CA ILE A 11 35.58 52.25 -24.28
C ILE A 11 36.93 52.00 -24.93
N ILE A 12 37.62 53.05 -25.42
CA ILE A 12 38.96 52.87 -25.95
C ILE A 12 39.89 52.37 -24.86
N THR A 13 39.77 52.94 -23.65
CA THR A 13 40.62 52.51 -22.54
C THR A 13 40.40 51.04 -22.22
N LEU A 14 39.14 50.60 -22.21
CA LEU A 14 38.85 49.20 -21.93
C LEU A 14 39.16 48.29 -23.10
N ASN A 15 39.03 48.78 -24.33
CA ASN A 15 39.33 47.96 -25.52
C ASN A 15 40.70 48.40 -26.03
N CYS A 16 41.65 48.41 -25.11
CA CYS A 16 43.08 48.58 -25.42
C CYS A 16 43.95 47.89 -24.38
N ASN A 17 43.37 47.38 -23.30
CA ASN A 17 44.09 46.67 -22.26
C ASN A 17 43.73 45.20 -22.21
N VAL A 18 42.79 44.76 -23.04
CA VAL A 18 42.36 43.37 -23.11
C VAL A 18 42.75 42.84 -24.47
N THR A 19 43.49 41.73 -24.49
CA THR A 19 43.96 41.16 -25.74
C THR A 19 42.82 40.40 -26.44
N MET A 20 43.08 40.04 -27.70
CA MET A 20 42.09 39.29 -28.47
C MET A 20 41.83 37.92 -27.85
N VAL A 21 42.88 37.25 -27.37
CA VAL A 21 42.71 35.97 -26.71
C VAL A 21 41.86 36.12 -25.46
N GLY A 22 42.12 37.17 -24.67
CA GLY A 22 41.31 37.45 -23.50
C GLY A 22 39.88 37.86 -23.82
N LYS A 23 39.67 38.47 -24.99
CA LYS A 23 38.32 38.82 -25.41
C LYS A 23 37.52 37.59 -25.82
N LEU A 24 38.17 36.65 -26.53
CA LEU A 24 37.51 35.41 -26.93
C LEU A 24 37.35 34.42 -25.79
N TRP A 25 38.24 34.43 -24.79
CA TRP A 25 38.05 33.59 -23.62
C TRP A 25 36.79 33.95 -22.87
N PHE A 26 36.50 35.25 -22.74
CA PHE A 26 35.28 35.69 -22.06
C PHE A 26 34.04 35.22 -22.81
N VAL A 27 34.07 35.28 -24.14
CA VAL A 27 32.94 34.83 -24.93
C VAL A 27 32.75 33.32 -24.78
N LEU A 28 33.85 32.55 -24.85
CA LEU A 28 33.72 31.10 -24.80
C LEU A 28 33.28 30.61 -23.43
N THR A 29 34.02 30.96 -22.38
CA THR A 29 33.70 30.44 -21.05
C THR A 29 32.64 31.28 -20.33
N MET A 30 31.62 31.70 -21.07
CA MET A 30 30.39 32.22 -20.50
C MET A 30 29.14 31.73 -21.20
N LEU A 31 29.25 31.34 -22.48
CA LEU A 31 28.13 30.79 -23.24
C LEU A 31 28.12 29.28 -23.26
N LEU A 32 29.28 28.64 -23.13
CA LEU A 32 29.40 27.19 -23.09
C LEU A 32 29.68 26.65 -21.70
N ARG A 33 29.92 27.51 -20.72
CA ARG A 33 30.21 27.07 -19.36
C ARG A 33 29.17 27.54 -18.35
N MET A 34 28.89 28.84 -18.32
CA MET A 34 27.92 29.38 -17.37
C MET A 34 26.48 29.20 -17.83
N LEU A 35 26.25 28.87 -19.10
CA LEU A 35 24.91 28.65 -19.60
C LEU A 35 24.48 27.19 -19.55
N VAL A 36 25.41 26.27 -19.85
CA VAL A 36 25.09 24.85 -19.76
C VAL A 36 24.86 24.44 -18.30
N ILE A 37 25.58 25.04 -17.36
CA ILE A 37 25.40 24.72 -15.95
C ILE A 37 24.01 25.13 -15.49
N VAL A 38 23.55 26.31 -15.91
CA VAL A 38 22.28 26.82 -15.42
C VAL A 38 21.11 26.15 -16.16
N LEU A 39 21.17 26.10 -17.48
CA LEU A 39 20.04 25.61 -18.27
C LEU A 39 20.01 24.10 -18.39
N ALA A 40 21.16 23.44 -18.47
CA ALA A 40 21.20 21.99 -18.67
C ALA A 40 21.63 21.22 -17.42
N GLY A 41 22.15 21.90 -16.41
CA GLY A 41 22.60 21.20 -15.21
C GLY A 41 21.51 21.07 -14.17
N ARG A 42 20.71 22.13 -13.99
CA ARG A 42 19.63 22.09 -13.02
C ARG A 42 18.57 21.04 -13.32
N PRO A 43 18.06 20.90 -14.56
CA PRO A 43 17.07 19.85 -14.82
C PRO A 43 17.59 18.43 -14.59
N VAL A 44 18.88 18.18 -14.85
CA VAL A 44 19.41 16.84 -14.69
C VAL A 44 19.48 16.44 -13.22
N TYR A 45 19.87 17.38 -12.36
CA TYR A 45 20.11 17.11 -10.95
C TYR A 45 18.93 17.52 -10.07
N GLN A 46 17.71 17.39 -10.57
CA GLN A 46 16.54 17.80 -9.79
C GLN A 46 15.93 16.67 -8.99
N ASP A 47 16.01 15.43 -9.47
CA ASP A 47 15.46 14.28 -8.78
C ASP A 47 16.57 13.33 -8.33
N GLU A 48 17.68 13.89 -7.86
CA GLU A 48 18.79 13.05 -7.39
C GLU A 48 18.43 12.32 -6.11
N GLN A 49 17.70 12.96 -5.20
CA GLN A 49 17.25 12.31 -3.98
C GLN A 49 15.86 11.72 -4.08
N GLU A 50 14.98 12.32 -4.89
CA GLU A 50 13.61 11.83 -5.01
C GLU A 50 13.59 10.42 -5.59
N ARG A 51 14.46 10.15 -6.56
CA ARG A 51 14.54 8.84 -7.19
C ARG A 51 15.88 8.17 -6.93
N PHE A 52 16.35 8.27 -5.68
CA PHE A 52 17.48 7.50 -5.18
C PHE A 52 16.88 6.34 -4.39
N VAL A 53 16.57 5.25 -5.08
CA VAL A 53 15.74 4.18 -4.54
C VAL A 53 16.63 3.18 -3.81
N CYS A 54 16.30 2.95 -2.54
CA CYS A 54 16.96 1.95 -1.71
C CYS A 54 16.03 0.78 -1.45
N ASN A 55 16.61 -0.37 -1.10
CA ASN A 55 15.86 -1.60 -0.89
C ASN A 55 15.57 -1.75 0.60
N THR A 56 14.64 -0.93 1.09
CA THR A 56 14.26 -0.95 2.50
C THR A 56 12.86 -0.39 2.66
N LEU A 57 12.27 -0.67 3.81
CA LEU A 57 10.94 -0.14 4.15
C LEU A 57 10.93 0.64 5.47
N GLN A 58 12.01 0.63 6.23
CA GLN A 58 12.04 1.34 7.50
C GLN A 58 12.20 2.83 7.25
N PRO A 59 11.33 3.67 7.82
CA PRO A 59 11.47 5.11 7.62
C PRO A 59 12.80 5.63 8.14
N GLY A 60 13.37 6.59 7.42
CA GLY A 60 14.62 7.22 7.82
C GLY A 60 15.88 6.59 7.28
N CYS A 61 15.79 5.39 6.70
CA CYS A 61 16.98 4.75 6.15
C CYS A 61 17.43 5.40 4.84
N ALA A 62 16.48 5.75 3.97
CA ALA A 62 16.78 6.38 2.69
C ALA A 62 17.39 7.77 2.85
N ASN A 63 17.00 8.52 3.88
CA ASN A 63 17.62 9.82 4.15
C ASN A 63 19.07 9.68 4.61
N VAL A 64 19.31 8.77 5.55
CA VAL A 64 20.65 8.56 6.06
C VAL A 64 21.58 8.04 4.97
N CYS A 65 21.10 7.09 4.16
CA CYS A 65 21.95 6.54 3.11
C CYS A 65 22.31 7.59 2.06
N TYR A 66 21.35 8.42 1.67
CA TYR A 66 21.64 9.47 0.69
C TYR A 66 22.55 10.54 1.27
N ASP A 67 22.42 10.84 2.57
CA ASP A 67 23.30 11.84 3.18
C ASP A 67 24.74 11.37 3.22
N VAL A 68 24.99 10.07 3.24
CA VAL A 68 26.36 9.57 3.18
C VAL A 68 26.82 9.37 1.74
N PHE A 69 25.90 9.08 0.82
CA PHE A 69 26.28 8.91 -0.57
C PHE A 69 26.90 10.19 -1.14
N SER A 70 26.22 11.32 -0.98
CA SER A 70 26.65 12.59 -1.55
C SER A 70 26.59 13.67 -0.48
N PRO A 71 27.70 13.90 0.24
CA PRO A 71 27.72 15.03 1.19
C PRO A 71 27.50 16.37 0.51
N VAL A 72 28.19 16.63 -0.59
CA VAL A 72 27.99 17.82 -1.40
C VAL A 72 27.84 17.39 -2.86
N SER A 73 26.83 17.93 -3.53
CA SER A 73 26.62 17.62 -4.93
C SER A 73 27.64 18.36 -5.79
N HIS A 74 27.86 17.85 -7.00
CA HIS A 74 28.79 18.48 -7.93
C HIS A 74 28.14 19.55 -8.80
N LEU A 75 26.81 19.70 -8.75
CA LEU A 75 26.20 20.87 -9.35
C LEU A 75 26.60 22.14 -8.61
N ARG A 76 26.52 22.11 -7.29
CA ARG A 76 26.97 23.24 -6.49
C ARG A 76 28.48 23.43 -6.60
N PHE A 77 29.24 22.34 -6.71
CA PHE A 77 30.67 22.47 -6.93
C PHE A 77 30.97 23.16 -8.25
N TRP A 78 30.25 22.78 -9.31
CA TRP A 78 30.42 23.44 -10.60
C TRP A 78 30.07 24.92 -10.51
N LEU A 79 28.98 25.24 -9.83
CA LEU A 79 28.57 26.64 -9.69
C LEU A 79 29.64 27.46 -8.96
N ILE A 80 30.12 26.96 -7.82
CA ILE A 80 31.11 27.70 -7.04
C ILE A 80 32.42 27.82 -7.80
N GLN A 81 32.84 26.76 -8.48
CA GLN A 81 34.08 26.81 -9.23
C GLN A 81 33.99 27.78 -10.40
N GLY A 82 32.86 27.81 -11.10
CA GLY A 82 32.71 28.73 -12.21
C GLY A 82 32.48 30.18 -11.81
N VAL A 83 31.95 30.41 -10.61
CA VAL A 83 31.76 31.78 -10.16
C VAL A 83 33.04 32.39 -9.61
N CYS A 84 33.90 31.57 -9.00
CA CYS A 84 35.15 32.06 -8.42
C CYS A 84 36.23 32.33 -9.46
N VAL A 85 36.04 31.88 -10.71
CA VAL A 85 36.99 32.18 -11.76
C VAL A 85 36.67 33.50 -12.46
N LEU A 86 35.38 33.84 -12.57
CA LEU A 86 34.98 35.13 -13.12
C LEU A 86 35.22 36.28 -12.15
N LEU A 87 35.59 36.00 -10.91
CA LEU A 87 35.77 37.08 -9.93
C LEU A 87 37.03 37.91 -10.21
N PRO A 88 38.20 37.33 -10.50
CA PRO A 88 39.36 38.19 -10.82
C PRO A 88 39.14 39.06 -12.05
N SER A 89 38.30 38.63 -12.98
CA SER A 89 38.04 39.42 -14.18
C SER A 89 37.11 40.60 -13.94
N ALA A 90 36.39 40.62 -12.81
CA ALA A 90 35.52 41.73 -12.48
C ALA A 90 36.21 42.81 -11.66
N VAL A 91 37.13 42.42 -10.77
CA VAL A 91 37.88 43.41 -10.00
C VAL A 91 38.73 44.27 -10.91
N PHE A 92 39.40 43.64 -11.88
CA PHE A 92 40.21 44.40 -12.84
C PHE A 92 39.34 45.31 -13.69
N SER A 93 38.18 44.84 -14.12
CA SER A 93 37.28 45.68 -14.92
C SER A 93 36.81 46.88 -14.12
N VAL A 94 36.43 46.68 -12.86
CA VAL A 94 35.99 47.80 -12.03
C VAL A 94 37.13 48.76 -11.72
N TYR A 95 38.35 48.25 -11.54
CA TYR A 95 39.51 49.11 -11.31
C TYR A 95 39.83 49.96 -12.53
N VAL A 96 39.74 49.38 -13.73
CA VAL A 96 40.02 50.14 -14.95
C VAL A 96 39.03 51.29 -15.11
N LEU A 97 37.74 51.05 -14.85
CA LEU A 97 36.75 52.11 -14.95
C LEU A 97 36.90 53.14 -13.84
N HIS A 98 37.26 52.70 -12.63
CA HIS A 98 37.48 53.66 -11.55
C HIS A 98 38.65 54.58 -11.84
N ARG A 99 39.74 54.04 -12.38
CA ARG A 99 40.92 54.85 -12.67
C ARG A 99 40.78 55.69 -13.93
N GLY A 100 40.12 55.17 -14.97
CA GLY A 100 40.00 55.89 -16.22
C GLY A 100 39.09 57.11 -16.14
N ALA A 101 37.96 57.01 -15.45
CA ALA A 101 37.03 58.11 -15.32
C ALA A 101 37.48 59.16 -14.31
N THR A 102 38.41 58.82 -13.44
CA THR A 102 38.98 59.76 -12.47
C THR A 102 40.20 60.48 -13.04
N LEU A 103 40.65 60.09 -14.24
CA LEU A 103 41.81 60.71 -14.87
C LEU A 103 41.44 61.79 -15.88
N ALA A 104 40.29 61.68 -16.53
CA ALA A 104 39.85 62.69 -17.49
C ALA A 104 39.18 63.88 -16.82
N ALA A 105 38.80 63.76 -15.55
CA ALA A 105 38.19 64.89 -14.85
C ALA A 105 39.17 66.03 -14.68
N LEU A 106 40.42 65.73 -14.32
CA LEU A 106 41.42 66.78 -14.14
C LEU A 106 41.85 67.35 -15.48
N GLY A 107 41.88 66.52 -16.53
CA GLY A 107 42.28 66.96 -17.85
C GLY A 107 43.79 66.97 -18.02
N PRO A 108 44.26 67.40 -19.20
CA PRO A 108 45.69 67.46 -19.51
C PRO A 108 46.45 68.46 -18.65
N GLY A 133 45.28 60.16 -32.31
CA GLY A 133 46.25 60.69 -31.37
C GLY A 133 45.66 60.96 -30.00
N LEU A 134 45.25 59.89 -29.32
CA LEU A 134 44.65 60.00 -28.00
C LEU A 134 45.73 59.82 -26.93
N GLN A 135 45.32 59.75 -25.66
CA GLN A 135 46.21 59.61 -24.52
C GLN A 135 45.71 58.52 -23.59
N VAL A 136 45.39 57.36 -24.16
CA VAL A 136 44.83 56.26 -23.38
C VAL A 136 45.86 55.79 -22.34
N PRO A 137 45.49 55.64 -21.08
CA PRO A 137 46.43 55.13 -20.08
C PRO A 137 46.76 53.66 -20.31
N ASP A 138 47.88 53.23 -19.74
CA ASP A 138 48.43 51.90 -19.96
C ASP A 138 48.31 51.15 -18.64
N PHE A 139 47.29 50.30 -18.53
CA PHE A 139 47.18 49.36 -17.41
C PHE A 139 47.61 47.96 -17.84
N SER A 140 48.90 47.84 -18.19
CA SER A 140 49.44 46.56 -18.60
C SER A 140 50.02 45.76 -17.45
N ALA A 141 50.48 46.43 -16.40
CA ALA A 141 51.01 45.72 -15.23
C ALA A 141 49.91 45.09 -14.41
N GLY A 142 48.71 45.66 -14.41
CA GLY A 142 47.59 45.11 -13.67
C GLY A 142 46.85 44.00 -14.37
N TYR A 143 47.28 43.63 -15.58
CA TYR A 143 46.68 42.54 -16.33
C TYR A 143 47.38 41.21 -16.11
N ILE A 144 48.71 41.23 -16.02
CA ILE A 144 49.48 40.01 -15.79
C ILE A 144 49.16 39.44 -14.41
N ILE A 145 48.98 40.29 -13.41
CA ILE A 145 48.67 39.82 -12.06
C ILE A 145 47.31 39.13 -12.03
N HIS A 146 46.31 39.74 -12.67
CA HIS A 146 44.99 39.12 -12.73
C HIS A 146 45.02 37.81 -13.52
N LEU A 147 45.79 37.75 -14.61
CA LEU A 147 45.98 36.49 -15.32
C LEU A 147 46.63 35.42 -14.46
N LEU A 148 47.66 35.77 -13.68
CA LEU A 148 48.32 34.83 -12.78
C LEU A 148 47.37 34.32 -11.70
N LEU A 149 46.59 35.19 -11.09
CA LEU A 149 45.63 34.74 -10.08
C LEU A 149 44.57 33.84 -10.70
N ARG A 150 44.06 34.20 -11.89
CA ARG A 150 43.07 33.36 -12.54
C ARG A 150 43.65 31.99 -12.89
N THR A 151 44.89 31.95 -13.37
CA THR A 151 45.53 30.68 -13.68
C THR A 151 45.72 29.83 -12.43
N LEU A 152 46.16 30.44 -11.33
CA LEU A 152 46.33 29.70 -10.08
C LEU A 152 45.02 29.23 -9.47
N LEU A 153 43.91 29.90 -9.77
CA LEU A 153 42.62 29.49 -9.24
C LEU A 153 42.01 28.29 -9.97
N GLU A 154 42.54 27.90 -11.12
CA GLU A 154 42.00 26.76 -11.86
C GLU A 154 42.67 25.44 -11.47
N ALA A 155 43.99 25.47 -11.22
CA ALA A 155 44.69 24.24 -10.87
C ALA A 155 44.17 23.65 -9.55
N ALA A 156 43.94 24.50 -8.55
CA ALA A 156 43.43 24.02 -7.27
C ALA A 156 42.05 23.39 -7.41
N PHE A 157 41.16 24.04 -8.16
CA PHE A 157 39.83 23.50 -8.37
C PHE A 157 39.80 22.28 -9.26
N GLY A 158 40.80 22.11 -10.13
CA GLY A 158 40.92 20.88 -10.90
C GLY A 158 41.40 19.73 -10.04
N ALA A 159 42.39 20.00 -9.18
CA ALA A 159 42.87 18.96 -8.28
C ALA A 159 41.78 18.53 -7.30
N LEU A 160 41.04 19.49 -6.74
CA LEU A 160 39.94 19.15 -5.85
C LEU A 160 38.85 18.37 -6.58
N HIS A 161 38.53 18.76 -7.82
CA HIS A 161 37.55 18.03 -8.59
C HIS A 161 37.98 16.59 -8.86
N TYR A 162 39.25 16.40 -9.21
CA TYR A 162 39.76 15.03 -9.41
C TYR A 162 39.70 14.22 -8.13
N PHE A 163 40.10 14.81 -6.99
CA PHE A 163 40.14 14.06 -5.74
C PHE A 163 38.76 13.85 -5.11
N LEU A 164 37.74 14.60 -5.53
CA LEU A 164 36.43 14.51 -4.91
C LEU A 164 35.44 13.65 -5.68
N PHE A 165 35.31 13.88 -6.99
CA PHE A 165 34.28 13.22 -7.78
C PHE A 165 34.79 12.26 -8.84
N GLY A 166 36.07 12.31 -9.19
CA GLY A 166 36.57 11.41 -10.21
C GLY A 166 36.18 11.85 -11.62
N PHE A 167 35.98 10.87 -12.49
CA PHE A 167 35.67 11.13 -13.89
C PHE A 167 34.30 10.64 -14.34
N LEU A 168 33.80 9.55 -13.76
CA LEU A 168 32.52 8.98 -14.15
C LEU A 168 31.68 8.69 -12.92
N ALA A 169 30.34 8.66 -13.11
CA ALA A 169 29.37 8.45 -12.05
C ALA A 169 29.08 6.97 -11.85
N PRO A 170 28.93 6.54 -10.60
CA PRO A 170 28.62 5.14 -10.32
C PRO A 170 27.14 4.84 -10.56
N LYS A 171 26.80 3.54 -10.46
CA LYS A 171 25.44 3.09 -10.69
C LYS A 171 24.77 2.48 -9.46
N LYS A 172 25.54 2.07 -8.45
CA LYS A 172 24.98 1.45 -7.26
C LYS A 172 25.77 1.89 -6.03
N PHE A 173 25.11 1.77 -4.87
CA PHE A 173 25.74 2.17 -3.61
C PHE A 173 25.37 1.21 -2.49
N PRO A 174 26.36 0.62 -1.81
CA PRO A 174 26.07 -0.17 -0.60
C PRO A 174 26.06 0.68 0.66
N CYS A 175 25.00 0.56 1.46
CA CYS A 175 24.79 1.41 2.64
C CYS A 175 24.49 0.53 3.84
N THR A 176 25.23 0.74 4.93
CA THR A 176 25.06 -0.04 6.15
C THR A 176 24.80 0.82 7.39
N ARG A 177 24.57 2.12 7.23
CA ARG A 177 24.37 2.99 8.37
C ARG A 177 23.03 2.69 9.04
N PRO A 178 22.94 2.87 10.36
CA PRO A 178 21.64 2.74 11.05
C PRO A 178 20.68 3.83 10.61
N PRO A 179 19.37 3.60 10.72
CA PRO A 179 18.68 2.44 11.31
C PRO A 179 18.51 1.27 10.33
N CYS A 180 19.17 1.31 9.18
CA CYS A 180 19.08 0.20 8.24
C CYS A 180 19.73 -1.05 8.82
N THR A 181 19.07 -2.20 8.63
CA THR A 181 19.55 -3.47 9.15
C THR A 181 20.24 -4.24 8.04
N GLY A 182 21.46 -4.72 8.31
CA GLY A 182 22.21 -5.43 7.29
C GLY A 182 22.84 -4.48 6.29
N VAL A 183 22.99 -4.96 5.06
CA VAL A 183 23.56 -4.18 3.97
C VAL A 183 22.46 -3.92 2.96
N VAL A 184 22.23 -2.64 2.65
CA VAL A 184 21.20 -2.22 1.72
C VAL A 184 21.85 -1.76 0.43
N ASP A 185 21.18 -2.00 -0.69
CA ASP A 185 21.66 -1.58 -2.00
C ASP A 185 20.75 -0.47 -2.52
N CYS A 186 21.37 0.62 -2.99
CA CYS A 186 20.63 1.75 -3.53
C CYS A 186 21.10 2.04 -4.95
N TYR A 187 20.19 2.59 -5.75
CA TYR A 187 20.40 2.81 -7.17
C TYR A 187 20.48 4.30 -7.46
N VAL A 188 21.45 4.69 -8.28
CA VAL A 188 21.63 6.09 -8.65
C VAL A 188 20.78 6.40 -9.87
N SER A 189 20.14 7.58 -9.85
CA SER A 189 19.30 8.00 -10.97
C SER A 189 20.14 8.64 -12.05
N ARG A 190 19.88 8.27 -13.30
CA ARG A 190 20.57 8.79 -14.48
C ARG A 190 22.10 8.67 -14.36
N PRO A 191 22.64 7.45 -14.22
CA PRO A 191 24.09 7.31 -14.09
C PRO A 191 24.85 7.50 -15.40
N THR A 192 24.17 7.48 -16.54
CA THR A 192 24.84 7.58 -17.84
C THR A 192 24.91 9.02 -18.35
N GLU A 193 23.78 9.72 -18.35
CA GLU A 193 23.74 11.10 -18.81
C GLU A 193 24.57 12.02 -17.92
N LYS A 194 24.51 11.79 -16.60
CA LYS A 194 25.33 12.53 -15.66
C LYS A 194 26.82 12.37 -15.96
N SER A 195 27.25 11.18 -16.39
CA SER A 195 28.63 10.97 -16.77
C SER A 195 28.96 11.51 -18.17
N LEU A 196 27.95 11.74 -19.00
CA LEU A 196 28.16 12.40 -20.28
C LEU A 196 28.32 13.89 -20.15
N LEU A 197 27.63 14.53 -19.20
CA LEU A 197 27.82 15.94 -18.93
C LEU A 197 29.15 16.23 -18.25
N MET A 198 29.63 15.31 -17.42
CA MET A 198 30.93 15.48 -16.76
C MET A 198 32.05 15.62 -17.77
N LEU A 199 32.06 14.77 -18.79
CA LEU A 199 33.11 14.84 -19.81
C LEU A 199 33.06 16.14 -20.58
N PHE A 200 31.86 16.62 -20.94
CA PHE A 200 31.73 17.89 -21.64
C PHE A 200 32.28 19.04 -20.80
N LEU A 201 31.90 19.10 -19.52
CA LEU A 201 32.40 20.16 -18.66
C LEU A 201 33.90 20.05 -18.39
N TRP A 202 34.43 18.83 -18.23
CA TRP A 202 35.87 18.65 -18.09
C TRP A 202 36.62 19.14 -19.32
N ALA A 203 36.14 18.81 -20.52
CA ALA A 203 36.78 19.30 -21.74
C ALA A 203 36.71 20.81 -21.85
N VAL A 204 35.56 21.41 -21.51
CA VAL A 204 35.45 22.86 -21.57
C VAL A 204 36.44 23.52 -20.61
N SER A 205 36.52 23.01 -19.37
CA SER A 205 37.47 23.57 -18.41
C SER A 205 38.91 23.41 -18.85
N ALA A 206 39.27 22.23 -19.38
CA ALA A 206 40.63 22.02 -19.84
C ALA A 206 40.99 22.90 -21.02
N LEU A 207 40.06 23.10 -21.96
CA LEU A 207 40.30 24.02 -23.06
C LEU A 207 40.42 25.46 -22.60
N SER A 208 39.61 25.90 -21.65
CA SER A 208 39.70 27.26 -21.14
C SER A 208 40.96 27.49 -20.31
N PHE A 209 41.52 26.45 -19.70
CA PHE A 209 42.74 26.63 -18.92
C PHE A 209 43.93 26.99 -19.78
N LEU A 210 44.02 26.44 -20.99
CA LEU A 210 45.13 26.73 -21.89
C LEU A 210 44.97 28.06 -22.62
N LEU A 211 43.77 28.63 -22.63
CA LEU A 211 43.57 29.95 -23.22
C LEU A 211 44.18 31.06 -22.38
N GLY A 212 44.15 30.93 -21.06
CA GLY A 212 44.84 31.86 -20.18
C GLY A 212 46.32 31.62 -20.06
N LEU A 213 46.80 30.46 -20.49
CA LEU A 213 48.23 30.17 -20.52
C LEU A 213 48.88 30.62 -21.82
N ALA A 214 48.13 30.66 -22.91
CA ALA A 214 48.63 31.19 -24.17
C ALA A 214 48.57 32.71 -24.22
N ASP A 215 47.85 33.34 -23.30
CA ASP A 215 47.78 34.79 -23.21
C ASP A 215 48.82 35.38 -22.27
N LEU A 216 49.09 34.72 -21.15
CA LEU A 216 50.10 35.18 -20.21
C LEU A 216 51.52 35.13 -20.78
N VAL A 217 51.88 34.05 -21.44
CA VAL A 217 53.22 33.89 -22.00
C VAL A 217 53.40 34.75 -23.25
N CYS A 218 52.33 35.36 -23.74
CA CYS A 218 52.42 36.35 -24.81
C CYS A 218 52.49 37.78 -24.27
N SER A 219 51.66 38.10 -23.27
CA SER A 219 51.72 39.41 -22.64
C SER A 219 53.06 39.65 -21.95
N LEU A 220 53.57 38.64 -21.24
CA LEU A 220 54.87 38.78 -20.58
C LEU A 220 55.97 38.99 -21.59
N ARG A 221 55.96 38.22 -22.69
CA ARG A 221 56.97 38.36 -23.72
C ARG A 221 56.88 39.68 -24.48
N ARG A 222 55.68 40.23 -24.62
CA ARG A 222 55.49 41.52 -25.27
C ARG A 222 55.89 42.70 -24.38
N ARG A 223 55.60 42.63 -23.09
CA ARG A 223 55.90 43.75 -22.20
C ARG A 223 57.40 44.01 -22.10
N MET A 224 58.20 42.94 -21.98
CA MET A 224 59.65 43.11 -21.94
C MET A 224 60.22 43.60 -23.26
N ARG A 225 59.59 43.23 -24.38
CA ARG A 225 60.04 43.70 -25.69
C ARG A 225 59.88 45.22 -25.81
N ARG A 226 58.76 45.75 -25.35
CA ARG A 226 58.51 47.19 -25.42
C ARG A 226 59.04 47.88 -24.16
N ARG A 227 60.35 47.76 -23.98
CA ARG A 227 61.05 48.35 -22.84
C ARG A 227 62.53 48.46 -23.15
N PRO A 228 62.94 49.49 -23.91
CA PRO A 228 64.38 49.63 -24.23
C PRO A 228 65.20 50.06 -23.03
N GLY A 229 65.50 49.13 -22.15
CA GLY A 229 66.28 49.42 -20.96
C GLY A 229 65.62 48.93 -19.68
N GLY B 3 31.57 73.05 -25.93
CA GLY B 3 30.45 72.32 -25.36
C GLY B 3 30.80 70.91 -24.96
N VAL B 4 30.08 70.37 -23.99
CA VAL B 4 30.28 69.02 -23.49
C VAL B 4 28.92 68.33 -23.39
N ASP B 5 28.95 67.00 -23.38
CA ASP B 5 27.73 66.21 -23.24
C ASP B 5 27.30 66.17 -21.78
N LEU B 6 26.31 65.34 -21.45
CA LEU B 6 25.88 65.22 -20.07
C LEU B 6 25.72 63.76 -19.66
N LEU B 7 25.78 62.84 -20.62
CA LEU B 7 25.87 61.42 -20.28
C LEU B 7 27.22 61.14 -19.65
N GLY B 8 28.25 61.84 -20.11
CA GLY B 8 29.55 61.73 -19.48
C GLY B 8 29.60 62.41 -18.13
N PHE B 9 29.02 63.61 -18.03
CA PHE B 9 28.98 64.32 -16.77
C PHE B 9 28.19 63.57 -15.71
N LEU B 10 27.27 62.70 -16.11
CA LEU B 10 26.46 61.93 -15.17
C LEU B 10 27.20 60.71 -14.62
N ILE B 11 28.36 60.36 -15.18
CA ILE B 11 29.14 59.25 -14.69
C ILE B 11 30.27 59.68 -13.76
N ILE B 12 31.00 60.74 -14.11
CA ILE B 12 32.06 61.23 -13.23
C ILE B 12 31.47 61.67 -11.89
N THR B 13 30.31 62.33 -11.92
CA THR B 13 29.62 62.67 -10.68
C THR B 13 29.38 61.44 -9.82
N LEU B 14 29.03 60.32 -10.45
CA LEU B 14 28.82 59.08 -9.71
C LEU B 14 30.12 58.34 -9.43
N ASN B 15 31.15 58.55 -10.25
CA ASN B 15 32.42 57.83 -10.14
C ASN B 15 33.44 58.70 -9.43
N CYS B 16 32.96 59.73 -8.74
CA CYS B 16 33.80 60.53 -7.86
C CYS B 16 33.29 60.60 -6.43
N ASN B 17 32.15 60.00 -6.14
CA ASN B 17 31.61 59.97 -4.78
C ASN B 17 31.64 58.57 -4.17
N VAL B 18 32.08 57.57 -4.91
CA VAL B 18 32.16 56.19 -4.43
C VAL B 18 33.63 55.79 -4.40
N THR B 19 34.09 55.31 -3.25
CA THR B 19 35.49 54.95 -3.09
C THR B 19 35.77 53.59 -3.74
N MET B 20 37.06 53.27 -3.86
CA MET B 20 37.46 52.00 -4.44
C MET B 20 36.99 50.83 -3.59
N VAL B 21 37.08 50.97 -2.25
CA VAL B 21 36.60 49.92 -1.36
C VAL B 21 35.10 49.72 -1.53
N GLY B 22 34.35 50.82 -1.64
CA GLY B 22 32.92 50.72 -1.88
C GLY B 22 32.57 50.20 -3.26
N LYS B 23 33.45 50.40 -4.24
CA LYS B 23 33.22 49.85 -5.57
C LYS B 23 33.45 48.35 -5.60
N LEU B 24 34.48 47.88 -4.90
CA LEU B 24 34.76 46.46 -4.82
C LEU B 24 33.81 45.71 -3.90
N TRP B 25 33.26 46.37 -2.88
CA TRP B 25 32.23 45.75 -2.04
C TRP B 25 30.98 45.42 -2.87
N PHE B 26 30.57 46.33 -3.75
CA PHE B 26 29.41 46.10 -4.59
C PHE B 26 29.63 44.88 -5.49
N VAL B 27 30.83 44.75 -6.03
CA VAL B 27 31.14 43.60 -6.88
C VAL B 27 31.13 42.31 -6.06
N LEU B 28 31.73 42.34 -4.87
CA LEU B 28 31.84 41.11 -4.09
C LEU B 28 30.48 40.63 -3.58
N THR B 29 29.80 41.44 -2.78
CA THR B 29 28.54 40.93 -2.22
C THR B 29 27.36 41.17 -3.16
N MET B 30 27.54 40.87 -4.44
CA MET B 30 26.44 40.65 -5.36
C MET B 30 26.66 39.46 -6.27
N LEU B 31 27.90 39.05 -6.51
CA LEU B 31 28.21 37.86 -7.29
C LEU B 31 28.43 36.62 -6.43
N LEU B 32 28.87 36.81 -5.18
CA LEU B 32 29.09 35.71 -4.25
C LEU B 32 28.01 35.61 -3.18
N ARG B 33 27.11 36.58 -3.10
CA ARG B 33 26.06 36.58 -2.09
C ARG B 33 24.67 36.49 -2.68
N MET B 34 24.32 37.37 -3.62
CA MET B 34 23.00 37.37 -4.24
C MET B 34 22.86 36.34 -5.34
N LEU B 35 23.95 35.76 -5.82
CA LEU B 35 23.90 34.74 -6.85
C LEU B 35 23.90 33.33 -6.28
N VAL B 36 24.67 33.08 -5.21
CA VAL B 36 24.65 31.76 -4.57
C VAL B 36 23.31 31.51 -3.91
N ILE B 37 22.68 32.54 -3.36
CA ILE B 37 21.38 32.37 -2.72
C ILE B 37 20.33 31.96 -3.75
N VAL B 38 20.35 32.58 -4.93
CA VAL B 38 19.33 32.31 -5.93
C VAL B 38 19.61 31.00 -6.67
N LEU B 39 20.81 30.86 -7.23
CA LEU B 39 21.12 29.71 -8.06
C LEU B 39 21.41 28.44 -7.26
N ALA B 40 22.07 28.56 -6.11
CA ALA B 40 22.48 27.40 -5.34
C ALA B 40 21.66 27.19 -4.06
N GLY B 41 20.83 28.16 -3.66
CA GLY B 41 20.04 28.01 -2.47
C GLY B 41 18.67 27.43 -2.72
N ARG B 42 18.05 27.84 -3.82
CA ARG B 42 16.72 27.33 -4.15
C ARG B 42 16.71 25.82 -4.41
N PRO B 43 17.63 25.24 -5.20
CA PRO B 43 17.59 23.78 -5.38
C PRO B 43 17.79 22.99 -4.10
N VAL B 44 18.59 23.49 -3.16
CA VAL B 44 18.85 22.75 -1.94
C VAL B 44 17.61 22.69 -1.05
N TYR B 45 16.86 23.78 -0.98
CA TYR B 45 15.72 23.89 -0.08
C TYR B 45 14.39 23.66 -0.78
N GLN B 46 14.36 22.78 -1.78
CA GLN B 46 13.14 22.52 -2.53
C GLN B 46 12.30 21.41 -1.94
N ASP B 47 12.93 20.35 -1.46
CA ASP B 47 12.23 19.20 -0.89
C ASP B 47 12.39 19.13 0.63
N GLU B 48 12.37 20.29 1.28
CA GLU B 48 12.53 20.32 2.73
C GLU B 48 11.32 19.70 3.44
N GLN B 49 10.12 19.90 2.90
CA GLN B 49 8.91 19.29 3.47
C GLN B 49 8.52 17.99 2.77
N GLU B 50 8.82 17.86 1.48
CA GLU B 50 8.45 16.65 0.75
C GLU B 50 9.17 15.43 1.32
N ARG B 51 10.43 15.59 1.69
CA ARG B 51 11.23 14.49 2.25
C ARG B 51 11.61 14.76 3.69
N PHE B 52 10.66 15.26 4.47
CA PHE B 52 10.78 15.37 5.92
C PHE B 52 9.98 14.20 6.49
N VAL B 53 10.64 13.06 6.65
CA VAL B 53 9.96 11.79 6.91
C VAL B 53 9.77 11.62 8.41
N CYS B 54 8.53 11.38 8.81
CA CYS B 54 8.17 11.09 10.20
C CYS B 54 7.68 9.65 10.32
N ASN B 55 7.83 9.11 11.53
CA ASN B 55 7.48 7.71 11.80
C ASN B 55 6.04 7.65 12.29
N THR B 56 5.11 7.82 11.35
CA THR B 56 3.69 7.80 11.67
C THR B 56 2.90 7.46 10.41
N LEU B 57 1.64 7.06 10.62
CA LEU B 57 0.73 6.77 9.53
C LEU B 57 -0.57 7.55 9.59
N GLN B 58 -0.82 8.27 10.68
CA GLN B 58 -2.05 9.03 10.81
C GLN B 58 -1.97 10.29 9.96
N PRO B 59 -2.93 10.55 9.08
CA PRO B 59 -2.89 11.77 8.27
C PRO B 59 -2.90 13.02 9.14
N GLY B 60 -2.15 14.02 8.71
CA GLY B 60 -2.10 15.30 9.38
C GLY B 60 -1.00 15.45 10.43
N CYS B 61 -0.35 14.36 10.82
CA CYS B 61 0.72 14.46 11.81
C CYS B 61 1.99 15.06 11.21
N ALA B 62 2.33 14.68 9.98
CA ALA B 62 3.53 15.19 9.32
C ALA B 62 3.45 16.68 9.00
N ASN B 63 2.26 17.20 8.72
CA ASN B 63 2.08 18.63 8.50
C ASN B 63 2.27 19.41 9.80
N VAL B 64 1.64 18.95 10.89
CA VAL B 64 1.75 19.63 12.17
C VAL B 64 3.19 19.60 12.67
N CYS B 65 3.86 18.46 12.55
CA CYS B 65 5.23 18.35 13.05
C CYS B 65 6.17 19.27 12.27
N TYR B 66 6.02 19.34 10.95
CA TYR B 66 6.87 20.22 10.16
C TYR B 66 6.56 21.69 10.43
N ASP B 67 5.29 22.03 10.69
CA ASP B 67 4.95 23.42 10.98
C ASP B 67 5.57 23.89 12.29
N VAL B 68 5.87 22.97 13.21
CA VAL B 68 6.56 23.34 14.45
C VAL B 68 8.07 23.25 14.29
N PHE B 69 8.57 22.38 13.43
CA PHE B 69 10.00 22.25 13.23
C PHE B 69 10.60 23.56 12.70
N SER B 70 10.02 24.11 11.64
CA SER B 70 10.53 25.31 10.99
C SER B 70 9.40 26.30 10.76
N PRO B 71 9.15 27.20 11.72
CA PRO B 71 8.13 28.25 11.48
C PRO B 71 8.47 29.13 10.29
N VAL B 72 9.73 29.48 10.13
CA VAL B 72 10.21 30.24 8.98
C VAL B 72 11.51 29.61 8.49
N SER B 73 11.62 29.39 7.19
CA SER B 73 12.83 28.84 6.63
C SER B 73 13.92 29.92 6.58
N HIS B 74 15.17 29.45 6.57
CA HIS B 74 16.31 30.36 6.50
C HIS B 74 16.70 30.73 5.08
N LEU B 75 16.11 30.10 4.06
CA LEU B 75 16.25 30.62 2.70
C LEU B 75 15.55 31.97 2.57
N ARG B 76 14.33 32.07 3.06
CA ARG B 76 13.62 33.35 3.09
C ARG B 76 14.32 34.37 3.97
N PHE B 77 14.87 33.92 5.11
CA PHE B 77 15.64 34.83 5.95
C PHE B 77 16.86 35.36 5.23
N TRP B 78 17.59 34.49 4.53
CA TRP B 78 18.75 34.94 3.76
C TRP B 78 18.34 35.95 2.69
N LEU B 79 17.24 35.67 1.98
CA LEU B 79 16.79 36.58 0.92
C LEU B 79 16.42 37.94 1.50
N ILE B 80 15.64 37.96 2.58
CA ILE B 80 15.21 39.22 3.17
C ILE B 80 16.40 39.99 3.73
N GLN B 81 17.34 39.29 4.37
CA GLN B 81 18.52 39.97 4.93
C GLN B 81 19.39 40.55 3.82
N GLY B 82 19.58 39.82 2.72
CA GLY B 82 20.39 40.32 1.63
C GLY B 82 19.74 41.40 0.81
N VAL B 83 18.41 41.45 0.77
CA VAL B 83 17.72 42.50 0.03
C VAL B 83 17.67 43.81 0.82
N CYS B 84 17.60 43.73 2.15
CA CYS B 84 17.50 44.92 2.98
C CYS B 84 18.84 45.62 3.18
N VAL B 85 19.95 44.98 2.80
CA VAL B 85 21.25 45.63 2.87
C VAL B 85 21.57 46.41 1.60
N LEU B 86 21.08 45.94 0.45
CA LEU B 86 21.25 46.67 -0.81
C LEU B 86 20.30 47.86 -0.93
N LEU B 87 19.37 48.03 0.01
CA LEU B 87 18.42 49.14 -0.09
C LEU B 87 19.06 50.49 0.20
N PRO B 88 19.89 50.66 1.25
CA PRO B 88 20.53 51.96 1.45
C PRO B 88 21.43 52.38 0.30
N SER B 89 21.96 51.43 -0.46
CA SER B 89 22.84 51.74 -1.58
C SER B 89 22.08 52.21 -2.82
N ALA B 90 20.76 51.99 -2.87
CA ALA B 90 19.95 52.44 -3.99
C ALA B 90 19.35 53.83 -3.77
N VAL B 91 18.98 54.15 -2.54
CA VAL B 91 18.47 55.49 -2.24
C VAL B 91 19.54 56.54 -2.51
N PHE B 92 20.77 56.28 -2.07
CA PHE B 92 21.86 57.21 -2.34
C PHE B 92 22.14 57.33 -3.83
N SER B 93 22.09 56.20 -4.56
CA SER B 93 22.32 56.24 -6.00
C SER B 93 21.27 57.07 -6.71
N VAL B 94 19.99 56.87 -6.39
CA VAL B 94 18.95 57.67 -7.04
C VAL B 94 18.99 59.13 -6.61
N TYR B 95 19.36 59.41 -5.36
CA TYR B 95 19.52 60.80 -4.93
C TYR B 95 20.64 61.51 -5.68
N VAL B 96 21.76 60.83 -5.90
CA VAL B 96 22.87 61.43 -6.62
C VAL B 96 22.47 61.76 -8.06
N LEU B 97 21.74 60.86 -8.72
CA LEU B 97 21.30 61.14 -10.08
C LEU B 97 20.23 62.21 -10.13
N HIS B 98 19.32 62.24 -9.15
CA HIS B 98 18.30 63.29 -9.12
C HIS B 98 18.93 64.66 -8.92
N ARG B 99 19.92 64.77 -8.05
CA ARG B 99 20.55 66.06 -7.78
C ARG B 99 21.53 66.49 -8.88
N GLY B 100 22.27 65.54 -9.46
CA GLY B 100 23.26 65.90 -10.47
C GLY B 100 22.68 66.39 -11.77
N ALA B 101 21.62 65.74 -12.27
CA ALA B 101 21.01 66.13 -13.53
C ALA B 101 20.10 67.34 -13.41
N THR B 102 19.69 67.70 -12.19
CA THR B 102 18.91 68.90 -11.94
C THR B 102 19.81 70.11 -11.67
N LEU B 103 21.13 69.90 -11.67
CA LEU B 103 22.08 70.98 -11.45
C LEU B 103 22.70 71.51 -12.74
N ALA B 104 22.85 70.66 -13.76
CA ALA B 104 23.39 71.09 -15.04
C ALA B 104 22.34 71.75 -15.93
N ALA B 105 21.05 71.60 -15.62
CA ALA B 105 20.02 72.24 -16.43
C ALA B 105 20.11 73.75 -16.31
N LEU B 106 20.32 74.27 -15.11
CA LEU B 106 20.43 75.72 -14.93
C LEU B 106 21.74 76.25 -15.49
N GLY B 107 22.81 75.45 -15.42
CA GLY B 107 24.09 75.86 -15.93
C GLY B 107 24.86 76.70 -14.94
N PRO B 108 26.07 77.16 -15.34
CA PRO B 108 26.92 77.98 -14.49
C PRO B 108 26.32 79.35 -14.17
N GLY B 133 39.27 70.13 -15.76
CA GLY B 133 38.75 71.25 -15.00
C GLY B 133 37.23 71.32 -14.98
N LEU B 134 36.61 70.29 -14.40
CA LEU B 134 35.16 70.21 -14.34
C LEU B 134 34.67 70.87 -13.04
N GLN B 135 33.36 70.78 -12.79
CA GLN B 135 32.73 71.37 -11.61
C GLN B 135 31.81 70.36 -10.96
N VAL B 136 32.34 69.16 -10.73
CA VAL B 136 31.53 68.06 -10.19
C VAL B 136 31.10 68.37 -8.76
N PRO B 137 29.83 68.21 -8.42
CA PRO B 137 29.40 68.47 -7.05
C PRO B 137 29.95 67.43 -6.08
N ASP B 138 30.01 67.83 -4.81
CA ASP B 138 30.62 67.02 -3.75
C ASP B 138 29.48 66.51 -2.87
N PHE B 139 29.07 65.26 -3.08
CA PHE B 139 28.16 64.57 -2.17
C PHE B 139 28.95 63.63 -1.24
N SER B 140 29.81 64.23 -0.43
CA SER B 140 30.60 63.45 0.52
C SER B 140 29.92 63.33 1.88
N ALA B 141 29.05 64.29 2.22
CA ALA B 141 28.33 64.22 3.48
C ALA B 141 27.24 63.15 3.45
N GLY B 142 26.60 62.93 2.31
CA GLY B 142 25.54 61.96 2.18
C GLY B 142 26.01 60.53 2.00
N TYR B 143 27.32 60.30 2.01
CA TYR B 143 27.88 58.96 1.93
C TYR B 143 28.12 58.33 3.29
N ILE B 144 28.53 59.14 4.27
CA ILE B 144 28.82 58.62 5.60
C ILE B 144 27.55 58.13 6.28
N ILE B 145 26.44 58.86 6.11
CA ILE B 145 25.18 58.43 6.72
C ILE B 145 24.71 57.11 6.11
N HIS B 146 24.81 56.97 4.80
CA HIS B 146 24.44 55.72 4.15
C HIS B 146 25.33 54.57 4.60
N LEU B 147 26.64 54.80 4.74
CA LEU B 147 27.53 53.79 5.30
C LEU B 147 27.17 53.41 6.72
N LEU B 148 26.84 54.38 7.58
CA LEU B 148 26.43 54.13 8.95
C LEU B 148 25.15 53.31 9.03
N LEU B 149 24.14 53.65 8.22
CA LEU B 149 22.90 52.88 8.21
C LEU B 149 23.15 51.46 7.71
N ARG B 150 23.96 51.31 6.66
CA ARG B 150 24.28 49.97 6.16
C ARG B 150 25.01 49.14 7.21
N THR B 151 25.95 49.77 7.93
CA THR B 151 26.67 49.05 8.99
C THR B 151 25.73 48.65 10.12
N LEU B 152 24.83 49.54 10.54
CA LEU B 152 23.89 49.22 11.59
C LEU B 152 22.87 48.17 11.18
N LEU B 153 22.57 48.04 9.89
CA LEU B 153 21.63 47.03 9.45
C LEU B 153 22.20 45.62 9.42
N GLU B 154 23.52 45.45 9.54
CA GLU B 154 24.12 44.13 9.51
C GLU B 154 24.24 43.50 10.89
N ALA B 155 24.53 44.31 11.91
CA ALA B 155 24.67 43.78 13.26
C ALA B 155 23.36 43.18 13.77
N ALA B 156 22.24 43.88 13.52
CA ALA B 156 20.94 43.38 13.97
C ALA B 156 20.60 42.06 13.29
N PHE B 157 20.83 41.96 11.98
CA PHE B 157 20.54 40.74 11.26
C PHE B 157 21.50 39.61 11.59
N GLY B 158 22.71 39.92 12.04
CA GLY B 158 23.62 38.90 12.52
C GLY B 158 23.20 38.37 13.87
N ALA B 159 22.78 39.27 14.76
CA ALA B 159 22.30 38.84 16.07
C ALA B 159 21.04 38.00 15.94
N LEU B 160 20.09 38.42 15.09
CA LEU B 160 18.89 37.64 14.87
C LEU B 160 19.21 36.29 14.24
N HIS B 161 20.15 36.27 13.30
CA HIS B 161 20.57 35.00 12.69
C HIS B 161 21.16 34.06 13.72
N TYR B 162 22.00 34.57 14.62
CA TYR B 162 22.55 33.73 15.67
C TYR B 162 21.45 33.21 16.59
N PHE B 163 20.55 34.08 17.04
CA PHE B 163 19.53 33.68 18.00
C PHE B 163 18.43 32.83 17.40
N LEU B 164 18.31 32.77 16.07
CA LEU B 164 17.23 32.03 15.44
C LEU B 164 17.65 30.66 14.93
N PHE B 165 18.76 30.58 14.18
CA PHE B 165 19.14 29.35 13.51
C PHE B 165 20.44 28.74 14.01
N GLY B 166 21.28 29.49 14.71
CA GLY B 166 22.53 28.90 15.17
C GLY B 166 23.57 28.83 14.06
N PHE B 167 24.41 27.79 14.14
CA PHE B 167 25.52 27.63 13.21
C PHE B 167 25.44 26.37 12.34
N LEU B 168 24.85 25.29 12.84
CA LEU B 168 24.76 24.04 12.11
C LEU B 168 23.35 23.49 12.17
N ALA B 169 22.99 22.67 11.16
CA ALA B 169 21.66 22.08 11.02
C ALA B 169 21.58 20.74 11.76
N PRO B 170 20.45 20.47 12.41
CA PRO B 170 20.27 19.20 13.11
C PRO B 170 19.92 18.08 12.14
N LYS B 171 19.89 16.85 12.68
CA LYS B 171 19.60 15.66 11.89
C LYS B 171 18.31 14.96 12.28
N LYS B 172 17.75 15.23 13.46
CA LYS B 172 16.54 14.56 13.91
C LYS B 172 15.68 15.54 14.70
N PHE B 173 14.39 15.21 14.81
CA PHE B 173 13.45 16.07 15.52
C PHE B 173 12.42 15.24 16.28
N PRO B 174 12.27 15.44 17.60
CA PRO B 174 11.17 14.80 18.33
C PRO B 174 9.91 15.66 18.33
N CYS B 175 8.77 15.07 17.97
CA CYS B 175 7.52 15.79 17.83
C CYS B 175 6.42 15.08 18.62
N THR B 176 5.70 15.84 19.44
CA THR B 176 4.64 15.28 20.29
C THR B 176 3.31 16.00 20.11
N ARG B 177 3.18 16.87 19.13
CA ARG B 177 1.93 17.61 18.95
C ARG B 177 0.81 16.69 18.46
N PRO B 178 -0.43 16.97 18.81
CA PRO B 178 -1.56 16.21 18.26
C PRO B 178 -1.71 16.49 16.77
N PRO B 179 -2.32 15.56 16.01
CA PRO B 179 -2.96 14.30 16.44
C PRO B 179 -1.99 13.14 16.58
N CYS B 180 -0.68 13.39 16.57
CA CYS B 180 0.28 12.32 16.76
C CYS B 180 0.18 11.76 18.17
N THR B 181 0.25 10.43 18.29
CA THR B 181 0.16 9.75 19.57
C THR B 181 1.55 9.36 20.05
N GLY B 182 1.86 9.69 21.29
CA GLY B 182 3.19 9.42 21.82
C GLY B 182 4.22 10.41 21.30
N VAL B 183 5.46 9.95 21.21
CA VAL B 183 6.57 10.75 20.72
C VAL B 183 6.98 10.19 19.37
N VAL B 184 7.00 11.06 18.36
CA VAL B 184 7.36 10.67 17.00
C VAL B 184 8.73 11.25 16.68
N ASP B 185 9.49 10.51 15.87
CA ASP B 185 10.82 10.92 15.45
C ASP B 185 10.78 11.24 13.96
N CYS B 186 11.32 12.40 13.57
CA CYS B 186 11.36 12.81 12.18
C CYS B 186 12.79 13.12 11.77
N TYR B 187 13.06 12.94 10.49
CA TYR B 187 14.41 13.04 9.93
C TYR B 187 14.49 14.23 9.01
N VAL B 188 15.57 15.00 9.13
CA VAL B 188 15.78 16.18 8.31
C VAL B 188 16.49 15.78 7.01
N SER B 189 16.07 16.36 5.91
CA SER B 189 16.68 16.06 4.60
C SER B 189 17.90 16.92 4.38
N ARG B 190 18.98 16.29 3.90
CA ARG B 190 20.24 16.96 3.60
C ARG B 190 20.79 17.75 4.80
N PRO B 191 21.04 17.10 5.94
CA PRO B 191 21.53 17.84 7.10
C PRO B 191 22.99 18.26 7.00
N THR B 192 23.75 17.72 6.05
CA THR B 192 25.18 18.01 5.96
C THR B 192 25.47 19.13 4.96
N GLU B 193 24.90 19.04 3.75
CA GLU B 193 25.12 20.07 2.75
C GLU B 193 24.52 21.40 3.18
N LYS B 194 23.35 21.37 3.83
CA LYS B 194 22.74 22.58 4.37
C LYS B 194 23.64 23.26 5.39
N SER B 195 24.38 22.49 6.19
CA SER B 195 25.32 23.05 7.14
C SER B 195 26.63 23.48 6.48
N LEU B 196 26.95 22.97 5.29
CA LEU B 196 28.09 23.44 4.54
C LEU B 196 27.83 24.77 3.84
N LEU B 197 26.60 25.00 3.37
CA LEU B 197 26.24 26.29 2.80
C LEU B 197 26.11 27.38 3.86
N MET B 198 25.70 27.01 5.08
CA MET B 198 25.62 27.96 6.17
C MET B 198 26.97 28.60 6.47
N LEU B 199 28.03 27.79 6.53
CA LEU B 199 29.36 28.32 6.82
C LEU B 199 29.85 29.24 5.73
N PHE B 200 29.62 28.88 4.47
CA PHE B 200 30.02 29.73 3.35
C PHE B 200 29.32 31.09 3.41
N LEU B 201 28.01 31.10 3.63
CA LEU B 201 27.29 32.36 3.73
C LEU B 201 27.67 33.16 4.97
N TRP B 202 27.91 32.51 6.10
CA TRP B 202 28.39 33.20 7.29
C TRP B 202 29.73 33.88 7.04
N ALA B 203 30.67 33.17 6.41
CA ALA B 203 31.96 33.77 6.09
C ALA B 203 31.82 34.93 5.12
N VAL B 204 30.97 34.79 4.11
CA VAL B 204 30.76 35.89 3.16
C VAL B 204 30.21 37.13 3.88
N SER B 205 29.21 36.94 4.74
CA SER B 205 28.64 38.06 5.47
C SER B 205 29.66 38.69 6.41
N ALA B 206 30.43 37.88 7.13
CA ALA B 206 31.44 38.42 8.03
C ALA B 206 32.52 39.20 7.29
N LEU B 207 32.96 38.70 6.14
CA LEU B 207 33.93 39.43 5.33
C LEU B 207 33.36 40.72 4.76
N SER B 208 32.10 40.72 4.33
CA SER B 208 31.49 41.94 3.82
C SER B 208 31.22 42.96 4.91
N PHE B 209 31.04 42.54 6.16
CA PHE B 209 30.80 43.49 7.24
C PHE B 209 32.02 44.35 7.52
N LEU B 210 33.23 43.79 7.41
CA LEU B 210 34.45 44.54 7.65
C LEU B 210 34.86 45.42 6.47
N LEU B 211 34.30 45.19 5.29
CA LEU B 211 34.58 46.05 4.15
C LEU B 211 33.92 47.42 4.29
N GLY B 212 32.72 47.48 4.88
CA GLY B 212 32.10 48.74 5.20
C GLY B 212 32.64 49.44 6.42
N LEU B 213 33.34 48.70 7.28
CA LEU B 213 34.00 49.29 8.44
C LEU B 213 35.36 49.86 8.10
N ALA B 214 36.05 49.29 7.11
CA ALA B 214 37.32 49.83 6.64
C ALA B 214 37.13 51.02 5.71
N ASP B 215 35.92 51.23 5.21
CA ASP B 215 35.62 52.38 4.35
C ASP B 215 35.11 53.58 5.13
N LEU B 216 34.31 53.36 6.16
CA LEU B 216 33.80 54.45 7.00
C LEU B 216 34.89 55.15 7.79
N VAL B 217 35.80 54.39 8.41
CA VAL B 217 36.88 54.95 9.21
C VAL B 217 37.95 55.60 8.34
N CYS B 218 37.87 55.41 7.03
CA CYS B 218 38.73 56.12 6.09
C CYS B 218 38.07 57.37 5.52
N SER B 219 36.79 57.29 5.15
CA SER B 219 36.06 58.47 4.70
C SER B 219 35.94 59.51 5.81
N LEU B 220 35.66 59.08 7.03
CA LEU B 220 35.58 60.04 8.14
C LEU B 220 36.92 60.70 8.40
N ARG B 221 38.01 59.92 8.37
CA ARG B 221 39.34 60.47 8.60
C ARG B 221 39.80 61.37 7.47
N ARG B 222 39.31 61.15 6.24
CA ARG B 222 39.65 61.99 5.10
C ARG B 222 38.84 63.29 5.05
N ARG B 223 37.56 63.24 5.43
CA ARG B 223 36.73 64.44 5.35
C ARG B 223 37.23 65.53 6.29
N MET B 224 37.59 65.16 7.52
CA MET B 224 38.11 66.15 8.46
C MET B 224 39.48 66.66 8.06
N ARG B 225 40.28 65.84 7.36
CA ARG B 225 41.58 66.30 6.89
C ARG B 225 41.44 67.41 5.86
N ARG B 226 40.49 67.26 4.93
CA ARG B 226 40.25 68.26 3.89
C ARG B 226 39.24 69.30 4.40
N ARG B 227 39.63 69.98 5.47
CA ARG B 227 38.80 71.02 6.08
C ARG B 227 39.67 71.92 6.94
N PRO B 228 40.38 72.88 6.34
CA PRO B 228 41.24 73.77 7.14
C PRO B 228 40.43 74.76 7.96
N GLY B 229 39.88 74.30 9.08
CA GLY B 229 39.09 75.14 9.95
C GLY B 229 37.74 74.54 10.31
N GLY C 3 26.26 73.55 -30.35
CA GLY C 3 25.35 72.43 -30.44
C GLY C 3 25.35 71.55 -29.19
N VAL C 4 24.27 70.80 -29.01
CA VAL C 4 24.11 69.90 -27.87
C VAL C 4 23.62 68.55 -28.38
N ASP C 5 23.82 67.52 -27.56
CA ASP C 5 23.39 66.18 -27.91
C ASP C 5 21.90 66.01 -27.68
N LEU C 6 21.39 64.77 -27.75
CA LEU C 6 19.96 64.56 -27.60
C LEU C 6 19.66 63.44 -26.62
N LEU C 7 20.61 62.53 -26.39
CA LEU C 7 20.44 61.51 -25.36
C LEU C 7 20.43 62.18 -24.00
N GLY C 8 21.19 63.27 -23.86
CA GLY C 8 21.17 64.01 -22.62
C GLY C 8 19.85 64.74 -22.41
N PHE C 9 19.41 65.50 -23.42
CA PHE C 9 18.15 66.22 -23.31
C PHE C 9 16.97 65.30 -23.05
N LEU C 10 17.06 64.04 -23.45
CA LEU C 10 16.01 63.07 -23.16
C LEU C 10 16.01 62.61 -21.70
N ILE C 11 17.03 62.97 -20.93
CA ILE C 11 17.09 62.61 -19.53
C ILE C 11 16.72 63.76 -18.60
N ILE C 12 17.12 64.99 -18.92
CA ILE C 12 16.69 66.14 -18.12
C ILE C 12 15.17 66.27 -18.16
N THR C 13 14.59 66.07 -19.33
CA THR C 13 13.12 66.13 -19.45
C THR C 13 12.45 65.10 -18.56
N LEU C 14 12.99 63.89 -18.51
CA LEU C 14 12.42 62.86 -17.66
C LEU C 14 12.77 63.06 -16.19
N ASN C 15 13.96 63.58 -15.90
CA ASN C 15 14.36 63.84 -14.52
C ASN C 15 14.17 65.34 -14.27
N CYS C 16 12.98 65.82 -14.59
CA CYS C 16 12.51 67.11 -14.13
C CYS C 16 11.00 67.10 -13.89
N ASN C 17 10.32 66.02 -14.26
CA ASN C 17 8.88 65.88 -14.07
C ASN C 17 8.54 64.86 -13.00
N VAL C 18 9.54 64.19 -12.43
CA VAL C 18 9.35 63.18 -11.40
C VAL C 18 9.97 63.72 -10.12
N THR C 19 9.18 63.77 -9.04
CA THR C 19 9.66 64.29 -7.78
C THR C 19 10.55 63.28 -7.08
N MET C 20 11.22 63.74 -6.02
CA MET C 20 12.08 62.84 -5.25
C MET C 20 11.27 61.76 -4.56
N VAL C 21 10.09 62.10 -4.04
CA VAL C 21 9.23 61.11 -3.41
C VAL C 21 8.80 60.05 -4.42
N GLY C 22 8.43 60.48 -5.62
CA GLY C 22 8.08 59.54 -6.67
C GLY C 22 9.25 58.76 -7.20
N LYS C 23 10.47 59.30 -7.08
CA LYS C 23 11.65 58.56 -7.48
C LYS C 23 11.99 57.47 -6.47
N LEU C 24 11.82 57.76 -5.18
CA LEU C 24 12.06 56.77 -4.13
C LEU C 24 10.95 55.75 -4.00
N TRP C 25 9.71 56.10 -4.32
CA TRP C 25 8.62 55.12 -4.35
C TRP C 25 8.90 54.03 -5.38
N PHE C 26 9.41 54.42 -6.55
CA PHE C 26 9.72 53.45 -7.60
C PHE C 26 10.77 52.46 -7.14
N VAL C 27 11.78 52.92 -6.40
CA VAL C 27 12.81 52.01 -5.90
C VAL C 27 12.23 51.11 -4.81
N LEU C 28 11.47 51.68 -3.87
CA LEU C 28 10.99 50.89 -2.74
C LEU C 28 9.97 49.83 -3.16
N THR C 29 9.11 50.15 -4.12
CA THR C 29 8.01 49.22 -4.45
C THR C 29 8.32 48.34 -5.65
N MET C 30 9.61 48.11 -5.92
CA MET C 30 10.04 47.14 -6.91
C MET C 30 11.14 46.22 -6.42
N LEU C 31 11.90 46.62 -5.40
CA LEU C 31 12.91 45.78 -4.78
C LEU C 31 12.38 45.04 -3.56
N LEU C 32 11.38 45.60 -2.87
CA LEU C 32 10.78 44.96 -1.72
C LEU C 32 9.38 44.41 -1.99
N ARG C 33 8.80 44.69 -3.16
CA ARG C 33 7.46 44.22 -3.48
C ARG C 33 7.44 43.25 -4.64
N MET C 34 8.02 43.64 -5.78
CA MET C 34 8.02 42.77 -6.96
C MET C 34 9.10 41.71 -6.92
N LEU C 35 10.07 41.82 -6.02
CA LEU C 35 11.13 40.82 -5.88
C LEU C 35 10.81 39.76 -4.84
N VAL C 36 10.21 40.15 -3.72
CA VAL C 36 9.82 39.16 -2.71
C VAL C 36 8.71 38.26 -3.25
N ILE C 37 7.81 38.81 -4.06
CA ILE C 37 6.73 38.00 -4.63
C ILE C 37 7.29 36.92 -5.55
N VAL C 38 8.28 37.28 -6.37
CA VAL C 38 8.81 36.35 -7.36
C VAL C 38 9.77 35.35 -6.71
N LEU C 39 10.72 35.85 -5.92
CA LEU C 39 11.77 34.99 -5.38
C LEU C 39 11.35 34.25 -4.11
N ALA C 40 10.54 34.87 -3.25
CA ALA C 40 10.14 34.27 -1.99
C ALA C 40 8.70 33.80 -1.96
N GLY C 41 7.88 34.19 -2.94
CA GLY C 41 6.49 33.78 -2.95
C GLY C 41 6.26 32.47 -3.68
N ARG C 42 6.94 32.30 -4.81
CA ARG C 42 6.79 31.07 -5.58
C ARG C 42 7.24 29.82 -4.83
N PRO C 43 8.40 29.79 -4.17
CA PRO C 43 8.77 28.57 -3.42
C PRO C 43 7.81 28.22 -2.30
N VAL C 44 7.20 29.21 -1.64
CA VAL C 44 6.30 28.92 -0.53
C VAL C 44 5.02 28.27 -1.02
N TYR C 45 4.49 28.75 -2.14
CA TYR C 45 3.19 28.31 -2.66
C TYR C 45 3.32 27.25 -3.74
N GLN C 46 4.33 26.39 -3.66
CA GLN C 46 4.54 25.38 -4.69
C GLN C 46 3.82 24.07 -4.40
N ASP C 47 3.79 23.64 -3.14
CA ASP C 47 3.15 22.38 -2.74
C ASP C 47 1.87 22.64 -1.98
N GLU C 48 1.09 23.65 -2.40
CA GLU C 48 -0.16 23.96 -1.72
C GLU C 48 -1.20 22.88 -1.93
N GLN C 49 -1.23 22.26 -3.12
CA GLN C 49 -2.14 21.16 -3.39
C GLN C 49 -1.51 19.79 -3.21
N GLU C 50 -0.21 19.67 -3.46
CA GLU C 50 0.47 18.39 -3.32
C GLU C 50 0.41 17.89 -1.88
N ARG C 51 0.57 18.79 -0.91
CA ARG C 51 0.55 18.44 0.50
C ARG C 51 -0.64 19.08 1.21
N PHE C 52 -1.80 19.06 0.55
CA PHE C 52 -3.07 19.42 1.17
C PHE C 52 -3.76 18.09 1.49
N VAL C 53 -3.48 17.56 2.68
CA VAL C 53 -3.82 16.19 3.02
C VAL C 53 -5.22 16.15 3.61
N CYS C 54 -6.08 15.31 3.04
CA CYS C 54 -7.42 15.06 3.54
C CYS C 54 -7.52 13.64 4.09
N ASN C 55 -8.48 13.44 4.99
CA ASN C 55 -8.66 12.15 5.66
C ASN C 55 -9.68 11.33 4.88
N THR C 56 -9.23 10.81 3.73
CA THR C 56 -10.09 10.00 2.88
C THR C 56 -9.23 9.11 2.00
N LEU C 57 -9.88 8.08 1.43
CA LEU C 57 -9.22 7.17 0.50
C LEU C 57 -9.93 7.07 -0.85
N GLN C 58 -11.09 7.68 -1.00
CA GLN C 58 -11.82 7.60 -2.26
C GLN C 58 -11.20 8.55 -3.28
N PRO C 59 -10.85 8.07 -4.47
CA PRO C 59 -10.27 8.97 -5.49
C PRO C 59 -11.24 10.08 -5.86
N GLY C 60 -10.67 11.27 -6.09
CA GLY C 60 -11.43 12.42 -6.51
C GLY C 60 -11.96 13.30 -5.40
N CYS C 61 -11.89 12.85 -4.15
CA CYS C 61 -12.36 13.68 -3.04
C CYS C 61 -11.39 14.82 -2.72
N ALA C 62 -10.09 14.54 -2.75
CA ALA C 62 -9.07 15.55 -2.46
C ALA C 62 -9.00 16.64 -3.51
N ASN C 63 -9.33 16.34 -4.76
CA ASN C 63 -9.38 17.36 -5.79
C ASN C 63 -10.56 18.31 -5.58
N VAL C 64 -11.74 17.77 -5.33
CA VAL C 64 -12.92 18.59 -5.11
C VAL C 64 -12.77 19.44 -3.85
N CYS C 65 -12.24 18.83 -2.77
CA CYS C 65 -12.10 19.57 -1.52
C CYS C 65 -11.12 20.73 -1.67
N TYR C 66 -10.00 20.51 -2.36
CA TYR C 66 -9.06 21.60 -2.58
C TYR C 66 -9.62 22.66 -3.52
N ASP C 67 -10.37 22.26 -4.55
CA ASP C 67 -10.98 23.23 -5.44
C ASP C 67 -12.00 24.12 -4.72
N VAL C 68 -12.78 23.54 -3.81
CA VAL C 68 -13.67 24.36 -2.98
C VAL C 68 -12.89 25.22 -1.99
N PHE C 69 -11.78 24.70 -1.44
CA PHE C 69 -11.02 25.45 -0.44
C PHE C 69 -10.49 26.77 -0.99
N SER C 70 -9.81 26.72 -2.13
CA SER C 70 -9.15 27.89 -2.70
C SER C 70 -9.52 28.03 -4.17
N PRO C 71 -10.57 28.78 -4.49
CA PRO C 71 -10.90 29.03 -5.90
C PRO C 71 -9.77 29.74 -6.63
N VAL C 72 -9.25 30.82 -6.06
CA VAL C 72 -8.10 31.54 -6.61
C VAL C 72 -7.07 31.71 -5.50
N SER C 73 -5.82 31.37 -5.79
CA SER C 73 -4.75 31.54 -4.83
C SER C 73 -4.40 33.02 -4.70
N HIS C 74 -3.81 33.37 -3.55
CA HIS C 74 -3.40 34.75 -3.31
C HIS C 74 -2.00 35.06 -3.84
N LEU C 75 -1.25 34.07 -4.31
CA LEU C 75 -0.05 34.38 -5.08
C LEU C 75 -0.40 35.04 -6.40
N ARG C 76 -1.38 34.48 -7.11
CA ARG C 76 -1.88 35.10 -8.34
C ARG C 76 -2.51 36.46 -8.06
N PHE C 77 -3.24 36.59 -6.95
CA PHE C 77 -3.81 37.88 -6.58
C PHE C 77 -2.72 38.91 -6.33
N TRP C 78 -1.66 38.53 -5.61
CA TRP C 78 -0.54 39.43 -5.38
C TRP C 78 0.11 39.85 -6.69
N LEU C 79 0.32 38.89 -7.60
CA LEU C 79 0.93 39.21 -8.89
C LEU C 79 0.08 40.20 -9.67
N ILE C 80 -1.23 39.94 -9.77
CA ILE C 80 -2.10 40.80 -10.56
C ILE C 80 -2.21 42.18 -9.92
N GLN C 81 -2.28 42.25 -8.59
CA GLN C 81 -2.38 43.54 -7.93
C GLN C 81 -1.10 44.35 -8.08
N GLY C 82 0.07 43.70 -7.98
CA GLY C 82 1.32 44.41 -8.16
C GLY C 82 1.61 44.83 -9.58
N VAL C 83 1.16 44.05 -10.57
CA VAL C 83 1.36 44.44 -11.96
C VAL C 83 0.47 45.61 -12.36
N CYS C 84 -0.79 45.63 -11.92
CA CYS C 84 -1.74 46.65 -12.32
C CYS C 84 -1.47 48.01 -11.69
N VAL C 85 -0.59 48.08 -10.68
CA VAL C 85 -0.23 49.36 -10.10
C VAL C 85 0.94 50.00 -10.83
N LEU C 86 1.85 49.20 -11.38
CA LEU C 86 2.95 49.72 -12.18
C LEU C 86 2.52 50.13 -13.58
N LEU C 87 1.28 49.85 -13.96
CA LEU C 87 0.82 50.18 -15.32
C LEU C 87 0.63 51.69 -15.51
N PRO C 88 0.00 52.43 -14.60
CA PRO C 88 -0.09 53.89 -14.82
C PRO C 88 1.26 54.58 -14.88
N SER C 89 2.29 54.02 -14.25
CA SER C 89 3.62 54.62 -14.27
C SER C 89 4.37 54.36 -15.57
N ALA C 90 3.91 53.42 -16.39
CA ALA C 90 4.54 53.15 -17.68
C ALA C 90 3.92 53.95 -18.82
N VAL C 91 2.61 54.17 -18.78
CA VAL C 91 1.95 54.97 -19.81
C VAL C 91 2.48 56.41 -19.77
N PHE C 92 2.62 56.97 -18.57
CA PHE C 92 3.16 58.33 -18.45
C PHE C 92 4.62 58.38 -18.92
N SER C 93 5.41 57.38 -18.59
CA SER C 93 6.80 57.35 -19.04
C SER C 93 6.90 57.29 -20.56
N VAL C 94 6.07 56.45 -21.18
CA VAL C 94 6.09 56.36 -22.64
C VAL C 94 5.55 57.63 -23.29
N TYR C 95 4.57 58.29 -22.67
CA TYR C 95 4.05 59.54 -23.21
C TYR C 95 5.09 60.67 -23.13
N VAL C 96 5.84 60.73 -22.03
CA VAL C 96 6.87 61.75 -21.90
C VAL C 96 7.95 61.58 -22.97
N LEU C 97 8.37 60.34 -23.22
CA LEU C 97 9.39 60.11 -24.25
C LEU C 97 8.83 60.35 -25.65
N HIS C 98 7.56 60.00 -25.90
CA HIS C 98 6.97 60.26 -27.20
C HIS C 98 6.87 61.75 -27.48
N ARG C 99 6.45 62.54 -26.48
CA ARG C 99 6.28 63.97 -26.68
C ARG C 99 7.59 64.74 -26.68
N GLY C 100 8.56 64.36 -25.85
CA GLY C 100 9.80 65.10 -25.75
C GLY C 100 10.71 64.94 -26.96
N ALA C 101 10.80 63.73 -27.51
CA ALA C 101 11.65 63.49 -28.68
C ALA C 101 11.03 63.97 -29.98
N THR C 102 9.71 64.19 -30.00
CA THR C 102 9.03 64.74 -31.17
C THR C 102 9.00 66.26 -31.13
N LEU C 103 9.53 66.87 -30.08
CA LEU C 103 9.56 68.32 -29.94
C LEU C 103 10.90 68.92 -30.33
N ALA C 104 12.01 68.19 -30.15
CA ALA C 104 13.32 68.68 -30.54
C ALA C 104 13.61 68.50 -32.01
N ALA C 105 12.83 67.67 -32.72
CA ALA C 105 13.04 67.47 -34.15
C ALA C 105 12.77 68.76 -34.92
N LEU C 106 11.69 69.46 -34.58
CA LEU C 106 11.37 70.70 -35.26
C LEU C 106 12.34 71.82 -34.87
N GLY C 107 12.81 71.81 -33.63
CA GLY C 107 13.74 72.81 -33.16
C GLY C 107 13.04 74.08 -32.70
N PRO C 108 13.82 75.07 -32.27
CA PRO C 108 13.30 76.35 -31.78
C PRO C 108 12.57 77.14 -32.87
N GLY C 133 20.53 76.98 -19.00
CA GLY C 133 19.51 77.68 -19.74
C GLY C 133 18.87 76.85 -20.83
N LEU C 134 18.27 75.74 -20.44
CA LEU C 134 17.62 74.84 -21.38
C LEU C 134 16.16 75.25 -21.58
N GLN C 135 15.41 74.45 -22.33
CA GLN C 135 14.00 74.71 -22.64
C GLN C 135 13.17 73.45 -22.43
N VAL C 136 13.37 72.82 -21.27
CA VAL C 136 12.70 71.54 -20.98
C VAL C 136 11.19 71.77 -20.90
N PRO C 137 10.37 70.96 -21.57
CA PRO C 137 8.92 71.12 -21.47
C PRO C 137 8.41 70.74 -20.09
N ASP C 138 7.22 71.23 -19.77
CA ASP C 138 6.61 71.08 -18.45
C ASP C 138 5.41 70.15 -18.61
N PHE C 139 5.60 68.88 -18.25
CA PHE C 139 4.51 67.92 -18.15
C PHE C 139 4.08 67.74 -16.68
N SER C 140 3.59 68.83 -16.08
CA SER C 140 3.14 68.78 -14.70
C SER C 140 1.67 68.44 -14.57
N ALA C 141 0.86 68.77 -15.58
CA ALA C 141 -0.55 68.44 -15.54
C ALA C 141 -0.80 66.95 -15.76
N GLY C 142 0.07 66.28 -16.52
CA GLY C 142 -0.06 64.86 -16.76
C GLY C 142 0.48 63.97 -15.67
N TYR C 143 1.01 64.56 -14.60
CA TYR C 143 1.54 63.81 -13.47
C TYR C 143 0.51 63.64 -12.36
N ILE C 144 -0.29 64.68 -12.10
CA ILE C 144 -1.32 64.60 -11.07
C ILE C 144 -2.39 63.58 -11.45
N ILE C 145 -2.73 63.50 -12.73
CA ILE C 145 -3.74 62.54 -13.18
C ILE C 145 -3.25 61.11 -12.97
N HIS C 146 -2.00 60.83 -13.33
CA HIS C 146 -1.44 59.51 -13.12
C HIS C 146 -1.33 59.17 -11.64
N LEU C 147 -0.95 60.14 -10.80
CA LEU C 147 -0.96 59.92 -9.36
C LEU C 147 -2.36 59.62 -8.82
N LEU C 148 -3.38 60.34 -9.27
CA LEU C 148 -4.76 60.08 -8.86
C LEU C 148 -5.24 58.70 -9.27
N LEU C 149 -4.95 58.29 -10.51
CA LEU C 149 -5.34 56.95 -10.95
C LEU C 149 -4.62 55.87 -10.15
N ARG C 150 -3.31 56.06 -9.91
CA ARG C 150 -2.56 55.09 -9.11
C ARG C 150 -3.11 55.00 -7.69
N THR C 151 -3.44 56.15 -7.09
CA THR C 151 -4.01 56.15 -5.74
C THR C 151 -5.36 55.43 -5.70
N LEU C 152 -6.22 55.69 -6.69
CA LEU C 152 -7.52 55.04 -6.75
C LEU C 152 -7.41 53.54 -7.02
N LEU C 153 -6.34 53.09 -7.68
CA LEU C 153 -6.17 51.66 -7.96
C LEU C 153 -5.73 50.86 -6.74
N GLU C 154 -5.27 51.50 -5.67
CA GLU C 154 -4.83 50.77 -4.49
C GLU C 154 -5.96 50.53 -3.49
N ALA C 155 -6.87 51.49 -3.33
CA ALA C 155 -7.96 51.32 -2.38
C ALA C 155 -8.87 50.16 -2.77
N ALA C 156 -9.19 50.03 -4.06
CA ALA C 156 -10.06 48.94 -4.50
C ALA C 156 -9.41 47.59 -4.26
N PHE C 157 -8.11 47.47 -4.57
CA PHE C 157 -7.41 46.20 -4.37
C PHE C 157 -7.15 45.90 -2.90
N GLY C 158 -7.11 46.91 -2.04
CA GLY C 158 -7.03 46.67 -0.61
C GLY C 158 -8.35 46.18 -0.05
N ALA C 159 -9.44 46.80 -0.51
CA ALA C 159 -10.78 46.35 -0.08
C ALA C 159 -11.05 44.93 -0.53
N LEU C 160 -10.73 44.62 -1.79
CA LEU C 160 -10.91 43.25 -2.29
C LEU C 160 -10.04 42.26 -1.53
N HIS C 161 -8.78 42.64 -1.24
CA HIS C 161 -7.91 41.77 -0.47
C HIS C 161 -8.46 41.51 0.92
N TYR C 162 -8.97 42.54 1.59
CA TYR C 162 -9.56 42.34 2.91
C TYR C 162 -10.81 41.46 2.85
N PHE C 163 -11.67 41.65 1.85
CA PHE C 163 -12.90 40.88 1.77
C PHE C 163 -12.69 39.46 1.25
N LEU C 164 -11.55 39.16 0.63
CA LEU C 164 -11.33 37.85 0.03
C LEU C 164 -10.50 36.92 0.92
N PHE C 165 -9.36 37.39 1.43
CA PHE C 165 -8.43 36.52 2.14
C PHE C 165 -8.26 36.84 3.62
N GLY C 166 -8.65 38.03 4.07
CA GLY C 166 -8.47 38.35 5.47
C GLY C 166 -7.05 38.73 5.81
N PHE C 167 -6.63 38.41 7.04
CA PHE C 167 -5.32 38.78 7.54
C PHE C 167 -4.41 37.60 7.83
N LEU C 168 -4.95 36.45 8.24
CA LEU C 168 -4.16 35.29 8.60
C LEU C 168 -4.72 34.05 7.94
N ALA C 169 -3.84 33.04 7.74
CA ALA C 169 -4.19 31.78 7.09
C ALA C 169 -4.71 30.76 8.10
N PRO C 170 -5.71 29.98 7.72
CA PRO C 170 -6.23 28.94 8.62
C PRO C 170 -5.35 27.70 8.62
N LYS C 171 -5.68 26.77 9.52
CA LYS C 171 -4.92 25.54 9.66
C LYS C 171 -5.70 24.28 9.32
N LYS C 172 -7.04 24.34 9.26
CA LYS C 172 -7.85 23.17 8.97
C LYS C 172 -9.04 23.57 8.13
N PHE C 173 -9.60 22.59 7.42
CA PHE C 173 -10.74 22.83 6.55
C PHE C 173 -11.73 21.66 6.60
N PRO C 174 -13.00 21.92 6.93
CA PRO C 174 -14.03 20.87 6.81
C PRO C 174 -14.66 20.83 5.43
N CYS C 175 -14.71 19.64 4.82
CA CYS C 175 -15.18 19.47 3.46
C CYS C 175 -16.24 18.38 3.41
N THR C 176 -17.38 18.69 2.80
CA THR C 176 -18.49 17.75 2.71
C THR C 176 -18.99 17.53 1.29
N ARG C 177 -18.28 18.03 0.27
CA ARG C 177 -18.73 17.88 -1.10
C ARG C 177 -18.60 16.43 -1.56
N PRO C 178 -19.47 15.99 -2.46
CA PRO C 178 -19.32 14.64 -3.04
C PRO C 178 -18.08 14.57 -3.91
N PRO C 179 -17.52 13.38 -4.11
CA PRO C 179 -17.98 12.06 -3.67
C PRO C 179 -17.56 11.70 -2.24
N CYS C 180 -17.05 12.66 -1.47
CA CYS C 180 -16.69 12.37 -0.09
C CYS C 180 -17.93 12.06 0.74
N THR C 181 -17.83 11.05 1.59
CA THR C 181 -18.93 10.61 2.43
C THR C 181 -18.75 11.15 3.84
N GLY C 182 -19.78 11.82 4.36
CA GLY C 182 -19.68 12.41 5.68
C GLY C 182 -18.96 13.75 5.65
N VAL C 183 -18.28 14.05 6.75
CA VAL C 183 -17.51 15.28 6.88
C VAL C 183 -16.03 14.90 6.96
N VAL C 184 -15.23 15.45 6.05
CA VAL C 184 -13.81 15.16 5.97
C VAL C 184 -13.03 16.38 6.48
N ASP C 185 -11.90 16.11 7.13
CA ASP C 185 -11.02 17.16 7.63
C ASP C 185 -9.74 17.19 6.81
N CYS C 186 -9.34 18.37 6.36
CA CYS C 186 -8.13 18.54 5.58
C CYS C 186 -7.22 19.55 6.26
N TYR C 187 -5.92 19.39 6.04
CA TYR C 187 -4.89 20.17 6.72
C TYR C 187 -4.17 21.05 5.72
N VAL C 188 -3.99 22.33 6.08
CA VAL C 188 -3.31 23.28 5.22
C VAL C 188 -1.80 23.19 5.43
N SER C 189 -1.04 23.25 4.34
CA SER C 189 0.41 23.17 4.41
C SER C 189 1.01 24.54 4.70
N ARG C 190 1.96 24.59 5.63
CA ARG C 190 2.65 25.81 6.03
C ARG C 190 1.68 26.93 6.43
N PRO C 191 0.84 26.72 7.45
CA PRO C 191 -0.10 27.76 7.83
C PRO C 191 0.53 28.92 8.59
N THR C 192 1.78 28.79 9.04
CA THR C 192 2.41 29.82 9.85
C THR C 192 3.27 30.76 9.02
N GLU C 193 4.17 30.21 8.21
CA GLU C 193 5.02 31.04 7.35
C GLU C 193 4.20 31.81 6.33
N LYS C 194 3.16 31.18 5.79
CA LYS C 194 2.25 31.87 4.87
C LYS C 194 1.58 33.07 5.52
N SER C 195 1.27 33.00 6.82
CA SER C 195 0.71 34.13 7.54
C SER C 195 1.78 35.14 7.94
N LEU C 196 3.04 34.75 7.99
CA LEU C 196 4.13 35.69 8.23
C LEU C 196 4.48 36.51 6.99
N LEU C 197 4.34 35.94 5.80
CA LEU C 197 4.54 36.69 4.57
C LEU C 197 3.38 37.64 4.28
N MET C 198 2.16 37.28 4.69
CA MET C 198 1.01 38.15 4.51
C MET C 198 1.19 39.47 5.24
N LEU C 199 1.68 39.43 6.49
CA LEU C 199 1.87 40.66 7.24
C LEU C 199 2.94 41.55 6.62
N PHE C 200 4.03 40.94 6.14
CA PHE C 200 5.09 41.70 5.49
C PHE C 200 4.56 42.41 4.25
N LEU C 201 3.83 41.69 3.40
CA LEU C 201 3.28 42.30 2.20
C LEU C 201 2.21 43.35 2.50
N TRP C 202 1.37 43.12 3.52
CA TRP C 202 0.40 44.11 3.95
C TRP C 202 1.08 45.40 4.41
N ALA C 203 2.13 45.28 5.22
CA ALA C 203 2.87 46.46 5.66
C ALA C 203 3.53 47.18 4.50
N VAL C 204 4.11 46.45 3.55
CA VAL C 204 4.73 47.08 2.40
C VAL C 204 3.70 47.85 1.59
N SER C 205 2.54 47.23 1.33
CA SER C 205 1.49 47.91 0.58
C SER C 205 0.97 49.14 1.30
N ALA C 206 0.75 49.04 2.62
CA ALA C 206 0.27 50.18 3.39
C ALA C 206 1.27 51.32 3.39
N LEU C 207 2.56 51.02 3.53
CA LEU C 207 3.58 52.05 3.47
C LEU C 207 3.70 52.69 2.10
N SER C 208 3.57 51.91 1.03
CA SER C 208 3.62 52.46 -0.31
C SER C 208 2.37 53.28 -0.66
N PHE C 209 1.23 52.99 -0.03
CA PHE C 209 0.03 53.78 -0.32
C PHE C 209 0.14 55.21 0.18
N LEU C 210 0.84 55.44 1.29
CA LEU C 210 1.01 56.78 1.83
C LEU C 210 2.11 57.55 1.13
N LEU C 211 2.97 56.89 0.36
CA LEU C 211 3.99 57.58 -0.41
C LEU C 211 3.41 58.33 -1.60
N GLY C 212 2.38 57.78 -2.24
CA GLY C 212 1.66 58.48 -3.28
C GLY C 212 0.68 59.51 -2.80
N LEU C 213 0.32 59.46 -1.51
CA LEU C 213 -0.54 60.47 -0.91
C LEU C 213 0.25 61.66 -0.39
N ALA C 214 1.50 61.45 0.02
CA ALA C 214 2.37 62.55 0.42
C ALA C 214 2.97 63.28 -0.79
N ASP C 215 2.87 62.69 -1.98
CA ASP C 215 3.36 63.32 -3.20
C ASP C 215 2.29 64.11 -3.93
N LEU C 216 1.05 63.60 -3.96
CA LEU C 216 -0.05 64.30 -4.61
C LEU C 216 -0.42 65.60 -3.91
N VAL C 217 -0.50 65.60 -2.59
CA VAL C 217 -0.88 66.79 -1.82
C VAL C 217 0.26 67.81 -1.79
N CYS C 218 1.44 67.44 -2.27
CA CYS C 218 2.53 68.37 -2.45
C CYS C 218 2.59 68.92 -3.87
N SER C 219 2.41 68.06 -4.87
CA SER C 219 2.36 68.53 -6.25
C SER C 219 1.18 69.46 -6.49
N LEU C 220 0.01 69.12 -5.95
CA LEU C 220 -1.15 69.99 -6.10
C LEU C 220 -0.92 71.34 -5.42
N ARG C 221 -0.35 71.33 -4.22
CA ARG C 221 -0.06 72.57 -3.50
C ARG C 221 1.02 73.41 -4.16
N ARG C 222 1.96 72.78 -4.87
CA ARG C 222 3.01 73.50 -5.58
C ARG C 222 2.54 74.06 -6.91
N ARG C 223 1.69 73.34 -7.64
CA ARG C 223 1.25 73.81 -8.96
C ARG C 223 0.44 75.10 -8.84
N MET C 224 -0.46 75.17 -7.86
CA MET C 224 -1.24 76.39 -7.67
C MET C 224 -0.38 77.55 -7.18
N ARG C 225 0.68 77.28 -6.42
CA ARG C 225 1.57 78.33 -5.96
C ARG C 225 2.29 79.00 -7.13
N ARG C 226 2.77 78.20 -8.08
CA ARG C 226 3.46 78.73 -9.26
C ARG C 226 2.45 79.04 -10.36
N ARG C 227 1.54 79.96 -10.05
CA ARG C 227 0.52 80.40 -10.99
C ARG C 227 -0.04 81.75 -10.54
N PRO C 228 0.66 82.84 -10.84
CA PRO C 228 0.16 84.16 -10.44
C PRO C 228 -1.04 84.60 -11.25
N GLY C 229 -2.22 84.07 -10.90
CA GLY C 229 -3.44 84.41 -11.61
C GLY C 229 -4.21 83.18 -12.06
N GLY D 3 28.02 70.25 -36.19
CA GLY D 3 27.91 68.80 -36.18
C GLY D 3 26.92 68.27 -35.17
N VAL D 4 26.37 67.09 -35.45
CA VAL D 4 25.39 66.43 -34.58
C VAL D 4 25.81 64.98 -34.41
N ASP D 5 25.34 64.37 -33.32
CA ASP D 5 25.61 62.96 -33.07
C ASP D 5 24.66 62.11 -33.91
N LEU D 6 24.65 60.80 -33.69
CA LEU D 6 23.79 59.92 -34.47
C LEU D 6 23.15 58.83 -33.62
N LEU D 7 23.32 58.90 -32.29
CA LEU D 7 22.56 58.04 -31.40
C LEU D 7 21.22 58.70 -31.11
N GLY D 8 21.23 60.04 -31.04
CA GLY D 8 19.96 60.76 -31.00
C GLY D 8 19.21 60.67 -32.31
N PHE D 9 19.94 60.70 -33.43
CA PHE D 9 19.32 60.54 -34.74
C PHE D 9 18.73 59.14 -34.93
N LEU D 10 19.27 58.14 -34.26
CA LEU D 10 18.78 56.78 -34.38
C LEU D 10 17.53 56.52 -33.55
N ILE D 11 17.21 57.40 -32.61
CA ILE D 11 15.98 57.30 -31.84
C ILE D 11 14.88 58.20 -32.38
N ILE D 12 15.20 59.41 -32.83
CA ILE D 12 14.20 60.29 -33.41
C ILE D 12 13.64 59.68 -34.69
N THR D 13 14.49 59.01 -35.47
CA THR D 13 13.99 58.28 -36.64
C THR D 13 13.01 57.20 -36.23
N LEU D 14 13.31 56.47 -35.15
CA LEU D 14 12.42 55.42 -34.68
C LEU D 14 11.20 55.97 -33.97
N ASN D 15 11.34 57.08 -33.23
CA ASN D 15 10.22 57.69 -32.52
C ASN D 15 9.68 58.81 -33.41
N CYS D 16 9.45 58.47 -34.67
CA CYS D 16 8.69 59.31 -35.57
C CYS D 16 7.88 58.48 -36.56
N ASN D 17 8.06 57.15 -36.56
CA ASN D 17 7.32 56.25 -37.43
C ASN D 17 6.35 55.37 -36.65
N VAL D 18 6.34 55.48 -35.32
CA VAL D 18 5.46 54.71 -34.46
C VAL D 18 4.47 55.68 -33.82
N THR D 19 3.18 55.39 -33.97
CA THR D 19 2.16 56.27 -33.43
C THR D 19 2.02 56.08 -31.92
N MET D 20 1.27 56.98 -31.29
CA MET D 20 1.03 56.88 -29.85
C MET D 20 0.25 55.61 -29.52
N VAL D 21 -0.74 55.26 -30.34
CA VAL D 21 -1.51 54.05 -30.13
C VAL D 21 -0.61 52.82 -30.23
N GLY D 22 0.29 52.81 -31.23
CA GLY D 22 1.24 51.72 -31.36
C GLY D 22 2.27 51.67 -30.25
N LYS D 23 2.63 52.81 -29.68
CA LYS D 23 3.54 52.84 -28.54
C LYS D 23 2.86 52.31 -27.29
N LEU D 24 1.58 52.61 -27.12
CA LEU D 24 0.78 52.15 -25.98
C LEU D 24 0.41 50.68 -26.07
N TRP D 25 0.15 50.16 -27.28
CA TRP D 25 -0.08 48.74 -27.48
C TRP D 25 1.13 47.91 -27.07
N PHE D 26 2.33 48.39 -27.43
CA PHE D 26 3.55 47.68 -27.05
C PHE D 26 3.68 47.58 -25.54
N VAL D 27 3.36 48.67 -24.83
CA VAL D 27 3.45 48.65 -23.37
C VAL D 27 2.42 47.69 -22.78
N LEU D 28 1.17 47.76 -23.26
CA LEU D 28 0.12 46.94 -22.65
C LEU D 28 0.31 45.46 -22.92
N THR D 29 0.52 45.07 -24.18
CA THR D 29 0.57 43.63 -24.47
C THR D 29 1.97 43.06 -24.34
N MET D 30 2.70 43.45 -23.29
CA MET D 30 3.85 42.71 -22.81
C MET D 30 3.96 42.69 -21.29
N LEU D 31 3.27 43.57 -20.59
CA LEU D 31 3.23 43.59 -19.14
C LEU D 31 2.01 42.88 -18.58
N LEU D 32 0.91 42.82 -19.34
CA LEU D 32 -0.30 42.14 -18.94
C LEU D 32 -0.53 40.86 -19.73
N ARG D 33 0.25 40.60 -20.76
CA ARG D 33 0.09 39.41 -21.59
C ARG D 33 1.30 38.49 -21.53
N MET D 34 2.49 38.99 -21.80
CA MET D 34 3.69 38.19 -21.80
C MET D 34 4.24 37.93 -20.40
N LEU D 35 3.79 38.69 -19.41
CA LEU D 35 4.23 38.50 -18.03
C LEU D 35 3.31 37.59 -17.22
N VAL D 36 2.00 37.71 -17.42
CA VAL D 36 1.06 36.82 -16.74
C VAL D 36 1.22 35.39 -17.23
N ILE D 37 1.51 35.21 -18.52
CA ILE D 37 1.69 33.86 -19.06
C ILE D 37 2.90 33.19 -18.42
N VAL D 38 4.00 33.92 -18.25
CA VAL D 38 5.22 33.32 -17.73
C VAL D 38 5.16 33.17 -16.22
N LEU D 39 4.88 34.26 -15.50
CA LEU D 39 4.92 34.24 -14.04
C LEU D 39 3.71 33.57 -13.41
N ALA D 40 2.52 33.72 -13.99
CA ALA D 40 1.30 33.20 -13.38
C ALA D 40 0.72 32.00 -14.12
N GLY D 41 1.19 31.70 -15.32
CA GLY D 41 0.67 30.57 -16.06
C GLY D 41 1.42 29.29 -15.80
N ARG D 42 2.75 29.39 -15.68
CA ARG D 42 3.57 28.22 -15.41
C ARG D 42 3.23 27.55 -14.06
N PRO D 43 3.12 28.28 -12.94
CA PRO D 43 2.78 27.60 -11.68
C PRO D 43 1.43 26.90 -11.71
N VAL D 44 0.44 27.44 -12.42
CA VAL D 44 -0.89 26.84 -12.44
C VAL D 44 -0.87 25.51 -13.18
N TYR D 45 -0.16 25.43 -14.29
CA TYR D 45 -0.15 24.25 -15.15
C TYR D 45 1.04 23.34 -14.90
N GLN D 46 1.50 23.25 -13.65
CA GLN D 46 2.66 22.43 -13.34
C GLN D 46 2.29 21.00 -12.97
N ASP D 47 1.20 20.80 -12.25
CA ASP D 47 0.75 19.48 -11.80
C ASP D 47 -0.51 19.05 -12.53
N GLU D 48 -0.60 19.37 -13.83
CA GLU D 48 -1.77 18.99 -14.61
C GLU D 48 -1.88 17.48 -14.79
N GLN D 49 -0.74 16.80 -14.96
CA GLN D 49 -0.72 15.35 -15.08
C GLN D 49 -0.47 14.64 -13.75
N GLU D 50 0.30 15.27 -12.85
CA GLU D 50 0.59 14.63 -11.57
C GLU D 50 -0.68 14.44 -10.74
N ARG D 51 -1.58 15.42 -10.76
CA ARG D 51 -2.83 15.36 -10.01
C ARG D 51 -4.02 15.21 -10.94
N PHE D 52 -3.86 14.42 -12.00
CA PHE D 52 -4.96 14.01 -12.88
C PHE D 52 -5.33 12.60 -12.45
N VAL D 53 -6.22 12.50 -11.47
CA VAL D 53 -6.48 11.25 -10.78
C VAL D 53 -7.59 10.49 -11.50
N CYS D 54 -7.30 9.25 -11.89
CA CYS D 54 -8.26 8.35 -12.50
C CYS D 54 -8.60 7.22 -11.53
N ASN D 55 -9.76 6.60 -11.75
CA ASN D 55 -10.27 5.56 -10.87
C ASN D 55 -9.86 4.19 -11.44
N THR D 56 -8.59 3.87 -11.29
CA THR D 56 -8.05 2.61 -11.79
C THR D 56 -6.79 2.26 -11.02
N LEU D 57 -6.40 0.98 -11.12
CA LEU D 57 -5.17 0.50 -10.50
C LEU D 57 -4.23 -0.17 -11.48
N GLN D 58 -4.64 -0.41 -12.72
CA GLN D 58 -3.79 -1.06 -13.70
C GLN D 58 -2.74 -0.07 -14.21
N PRO D 59 -1.45 -0.40 -14.14
CA PRO D 59 -0.43 0.52 -14.66
C PRO D 59 -0.64 0.82 -16.14
N GLY D 60 -0.37 2.07 -16.50
CA GLY D 60 -0.45 2.51 -17.88
C GLY D 60 -1.79 3.09 -18.31
N CYS D 61 -2.84 2.93 -17.50
CA CYS D 61 -4.14 3.47 -17.86
C CYS D 61 -4.19 4.99 -17.69
N ALA D 62 -3.58 5.51 -16.62
CA ALA D 62 -3.55 6.94 -16.37
C ALA D 62 -2.75 7.72 -17.41
N ASN D 63 -1.68 7.14 -17.95
CA ASN D 63 -0.92 7.77 -19.02
C ASN D 63 -1.73 7.85 -20.31
N VAL D 64 -2.34 6.73 -20.69
CA VAL D 64 -3.13 6.70 -21.92
C VAL D 64 -4.32 7.64 -21.83
N CYS D 65 -5.01 7.65 -20.69
CA CYS D 65 -6.18 8.51 -20.55
C CYS D 65 -5.81 9.99 -20.62
N TYR D 66 -4.70 10.38 -19.97
CA TYR D 66 -4.28 11.77 -20.03
C TYR D 66 -3.79 12.15 -21.41
N ASP D 67 -3.14 11.23 -22.13
CA ASP D 67 -2.69 11.54 -23.48
C ASP D 67 -3.84 11.78 -24.44
N VAL D 68 -5.03 11.24 -24.16
CA VAL D 68 -6.20 11.53 -24.98
C VAL D 68 -6.97 12.74 -24.45
N PHE D 69 -6.91 13.00 -23.15
CA PHE D 69 -7.60 14.16 -22.59
C PHE D 69 -7.07 15.46 -23.20
N SER D 70 -5.75 15.63 -23.19
CA SER D 70 -5.11 16.87 -23.65
C SER D 70 -3.96 16.54 -24.58
N PRO D 71 -4.21 16.49 -25.89
CA PRO D 71 -3.08 16.32 -26.83
C PRO D 71 -2.07 17.44 -26.75
N VAL D 72 -2.52 18.69 -26.78
CA VAL D 72 -1.67 19.86 -26.62
C VAL D 72 -2.28 20.76 -25.55
N SER D 73 -1.48 21.13 -24.56
CA SER D 73 -1.94 22.01 -23.52
C SER D 73 -2.11 23.44 -24.06
N HIS D 74 -2.95 24.22 -23.39
CA HIS D 74 -3.18 25.60 -23.80
C HIS D 74 -2.17 26.58 -23.22
N LEU D 75 -1.30 26.14 -22.30
CA LEU D 75 -0.17 26.97 -21.93
C LEU D 75 0.80 27.12 -23.09
N ARG D 76 1.13 26.01 -23.75
CA ARG D 76 1.96 26.06 -24.95
C ARG D 76 1.27 26.82 -26.08
N PHE D 77 -0.05 26.65 -26.22
CA PHE D 77 -0.79 27.40 -27.22
C PHE D 77 -0.72 28.90 -26.95
N TRP D 78 -0.88 29.31 -25.68
CA TRP D 78 -0.76 30.72 -25.34
C TRP D 78 0.64 31.24 -25.64
N LEU D 79 1.67 30.47 -25.30
CA LEU D 79 3.04 30.90 -25.56
C LEU D 79 3.27 31.09 -27.06
N ILE D 80 2.87 30.12 -27.87
CA ILE D 80 3.11 30.20 -29.31
C ILE D 80 2.30 31.34 -29.93
N GLN D 81 1.05 31.51 -29.48
CA GLN D 81 0.22 32.58 -30.04
C GLN D 81 0.77 33.96 -29.68
N GLY D 82 1.24 34.13 -28.43
CA GLY D 82 1.80 35.41 -28.05
C GLY D 82 3.16 35.72 -28.64
N VAL D 83 3.96 34.70 -28.89
CA VAL D 83 5.26 34.92 -29.52
C VAL D 83 5.11 35.30 -30.99
N CYS D 84 4.19 34.65 -31.72
CA CYS D 84 4.03 34.88 -33.14
C CYS D 84 3.38 36.22 -33.47
N VAL D 85 2.82 36.91 -32.49
CA VAL D 85 2.26 38.24 -32.72
C VAL D 85 3.32 39.33 -32.58
N LEU D 86 4.29 39.13 -31.68
CA LEU D 86 5.39 40.08 -31.54
C LEU D 86 6.42 39.97 -32.65
N LEU D 87 6.32 38.94 -33.50
CA LEU D 87 7.31 38.77 -34.57
C LEU D 87 7.20 39.85 -35.64
N PRO D 88 6.02 40.22 -36.16
CA PRO D 88 5.97 41.30 -37.15
C PRO D 88 6.48 42.63 -36.62
N SER D 89 6.41 42.86 -35.31
CA SER D 89 6.88 44.11 -34.73
C SER D 89 8.40 44.16 -34.60
N ALA D 90 9.08 43.02 -34.71
CA ALA D 90 10.54 42.98 -34.64
C ALA D 90 11.21 43.11 -36.00
N VAL D 91 10.61 42.52 -37.05
CA VAL D 91 11.17 42.66 -38.39
C VAL D 91 11.15 44.12 -38.82
N PHE D 92 10.05 44.82 -38.57
CA PHE D 92 9.97 46.24 -38.91
C PHE D 92 10.98 47.07 -38.12
N SER D 93 11.14 46.77 -36.82
CA SER D 93 12.10 47.49 -36.01
C SER D 93 13.52 47.28 -36.53
N VAL D 94 13.86 46.04 -36.88
CA VAL D 94 15.20 45.78 -37.41
C VAL D 94 15.39 46.42 -38.79
N TYR D 95 14.35 46.46 -39.61
CA TYR D 95 14.45 47.11 -40.92
C TYR D 95 14.66 48.61 -40.79
N VAL D 96 13.96 49.25 -39.85
CA VAL D 96 14.14 50.68 -39.64
C VAL D 96 15.56 51.00 -39.22
N LEU D 97 16.12 50.23 -38.30
CA LEU D 97 17.50 50.47 -37.88
C LEU D 97 18.51 50.14 -38.97
N HIS D 98 18.25 49.11 -39.76
CA HIS D 98 19.15 48.80 -40.87
C HIS D 98 19.16 49.91 -41.91
N ARG D 99 18.00 50.46 -42.25
CA ARG D 99 17.93 51.50 -43.27
C ARG D 99 18.37 52.87 -42.77
N GLY D 100 18.06 53.22 -41.52
CA GLY D 100 18.39 54.53 -41.02
C GLY D 100 19.87 54.79 -40.82
N ALA D 101 20.60 53.80 -40.30
CA ALA D 101 22.03 53.95 -40.07
C ALA D 101 22.86 53.78 -41.32
N THR D 102 22.29 53.20 -42.38
CA THR D 102 22.95 53.07 -43.67
C THR D 102 22.70 54.28 -44.56
N LEU D 103 21.89 55.23 -44.09
CA LEU D 103 21.59 56.45 -44.83
C LEU D 103 22.40 57.65 -44.36
N ALA D 104 22.77 57.71 -43.09
CA ALA D 104 23.59 58.80 -42.58
C ALA D 104 25.07 58.61 -42.87
N ALA D 105 25.49 57.40 -43.23
CA ALA D 105 26.90 57.18 -43.56
C ALA D 105 27.30 57.96 -44.81
N LEU D 106 26.45 57.96 -45.83
CA LEU D 106 26.77 58.69 -47.05
C LEU D 106 26.65 60.19 -46.85
N GLY D 107 25.72 60.62 -46.00
CA GLY D 107 25.52 62.03 -45.73
C GLY D 107 24.66 62.71 -46.77
N PRO D 108 24.46 64.02 -46.62
CA PRO D 108 23.63 64.81 -47.55
C PRO D 108 24.22 64.88 -48.95
N GLY D 133 14.97 71.22 -37.57
CA GLY D 133 15.07 71.08 -39.01
C GLY D 133 15.93 69.91 -39.43
N LEU D 134 15.46 68.70 -39.11
CA LEU D 134 16.19 67.48 -39.45
C LEU D 134 15.72 66.96 -40.81
N GLN D 135 16.21 65.79 -41.20
CA GLN D 135 15.90 65.15 -42.47
C GLN D 135 15.54 63.69 -42.27
N VAL D 136 14.65 63.44 -41.30
CA VAL D 136 14.30 62.07 -40.91
C VAL D 136 13.60 61.37 -42.08
N PRO D 137 14.00 60.14 -42.42
CA PRO D 137 13.29 59.42 -43.48
C PRO D 137 11.88 59.02 -43.07
N ASP D 138 11.06 58.75 -44.08
CA ASP D 138 9.63 58.51 -43.90
C ASP D 138 9.39 57.04 -44.24
N PHE D 139 9.31 56.19 -43.21
CA PHE D 139 8.90 54.80 -43.38
C PHE D 139 7.44 54.62 -42.96
N SER D 140 6.54 55.27 -43.69
CA SER D 140 5.12 55.14 -43.41
C SER D 140 4.46 54.04 -44.22
N ALA D 141 5.00 53.72 -45.39
CA ALA D 141 4.45 52.63 -46.20
C ALA D 141 4.75 51.26 -45.61
N GLY D 142 5.87 51.12 -44.90
CA GLY D 142 6.23 49.87 -44.28
C GLY D 142 5.59 49.62 -42.93
N TYR D 143 4.75 50.55 -42.46
CA TYR D 143 4.03 50.40 -41.21
C TYR D 143 2.64 49.83 -41.38
N ILE D 144 1.94 50.24 -42.44
CA ILE D 144 0.60 49.73 -42.72
C ILE D 144 0.66 48.23 -43.04
N ILE D 145 1.69 47.80 -43.76
CA ILE D 145 1.80 46.38 -44.11
C ILE D 145 2.01 45.54 -42.86
N HIS D 146 2.90 45.98 -41.96
CA HIS D 146 3.11 45.27 -40.72
C HIS D 146 1.87 45.26 -39.84
N LEU D 147 1.13 46.37 -39.79
CA LEU D 147 -0.14 46.39 -39.08
C LEU D 147 -1.16 45.42 -39.67
N LEU D 148 -1.26 45.34 -41.00
CA LEU D 148 -2.16 44.38 -41.65
C LEU D 148 -1.78 42.94 -41.35
N LEU D 149 -0.49 42.61 -41.42
CA LEU D 149 -0.06 41.25 -41.09
C LEU D 149 -0.34 40.91 -39.63
N ARG D 150 -0.06 41.85 -38.73
CA ARG D 150 -0.34 41.61 -37.32
C ARG D 150 -1.82 41.42 -37.06
N THR D 151 -2.67 42.23 -37.73
CA THR D 151 -4.11 42.08 -37.57
C THR D 151 -4.60 40.74 -38.10
N LEU D 152 -4.09 40.32 -39.26
CA LEU D 152 -4.48 39.03 -39.82
C LEU D 152 -3.97 37.84 -39.00
N LEU D 153 -2.88 38.01 -38.26
CA LEU D 153 -2.37 36.92 -37.43
C LEU D 153 -3.16 36.71 -36.14
N GLU D 154 -4.07 37.62 -35.78
CA GLU D 154 -4.84 37.46 -34.55
C GLU D 154 -6.18 36.76 -34.79
N ALA D 155 -6.83 37.03 -35.93
CA ALA D 155 -8.11 36.40 -36.21
C ALA D 155 -7.97 34.90 -36.33
N ALA D 156 -6.92 34.42 -37.02
CA ALA D 156 -6.72 32.98 -37.18
C ALA D 156 -6.49 32.31 -35.84
N PHE D 157 -5.66 32.91 -34.99
CA PHE D 157 -5.39 32.33 -33.68
C PHE D 157 -6.57 32.44 -32.72
N GLY D 158 -7.47 33.39 -32.93
CA GLY D 158 -8.69 33.44 -32.16
C GLY D 158 -9.67 32.36 -32.58
N ALA D 159 -9.80 32.17 -33.90
CA ALA D 159 -10.66 31.10 -34.40
C ALA D 159 -10.16 29.73 -33.97
N LEU D 160 -8.85 29.49 -34.07
CA LEU D 160 -8.29 28.23 -33.62
C LEU D 160 -8.48 28.03 -32.11
N HIS D 161 -8.29 29.09 -31.34
CA HIS D 161 -8.52 29.01 -29.90
C HIS D 161 -9.96 28.67 -29.58
N TYR D 162 -10.92 29.29 -30.26
CA TYR D 162 -12.32 28.98 -30.01
C TYR D 162 -12.67 27.55 -30.42
N PHE D 163 -12.13 27.07 -31.54
CA PHE D 163 -12.44 25.73 -32.01
C PHE D 163 -11.70 24.64 -31.25
N LEU D 164 -10.64 24.97 -30.53
CA LEU D 164 -9.82 23.95 -29.86
C LEU D 164 -10.17 23.80 -28.38
N PHE D 165 -10.23 24.90 -27.63
CA PHE D 165 -10.36 24.84 -26.18
C PHE D 165 -11.68 25.40 -25.64
N GLY D 166 -12.42 26.16 -26.42
CA GLY D 166 -13.66 26.72 -25.90
C GLY D 166 -13.42 27.90 -24.98
N PHE D 167 -14.32 28.06 -24.01
CA PHE D 167 -14.27 29.19 -23.09
C PHE D 167 -14.01 28.80 -21.63
N LEU D 168 -14.46 27.62 -21.19
CA LEU D 168 -14.31 27.20 -19.82
C LEU D 168 -13.77 25.77 -19.78
N ALA D 169 -13.10 25.43 -18.65
CA ALA D 169 -12.46 24.14 -18.43
C ALA D 169 -13.44 23.16 -17.79
N PRO D 170 -13.41 21.89 -18.21
CA PRO D 170 -14.29 20.89 -17.61
C PRO D 170 -13.75 20.39 -16.26
N LYS D 171 -14.56 19.57 -15.60
CA LYS D 171 -14.22 19.05 -14.29
C LYS D 171 -14.05 17.53 -14.26
N LYS D 172 -14.55 16.81 -15.26
CA LYS D 172 -14.45 15.36 -15.28
C LYS D 172 -14.23 14.88 -16.71
N PHE D 173 -13.68 13.66 -16.82
CA PHE D 173 -13.39 13.08 -18.12
C PHE D 173 -13.69 11.58 -18.12
N PRO D 174 -14.54 11.10 -19.05
CA PRO D 174 -14.71 9.64 -19.22
C PRO D 174 -13.71 9.06 -20.21
N CYS D 175 -13.03 7.99 -19.81
CA CYS D 175 -11.97 7.39 -20.61
C CYS D 175 -12.22 5.89 -20.74
N THR D 176 -12.15 5.40 -21.99
CA THR D 176 -12.41 3.98 -22.26
C THR D 176 -11.29 3.33 -23.07
N ARG D 177 -10.15 4.00 -23.25
CA ARG D 177 -9.07 3.44 -24.04
C ARG D 177 -8.41 2.27 -23.30
N PRO D 178 -7.89 1.29 -24.03
CA PRO D 178 -7.11 0.22 -23.40
C PRO D 178 -5.82 0.76 -22.83
N PRO D 179 -5.24 0.09 -21.82
CA PRO D 179 -5.65 -1.19 -21.21
C PRO D 179 -6.71 -1.03 -20.12
N CYS D 180 -7.33 0.13 -19.99
CA CYS D 180 -8.39 0.31 -19.00
C CYS D 180 -9.60 -0.54 -19.37
N THR D 181 -10.19 -1.18 -18.36
CA THR D 181 -11.34 -2.06 -18.55
C THR D 181 -12.61 -1.32 -18.15
N GLY D 182 -13.59 -1.32 -19.05
CA GLY D 182 -14.83 -0.60 -18.79
C GLY D 182 -14.68 0.88 -19.07
N VAL D 183 -15.44 1.68 -18.32
CA VAL D 183 -15.41 3.13 -18.43
C VAL D 183 -14.82 3.69 -17.14
N VAL D 184 -13.76 4.46 -17.26
CA VAL D 184 -13.07 5.05 -16.12
C VAL D 184 -13.38 6.54 -16.06
N ASP D 185 -13.46 7.08 -14.86
CA ASP D 185 -13.70 8.50 -14.64
C ASP D 185 -12.44 9.14 -14.07
N CYS D 186 -12.04 10.28 -14.64
CA CYS D 186 -10.87 11.00 -14.19
C CYS D 186 -11.26 12.44 -13.85
N TYR D 187 -10.51 13.02 -12.91
CA TYR D 187 -10.82 14.34 -12.37
C TYR D 187 -9.74 15.33 -12.79
N VAL D 188 -10.16 16.52 -13.21
CA VAL D 188 -9.25 17.56 -13.65
C VAL D 188 -8.79 18.37 -12.45
N SER D 189 -7.51 18.70 -12.42
CA SER D 189 -6.94 19.49 -11.33
C SER D 189 -7.17 20.99 -11.57
N ARG D 190 -7.63 21.68 -10.53
CA ARG D 190 -7.89 23.11 -10.57
C ARG D 190 -8.80 23.52 -11.72
N PRO D 191 -10.04 23.01 -11.77
CA PRO D 191 -10.93 23.36 -12.89
C PRO D 191 -11.51 24.77 -12.80
N THR D 192 -11.39 25.44 -11.67
CA THR D 192 -12.01 26.76 -11.50
C THR D 192 -11.03 27.89 -11.76
N GLU D 193 -9.85 27.85 -11.14
CA GLU D 193 -8.84 28.88 -11.37
C GLU D 193 -8.37 28.90 -12.81
N LYS D 194 -8.21 27.71 -13.41
CA LYS D 194 -7.85 27.61 -14.82
C LYS D 194 -8.87 28.29 -15.71
N SER D 195 -10.16 28.20 -15.38
CA SER D 195 -11.20 28.88 -16.13
C SER D 195 -11.28 30.36 -15.82
N LEU D 196 -10.75 30.80 -14.67
CA LEU D 196 -10.66 32.22 -14.36
C LEU D 196 -9.52 32.90 -15.10
N LEU D 197 -8.42 32.20 -15.33
CA LEU D 197 -7.31 32.76 -16.11
C LEU D 197 -7.64 32.83 -17.60
N MET D 198 -8.44 31.89 -18.11
CA MET D 198 -8.84 31.91 -19.52
C MET D 198 -9.63 33.16 -19.84
N LEU D 199 -10.55 33.56 -18.96
CA LEU D 199 -11.34 34.77 -19.20
C LEU D 199 -10.46 36.02 -19.21
N PHE D 200 -9.50 36.10 -18.27
CA PHE D 200 -8.60 37.24 -18.23
C PHE D 200 -7.79 37.35 -19.51
N LEU D 201 -7.21 36.23 -19.97
CA LEU D 201 -6.43 36.24 -21.19
C LEU D 201 -7.29 36.51 -22.44
N TRP D 202 -8.50 35.97 -22.49
CA TRP D 202 -9.43 36.28 -23.58
C TRP D 202 -9.75 37.76 -23.65
N ALA D 203 -10.04 38.39 -22.50
CA ALA D 203 -10.31 39.81 -22.48
C ALA D 203 -9.09 40.63 -22.90
N VAL D 204 -7.90 40.25 -22.44
CA VAL D 204 -6.69 40.96 -22.84
C VAL D 204 -6.48 40.88 -24.35
N SER D 205 -6.64 39.68 -24.91
CA SER D 205 -6.48 39.51 -26.35
C SER D 205 -7.52 40.30 -27.13
N ALA D 206 -8.78 40.27 -26.70
CA ALA D 206 -9.83 41.02 -27.39
C ALA D 206 -9.58 42.52 -27.33
N LEU D 207 -9.13 43.03 -26.18
CA LEU D 207 -8.80 44.45 -26.08
C LEU D 207 -7.60 44.83 -26.93
N SER D 208 -6.58 43.98 -27.00
CA SER D 208 -5.43 44.27 -27.85
C SER D 208 -5.73 44.17 -29.34
N PHE D 209 -6.73 43.37 -29.73
CA PHE D 209 -7.06 43.27 -31.14
C PHE D 209 -7.67 44.56 -31.69
N LEU D 210 -8.43 45.29 -30.88
CA LEU D 210 -9.03 46.55 -31.30
C LEU D 210 -8.06 47.72 -31.24
N LEU D 211 -6.93 47.57 -30.56
CA LEU D 211 -5.91 48.63 -30.55
C LEU D 211 -5.17 48.71 -31.88
N GLY D 212 -4.92 47.59 -32.53
CA GLY D 212 -4.36 47.59 -33.87
C GLY D 212 -5.34 47.91 -34.97
N LEU D 213 -6.64 47.81 -34.68
CA LEU D 213 -7.67 48.21 -35.64
C LEU D 213 -7.98 49.71 -35.56
N ALA D 214 -7.80 50.31 -34.39
CA ALA D 214 -7.96 51.76 -34.25
C ALA D 214 -6.75 52.53 -34.72
N ASP D 215 -5.61 51.85 -34.94
CA ASP D 215 -4.41 52.48 -35.45
C ASP D 215 -4.30 52.40 -36.96
N LEU D 216 -4.71 51.28 -37.56
CA LEU D 216 -4.67 51.12 -39.01
C LEU D 216 -5.64 52.04 -39.73
N VAL D 217 -6.86 52.17 -39.25
CA VAL D 217 -7.87 53.01 -39.88
C VAL D 217 -7.59 54.49 -39.66
N CYS D 218 -6.61 54.80 -38.81
CA CYS D 218 -6.14 56.17 -38.64
C CYS D 218 -4.90 56.46 -39.48
N SER D 219 -3.95 55.52 -39.53
CA SER D 219 -2.78 55.69 -40.39
C SER D 219 -3.18 55.72 -41.87
N LEU D 220 -4.10 54.85 -42.28
CA LEU D 220 -4.55 54.86 -43.67
C LEU D 220 -5.26 56.17 -44.01
N ARG D 221 -6.10 56.66 -43.11
CA ARG D 221 -6.82 57.90 -43.33
C ARG D 221 -5.90 59.13 -43.31
N ARG D 222 -4.80 59.06 -42.58
CA ARG D 222 -3.82 60.14 -42.53
C ARG D 222 -2.88 60.15 -43.73
N ARG D 223 -2.46 58.98 -44.21
CA ARG D 223 -1.52 58.94 -45.32
C ARG D 223 -2.14 59.52 -46.60
N MET D 224 -3.40 59.18 -46.89
CA MET D 224 -4.05 59.73 -48.06
C MET D 224 -4.31 61.23 -47.92
N ARG D 225 -4.53 61.72 -46.71
CA ARG D 225 -4.73 63.14 -46.50
C ARG D 225 -3.48 63.94 -46.85
N ARG D 226 -2.31 63.45 -46.43
CA ARG D 226 -1.03 64.11 -46.72
C ARG D 226 -0.49 63.63 -48.07
N ARG D 227 -1.27 63.90 -49.12
CA ARG D 227 -0.90 63.53 -50.48
C ARG D 227 -1.71 64.36 -51.46
N PRO D 228 -1.31 65.60 -51.73
CA PRO D 228 -2.07 66.44 -52.67
C PRO D 228 -1.89 65.98 -54.11
N GLY D 229 -2.60 64.93 -54.49
CA GLY D 229 -2.51 64.39 -55.84
C GLY D 229 -2.22 62.91 -55.87
N GLY E 3 34.36 67.64 -35.32
CA GLY E 3 34.57 66.40 -34.60
C GLY E 3 33.34 65.52 -34.57
N VAL E 4 33.55 64.21 -34.36
CA VAL E 4 32.49 63.22 -34.31
C VAL E 4 32.72 62.34 -33.08
N ASP E 5 31.64 61.70 -32.63
CA ASP E 5 31.72 60.79 -31.49
C ASP E 5 32.26 59.45 -31.92
N LEU E 6 32.21 58.45 -31.03
CA LEU E 6 32.67 57.11 -31.38
C LEU E 6 31.66 56.05 -30.98
N LEU E 7 30.65 56.42 -30.21
CA LEU E 7 29.56 55.50 -29.92
C LEU E 7 28.73 55.31 -31.19
N GLY E 8 28.69 56.35 -32.02
CA GLY E 8 28.02 56.22 -33.31
C GLY E 8 28.86 55.48 -34.33
N PHE E 9 30.14 55.84 -34.45
CA PHE E 9 31.03 55.17 -35.38
C PHE E 9 31.15 53.67 -35.10
N LEU E 10 30.92 53.25 -33.86
CA LEU E 10 30.96 51.84 -33.49
C LEU E 10 29.73 51.07 -33.94
N ILE E 11 28.68 51.76 -34.39
CA ILE E 11 27.47 51.11 -34.86
C ILE E 11 27.42 50.98 -36.38
N ILE E 12 27.83 52.02 -37.12
CA ILE E 12 27.85 51.91 -38.58
C ILE E 12 28.83 50.83 -39.01
N THR E 13 30.00 50.76 -38.36
CA THR E 13 30.94 49.68 -38.65
C THR E 13 30.28 48.31 -38.47
N LEU E 14 29.43 48.17 -37.46
CA LEU E 14 28.72 46.91 -37.25
C LEU E 14 27.50 46.79 -38.13
N ASN E 15 26.83 47.90 -38.44
CA ASN E 15 25.65 47.87 -39.31
C ASN E 15 26.09 48.37 -40.69
N CYS E 16 27.16 47.77 -41.18
CA CYS E 16 27.53 47.84 -42.59
C CYS E 16 28.18 46.55 -43.06
N ASN E 17 28.45 45.62 -42.16
CA ASN E 17 29.06 44.34 -42.48
C ASN E 17 28.08 43.19 -42.34
N VAL E 18 26.88 43.45 -41.85
CA VAL E 18 25.84 42.44 -41.68
C VAL E 18 24.72 42.74 -42.68
N THR E 19 24.38 41.77 -43.50
CA THR E 19 23.36 41.97 -44.51
C THR E 19 21.97 41.94 -43.88
N MET E 20 20.97 42.34 -44.68
CA MET E 20 19.59 42.31 -44.20
C MET E 20 19.14 40.89 -43.90
N VAL E 21 19.52 39.93 -44.74
CA VAL E 21 19.19 38.54 -44.50
C VAL E 21 19.82 38.05 -43.20
N GLY E 22 21.08 38.43 -42.96
CA GLY E 22 21.75 38.07 -41.72
C GLY E 22 21.17 38.76 -40.50
N LYS E 23 20.64 39.96 -40.66
CA LYS E 23 19.98 40.65 -39.55
C LYS E 23 18.63 40.02 -39.23
N LEU E 24 17.93 39.54 -40.26
CA LEU E 24 16.64 38.88 -40.12
C LEU E 24 16.76 37.46 -39.56
N TRP E 25 17.81 36.73 -39.94
CA TRP E 25 18.08 35.41 -39.37
C TRP E 25 18.33 35.50 -37.87
N PHE E 26 19.09 36.52 -37.45
CA PHE E 26 19.35 36.72 -36.02
C PHE E 26 18.06 36.93 -35.25
N VAL E 27 17.14 37.71 -35.81
CA VAL E 27 15.87 37.95 -35.13
C VAL E 27 15.04 36.67 -35.06
N LEU E 28 14.94 35.94 -36.17
CA LEU E 28 14.07 34.76 -36.19
C LEU E 28 14.60 33.65 -35.30
N THR E 29 15.88 33.29 -35.43
CA THR E 29 16.36 32.14 -34.68
C THR E 29 16.88 32.50 -33.29
N MET E 30 16.17 33.38 -32.59
CA MET E 30 16.29 33.50 -31.14
C MET E 30 14.96 33.73 -30.46
N LEU E 31 13.92 34.14 -31.18
CA LEU E 31 12.58 34.33 -30.63
C LEU E 31 11.69 33.12 -30.87
N LEU E 32 11.97 32.33 -31.91
CA LEU E 32 11.22 31.13 -32.21
C LEU E 32 12.03 29.86 -31.98
N ARG E 33 13.32 29.97 -31.69
CA ARG E 33 14.17 28.80 -31.47
C ARG E 33 14.73 28.74 -30.05
N MET E 34 15.39 29.80 -29.60
CA MET E 34 15.99 29.82 -28.27
C MET E 34 14.98 30.14 -27.17
N LEU E 35 13.81 30.66 -27.52
CA LEU E 35 12.78 30.96 -26.54
C LEU E 35 11.80 29.81 -26.33
N VAL E 36 11.42 29.11 -27.41
CA VAL E 36 10.53 27.96 -27.27
C VAL E 36 11.23 26.83 -26.53
N ILE E 37 12.54 26.67 -26.75
CA ILE E 37 13.28 25.62 -26.05
C ILE E 37 13.28 25.87 -24.55
N VAL E 38 13.49 27.13 -24.14
CA VAL E 38 13.62 27.44 -22.72
C VAL E 38 12.25 27.48 -22.04
N LEU E 39 11.31 28.22 -22.63
CA LEU E 39 10.02 28.44 -21.99
C LEU E 39 9.03 27.30 -22.20
N ALA E 40 9.02 26.69 -23.39
CA ALA E 40 8.06 25.64 -23.71
C ALA E 40 8.65 24.24 -23.71
N GLY E 41 9.97 24.10 -23.65
CA GLY E 41 10.59 22.80 -23.66
C GLY E 41 10.82 22.23 -22.28
N ARG E 42 11.23 23.08 -21.35
CA ARG E 42 11.48 22.64 -19.98
C ARG E 42 10.23 22.10 -19.28
N PRO E 43 9.08 22.79 -19.32
CA PRO E 43 7.88 22.21 -18.67
C PRO E 43 7.46 20.87 -19.25
N VAL E 44 7.64 20.64 -20.55
CA VAL E 44 7.20 19.40 -21.16
C VAL E 44 8.04 18.22 -20.68
N TYR E 45 9.35 18.43 -20.56
CA TYR E 45 10.30 17.35 -20.23
C TYR E 45 10.68 17.34 -18.76
N GLN E 46 9.75 17.69 -17.87
CA GLN E 46 10.06 17.72 -16.45
C GLN E 46 9.74 16.41 -15.74
N ASP E 47 8.72 15.69 -16.17
CA ASP E 47 8.31 14.43 -15.57
C ASP E 47 8.53 13.26 -16.50
N GLU E 48 9.64 13.29 -17.25
CA GLU E 48 9.94 12.20 -18.17
C GLU E 48 10.29 10.91 -17.43
N GLN E 49 10.98 11.01 -16.30
CA GLN E 49 11.30 9.84 -15.48
C GLN E 49 10.32 9.62 -14.35
N GLU E 50 9.74 10.69 -13.81
CA GLU E 50 8.79 10.56 -12.70
C GLU E 50 7.57 9.76 -13.12
N ARG E 51 7.09 9.97 -14.33
CA ARG E 51 5.90 9.28 -14.84
C ARG E 51 6.24 8.39 -16.03
N PHE E 52 7.38 7.69 -15.94
CA PHE E 52 7.74 6.64 -16.87
C PHE E 52 7.40 5.33 -16.16
N VAL E 53 6.15 4.90 -16.31
CA VAL E 53 5.59 3.83 -15.49
C VAL E 53 5.91 2.48 -16.12
N CYS E 54 6.54 1.61 -15.34
CA CYS E 54 6.81 0.23 -15.75
C CYS E 54 5.94 -0.74 -14.94
N ASN E 55 5.76 -1.93 -15.48
CA ASN E 55 4.89 -2.95 -14.88
C ASN E 55 5.75 -3.89 -14.03
N THR E 56 6.18 -3.39 -12.88
CA THR E 56 7.02 -4.16 -11.98
C THR E 56 6.88 -3.61 -10.57
N LEU E 57 7.30 -4.42 -9.59
CA LEU E 57 7.31 -4.01 -8.20
C LEU E 57 8.68 -4.15 -7.54
N GLN E 58 9.66 -4.74 -8.21
CA GLN E 58 10.98 -4.91 -7.64
C GLN E 58 11.73 -3.58 -7.68
N PRO E 59 12.24 -3.09 -6.55
CA PRO E 59 12.99 -1.83 -6.56
C PRO E 59 14.20 -1.91 -7.47
N GLY E 60 14.47 -0.80 -8.17
CA GLY E 60 15.63 -0.69 -9.03
C GLY E 60 15.39 -1.06 -10.48
N CYS E 61 14.24 -1.68 -10.80
CA CYS E 61 13.97 -2.03 -12.19
C CYS E 61 13.60 -0.82 -13.03
N ALA E 62 12.83 0.11 -12.47
CA ALA E 62 12.42 1.31 -13.18
C ALA E 62 13.57 2.25 -13.47
N ASN E 63 14.58 2.31 -12.60
CA ASN E 63 15.77 3.11 -12.85
C ASN E 63 16.60 2.53 -14.00
N VAL E 64 16.84 1.22 -13.95
CA VAL E 64 17.63 0.56 -14.99
C VAL E 64 16.94 0.66 -16.34
N CYS E 65 15.63 0.42 -16.37
CA CYS E 65 14.90 0.46 -17.65
C CYS E 65 14.92 1.85 -18.25
N TYR E 66 14.73 2.89 -17.42
CA TYR E 66 14.76 4.25 -17.95
C TYR E 66 16.16 4.66 -18.38
N ASP E 67 17.20 4.18 -17.70
CA ASP E 67 18.56 4.51 -18.11
C ASP E 67 18.92 3.90 -19.46
N VAL E 68 18.24 2.83 -19.87
CA VAL E 68 18.46 2.27 -21.20
C VAL E 68 17.51 2.87 -22.23
N PHE E 69 16.32 3.31 -21.81
CA PHE E 69 15.38 3.91 -22.74
C PHE E 69 15.96 5.17 -23.36
N SER E 70 16.48 6.08 -22.53
CA SER E 70 16.99 7.37 -22.99
C SER E 70 18.35 7.63 -22.36
N PRO E 71 19.44 7.26 -23.04
CA PRO E 71 20.77 7.62 -22.52
C PRO E 71 20.97 9.13 -22.39
N VAL E 72 20.64 9.88 -23.44
CA VAL E 72 20.66 11.34 -23.41
C VAL E 72 19.31 11.85 -23.90
N SER E 73 18.75 12.81 -23.17
CA SER E 73 17.50 13.41 -23.58
C SER E 73 17.72 14.36 -24.74
N HIS E 74 16.67 14.60 -25.51
CA HIS E 74 16.75 15.51 -26.65
C HIS E 74 16.48 16.96 -26.27
N LEU E 75 16.06 17.24 -25.05
CA LEU E 75 16.05 18.63 -24.58
C LEU E 75 17.47 19.17 -24.47
N ARG E 76 18.37 18.40 -23.86
CA ARG E 76 19.77 18.79 -23.80
C ARG E 76 20.42 18.80 -25.18
N PHE E 77 20.03 17.87 -26.05
CA PHE E 77 20.53 17.89 -27.42
C PHE E 77 20.10 19.17 -28.14
N TRP E 78 18.83 19.57 -27.98
CA TRP E 78 18.37 20.81 -28.57
C TRP E 78 19.14 22.01 -28.02
N LEU E 79 19.36 22.04 -26.70
CA LEU E 79 20.06 23.16 -26.11
C LEU E 79 21.49 23.26 -26.63
N ILE E 80 22.21 22.13 -26.67
CA ILE E 80 23.59 22.14 -27.12
C ILE E 80 23.67 22.49 -28.61
N GLN E 81 22.75 21.96 -29.42
CA GLN E 81 22.77 22.26 -30.84
C GLN E 81 22.48 23.74 -31.10
N GLY E 82 21.52 24.32 -30.36
CA GLY E 82 21.22 25.73 -30.54
C GLY E 82 22.27 26.67 -30.00
N VAL E 83 22.98 26.28 -28.94
CA VAL E 83 24.04 27.11 -28.42
C VAL E 83 25.26 27.12 -29.34
N CYS E 84 25.62 25.98 -29.92
CA CYS E 84 26.82 25.87 -30.75
C CYS E 84 26.66 26.53 -32.11
N VAL E 85 25.45 26.90 -32.51
CA VAL E 85 25.26 27.62 -33.77
C VAL E 85 25.38 29.12 -33.57
N LEU E 86 25.01 29.64 -32.40
CA LEU E 86 25.19 31.06 -32.09
C LEU E 86 26.64 31.41 -31.75
N LEU E 87 27.51 30.40 -31.62
CA LEU E 87 28.90 30.69 -31.24
C LEU E 87 29.70 31.34 -32.38
N PRO E 88 29.63 30.87 -33.64
CA PRO E 88 30.36 31.58 -34.69
C PRO E 88 29.90 33.02 -34.88
N SER E 89 28.66 33.34 -34.55
CA SER E 89 28.16 34.71 -34.68
C SER E 89 28.65 35.64 -33.58
N ALA E 90 29.17 35.10 -32.48
CA ALA E 90 29.70 35.91 -31.40
C ALA E 90 31.18 36.22 -31.57
N VAL E 91 31.95 35.27 -32.09
CA VAL E 91 33.37 35.51 -32.33
C VAL E 91 33.56 36.62 -33.35
N PHE E 92 32.79 36.59 -34.44
CA PHE E 92 32.87 37.64 -35.44
C PHE E 92 32.44 38.99 -34.88
N SER E 93 31.39 39.01 -34.07
CA SER E 93 30.95 40.27 -33.46
C SER E 93 32.02 40.84 -32.55
N VAL E 94 32.64 40.01 -31.72
CA VAL E 94 33.69 40.49 -30.83
C VAL E 94 34.92 40.93 -31.62
N TYR E 95 35.26 40.24 -32.72
CA TYR E 95 36.39 40.65 -33.54
C TYR E 95 36.15 41.99 -34.22
N VAL E 96 34.92 42.23 -34.70
CA VAL E 96 34.61 43.51 -35.34
C VAL E 96 34.76 44.66 -34.36
N LEU E 97 34.27 44.49 -33.13
CA LEU E 97 34.41 45.54 -32.12
C LEU E 97 35.85 45.71 -31.66
N HIS E 98 36.60 44.61 -31.56
CA HIS E 98 38.01 44.72 -31.18
C HIS E 98 38.81 45.48 -32.24
N ARG E 99 38.56 45.21 -33.52
CA ARG E 99 39.31 45.87 -34.58
C ARG E 99 38.84 47.29 -34.85
N GLY E 100 37.53 47.55 -34.75
CA GLY E 100 37.02 48.88 -35.04
C GLY E 100 37.40 49.94 -34.03
N ALA E 101 37.40 49.60 -32.75
CA ALA E 101 37.74 50.56 -31.71
C ALA E 101 39.24 50.76 -31.53
N THR E 102 40.05 49.85 -32.08
CA THR E 102 41.50 49.98 -32.07
C THR E 102 42.02 50.68 -33.31
N LEU E 103 41.13 51.03 -34.24
CA LEU E 103 41.50 51.73 -35.46
C LEU E 103 41.26 53.22 -35.41
N ALA E 104 40.26 53.68 -34.65
CA ALA E 104 39.99 55.10 -34.51
C ALA E 104 40.88 55.77 -33.47
N ALA E 105 41.55 55.00 -32.62
CA ALA E 105 42.44 55.59 -31.62
C ALA E 105 43.63 56.27 -32.30
N LEU E 106 44.22 55.64 -33.31
CA LEU E 106 45.35 56.24 -34.00
C LEU E 106 44.90 57.41 -34.87
N GLY E 107 43.70 57.35 -35.42
CA GLY E 107 43.19 58.41 -36.26
C GLY E 107 43.68 58.31 -37.69
N PRO E 108 43.27 59.27 -38.53
CA PRO E 108 43.66 59.32 -39.95
C PRO E 108 45.15 59.52 -40.14
N GLY E 133 30.25 60.84 -45.75
CA GLY E 133 31.61 60.60 -46.17
C GLY E 133 32.50 60.08 -45.06
N LEU E 134 32.18 58.89 -44.55
CA LEU E 134 32.93 58.28 -43.47
C LEU E 134 34.03 57.40 -44.05
N GLN E 135 34.76 56.69 -43.17
CA GLN E 135 35.86 55.82 -43.55
C GLN E 135 35.73 54.47 -42.86
N VAL E 136 34.53 53.90 -42.93
CA VAL E 136 34.23 52.64 -42.23
C VAL E 136 35.07 51.52 -42.81
N PRO E 137 35.73 50.70 -41.99
CA PRO E 137 36.51 49.58 -42.53
C PRO E 137 35.62 48.50 -43.11
N ASP E 138 36.22 47.67 -43.96
CA ASP E 138 35.49 46.65 -44.73
C ASP E 138 35.94 45.30 -44.20
N PHE E 139 35.11 44.70 -43.34
CA PHE E 139 35.32 43.32 -42.90
C PHE E 139 34.37 42.39 -43.66
N SER E 140 34.57 42.31 -44.98
CA SER E 140 33.74 41.42 -45.80
C SER E 140 34.35 40.04 -45.97
N ALA E 141 35.68 39.93 -45.88
CA ALA E 141 36.31 38.62 -45.98
C ALA E 141 36.10 37.77 -44.73
N GLY E 142 35.94 38.39 -43.57
CA GLY E 142 35.68 37.69 -42.33
C GLY E 142 34.25 37.30 -42.10
N TYR E 143 33.35 37.63 -43.03
CA TYR E 143 31.95 37.27 -42.94
C TYR E 143 31.63 35.97 -43.68
N ILE E 144 32.25 35.77 -44.83
CA ILE E 144 32.02 34.54 -45.59
C ILE E 144 32.53 33.33 -44.84
N ILE E 145 33.67 33.46 -44.14
CA ILE E 145 34.22 32.35 -43.39
C ILE E 145 33.29 31.95 -42.24
N HIS E 146 32.78 32.94 -41.51
CA HIS E 146 31.85 32.65 -40.43
C HIS E 146 30.54 32.06 -40.95
N LEU E 147 30.04 32.53 -42.10
CA LEU E 147 28.89 31.91 -42.74
C LEU E 147 29.15 30.46 -43.13
N LEU E 148 30.31 30.15 -43.70
CA LEU E 148 30.67 28.78 -44.05
C LEU E 148 30.75 27.87 -42.83
N LEU E 149 31.38 28.35 -41.75
CA LEU E 149 31.44 27.53 -40.53
C LEU E 149 30.05 27.30 -39.95
N ARG E 150 29.22 28.34 -39.93
CA ARG E 150 27.86 28.18 -39.41
C ARG E 150 27.06 27.20 -40.27
N THR E 151 27.21 27.28 -41.60
CA THR E 151 26.51 26.34 -42.48
C THR E 151 26.98 24.91 -42.25
N LEU E 152 28.30 24.71 -42.13
CA LEU E 152 28.82 23.37 -41.88
C LEU E 152 28.45 22.82 -40.51
N LEU E 153 28.18 23.68 -39.53
CA LEU E 153 27.79 23.21 -38.21
C LEU E 153 26.34 22.75 -38.13
N GLU E 154 25.51 23.05 -39.12
CA GLU E 154 24.11 22.63 -39.09
C GLU E 154 23.88 21.27 -39.73
N ALA E 155 24.61 20.95 -40.81
CA ALA E 155 24.43 19.67 -41.46
C ALA E 155 24.82 18.51 -40.54
N ALA E 156 25.92 18.64 -39.82
CA ALA E 156 26.35 17.58 -38.91
C ALA E 156 25.33 17.35 -37.80
N PHE E 157 24.80 18.42 -37.22
CA PHE E 157 23.81 18.29 -36.16
C PHE E 157 22.46 17.81 -36.68
N GLY E 158 22.13 18.07 -37.94
CA GLY E 158 20.94 17.50 -38.53
C GLY E 158 21.07 16.01 -38.77
N ALA E 159 22.25 15.60 -39.27
CA ALA E 159 22.50 14.17 -39.47
C ALA E 159 22.49 13.42 -38.15
N LEU E 160 23.15 13.97 -37.13
CA LEU E 160 23.14 13.32 -35.82
C LEU E 160 21.74 13.26 -35.23
N HIS E 161 20.96 14.34 -35.39
CA HIS E 161 19.58 14.34 -34.90
C HIS E 161 18.74 13.28 -35.61
N TYR E 162 18.90 13.13 -36.92
CA TYR E 162 18.17 12.10 -37.64
C TYR E 162 18.59 10.70 -37.20
N PHE E 163 19.89 10.47 -37.00
CA PHE E 163 20.36 9.14 -36.64
C PHE E 163 20.13 8.79 -35.17
N LEU E 164 19.86 9.77 -34.32
CA LEU E 164 19.72 9.52 -32.88
C LEU E 164 18.27 9.41 -32.43
N PHE E 165 17.41 10.34 -32.83
CA PHE E 165 16.06 10.41 -32.31
C PHE E 165 14.96 10.16 -33.34
N GLY E 166 15.26 10.27 -34.63
CA GLY E 166 14.21 10.08 -35.62
C GLY E 166 13.31 11.29 -35.75
N PHE E 167 12.05 11.03 -36.08
CA PHE E 167 11.07 12.09 -36.33
C PHE E 167 9.92 12.13 -35.33
N LEU E 168 9.48 10.98 -34.81
CA LEU E 168 8.37 10.93 -33.88
C LEU E 168 8.74 10.10 -32.67
N ALA E 169 8.05 10.38 -31.53
CA ALA E 169 8.30 9.72 -30.26
C ALA E 169 7.47 8.45 -30.12
N PRO E 170 8.02 7.40 -29.51
CA PRO E 170 7.27 6.16 -29.31
C PRO E 170 6.33 6.27 -28.10
N LYS E 171 5.51 5.23 -27.94
CA LYS E 171 4.54 5.18 -26.87
C LYS E 171 4.79 4.07 -25.85
N LYS E 172 5.58 3.05 -26.19
CA LYS E 172 5.83 1.94 -25.30
C LYS E 172 7.27 1.48 -25.44
N PHE E 173 7.77 0.81 -24.40
CA PHE E 173 9.14 0.32 -24.39
C PHE E 173 9.22 -1.06 -23.73
N PRO E 174 9.78 -2.06 -24.43
CA PRO E 174 10.06 -3.35 -23.78
C PRO E 174 11.44 -3.39 -23.14
N CYS E 175 11.53 -3.81 -21.89
CA CYS E 175 12.76 -3.79 -21.11
C CYS E 175 12.98 -5.15 -20.48
N THR E 176 14.20 -5.70 -20.65
CA THR E 176 14.54 -7.01 -20.13
C THR E 176 15.81 -7.01 -19.27
N ARG E 177 16.35 -5.83 -18.94
CA ARG E 177 17.58 -5.77 -18.18
C ARG E 177 17.33 -6.21 -16.73
N PRO E 178 18.34 -6.80 -16.09
CA PRO E 178 18.22 -7.13 -14.67
C PRO E 178 18.16 -5.87 -13.82
N PRO E 179 17.58 -5.94 -12.62
CA PRO E 179 17.04 -7.11 -11.92
C PRO E 179 15.61 -7.46 -12.31
N CYS E 180 15.08 -6.86 -13.39
CA CYS E 180 13.74 -7.20 -13.84
C CYS E 180 13.70 -8.63 -14.36
N THR E 181 12.64 -9.35 -14.00
CA THR E 181 12.47 -10.75 -14.40
C THR E 181 11.50 -10.83 -15.56
N GLY E 182 11.90 -11.51 -16.62
CA GLY E 182 11.06 -11.62 -17.81
C GLY E 182 11.17 -10.37 -18.67
N VAL E 183 10.07 -10.06 -19.36
CA VAL E 183 9.98 -8.89 -20.22
C VAL E 183 8.96 -7.93 -19.61
N VAL E 184 9.40 -6.70 -19.35
CA VAL E 184 8.56 -5.69 -18.73
C VAL E 184 8.18 -4.66 -19.79
N ASP E 185 6.98 -4.11 -19.66
CA ASP E 185 6.48 -3.08 -20.56
C ASP E 185 6.39 -1.76 -19.80
N CYS E 186 6.92 -0.69 -20.41
CA CYS E 186 6.88 0.63 -19.81
C CYS E 186 6.22 1.62 -20.77
N TYR E 187 5.60 2.65 -20.21
CA TYR E 187 4.81 3.61 -20.96
C TYR E 187 5.49 4.97 -20.94
N VAL E 188 5.55 5.61 -22.10
CA VAL E 188 6.18 6.93 -22.23
C VAL E 188 5.16 8.00 -21.89
N SER E 189 5.61 9.02 -21.16
CA SER E 189 4.75 10.13 -20.77
C SER E 189 4.66 11.16 -21.88
N ARG E 190 3.44 11.60 -22.20
CA ARG E 190 3.19 12.60 -23.22
C ARG E 190 3.80 12.24 -24.57
N PRO E 191 3.41 11.12 -25.18
CA PRO E 191 4.02 10.74 -26.46
C PRO E 191 3.50 11.53 -27.65
N THR E 192 2.42 12.30 -27.49
CA THR E 192 1.83 13.03 -28.61
C THR E 192 2.32 14.47 -28.69
N GLU E 193 2.25 15.21 -27.58
CA GLU E 193 2.72 16.59 -27.57
C GLU E 193 4.23 16.67 -27.82
N LYS E 194 4.99 15.73 -27.28
CA LYS E 194 6.43 15.67 -27.53
C LYS E 194 6.73 15.50 -29.02
N SER E 195 5.91 14.74 -29.74
CA SER E 195 6.07 14.60 -31.18
C SER E 195 5.54 15.80 -31.96
N LEU E 196 4.67 16.61 -31.36
CA LEU E 196 4.22 17.85 -31.98
C LEU E 196 5.26 18.96 -31.87
N LEU E 197 6.00 19.02 -30.76
CA LEU E 197 7.09 19.97 -30.63
C LEU E 197 8.29 19.62 -31.51
N MET E 198 8.52 18.32 -31.73
CA MET E 198 9.60 17.88 -32.60
C MET E 198 9.44 18.42 -34.01
N LEU E 199 8.23 18.36 -34.55
CA LEU E 199 7.99 18.84 -35.90
C LEU E 199 8.17 20.35 -36.00
N PHE E 200 7.70 21.10 -34.99
CA PHE E 200 7.87 22.54 -34.99
C PHE E 200 9.36 22.91 -34.98
N LEU E 201 10.14 22.28 -34.11
CA LEU E 201 11.57 22.56 -34.07
C LEU E 201 12.31 22.10 -35.33
N TRP E 202 11.93 20.96 -35.91
CA TRP E 202 12.50 20.54 -37.18
C TRP E 202 12.23 21.53 -38.29
N ALA E 203 11.00 22.03 -38.40
CA ALA E 203 10.67 23.03 -39.40
C ALA E 203 11.44 24.33 -39.18
N VAL E 204 11.56 24.77 -37.92
CA VAL E 204 12.31 25.99 -37.64
C VAL E 204 13.77 25.83 -38.05
N SER E 205 14.38 24.70 -37.70
CA SER E 205 15.77 24.46 -38.08
C SER E 205 15.95 24.40 -39.59
N ALA E 206 15.06 23.69 -40.29
CA ALA E 206 15.15 23.60 -41.74
C ALA E 206 15.00 24.95 -42.41
N LEU E 207 14.06 25.78 -41.94
CA LEU E 207 13.89 27.12 -42.49
C LEU E 207 15.10 28.01 -42.21
N SER E 208 15.69 27.91 -41.01
CA SER E 208 16.87 28.71 -40.71
C SER E 208 18.11 28.25 -41.47
N PHE E 209 18.18 26.97 -41.86
CA PHE E 209 19.33 26.49 -42.61
C PHE E 209 19.40 27.12 -44.00
N LEU E 210 18.26 27.37 -44.64
CA LEU E 210 18.23 27.98 -45.96
C LEU E 210 18.41 29.49 -45.93
N LEU E 211 18.27 30.12 -44.77
CA LEU E 211 18.53 31.55 -44.65
C LEU E 211 20.02 31.87 -44.71
N GLY E 212 20.87 30.99 -44.19
CA GLY E 212 22.31 31.14 -44.34
C GLY E 212 22.85 30.68 -45.66
N LEU E 213 22.07 29.92 -46.43
CA LEU E 213 22.45 29.52 -47.78
C LEU E 213 22.06 30.55 -48.82
N ALA E 214 20.99 31.30 -48.59
CA ALA E 214 20.61 32.40 -49.47
C ALA E 214 21.43 33.65 -49.23
N ASP E 215 22.16 33.73 -48.12
CA ASP E 215 23.02 34.85 -47.81
C ASP E 215 24.45 34.65 -48.30
N LEU E 216 24.98 33.44 -48.16
CA LEU E 216 26.33 33.13 -48.63
C LEU E 216 26.48 33.21 -50.13
N VAL E 217 25.52 32.67 -50.90
CA VAL E 217 25.59 32.67 -52.35
C VAL E 217 25.29 34.06 -52.92
N CYS E 218 24.85 34.99 -52.08
CA CYS E 218 24.71 36.39 -52.45
C CYS E 218 25.94 37.21 -52.10
N SER E 219 26.50 37.00 -50.91
CA SER E 219 27.73 37.69 -50.52
C SER E 219 28.89 37.28 -51.42
N LEU E 220 29.01 35.99 -51.74
CA LEU E 220 30.08 35.56 -52.64
C LEU E 220 29.93 36.16 -54.03
N ARG E 221 28.70 36.20 -54.53
CA ARG E 221 28.44 36.77 -55.85
C ARG E 221 28.62 38.28 -55.88
N ARG E 222 28.42 38.96 -54.76
CA ARG E 222 28.62 40.41 -54.68
C ARG E 222 30.08 40.80 -54.50
N ARG E 223 30.84 40.05 -53.70
CA ARG E 223 32.24 40.40 -53.47
C ARG E 223 33.05 40.32 -54.75
N MET E 224 32.84 39.28 -55.56
CA MET E 224 33.55 39.16 -56.83
C MET E 224 33.13 40.23 -57.83
N ARG E 225 31.87 40.68 -57.78
CA ARG E 225 31.42 41.73 -58.67
C ARG E 225 32.14 43.05 -58.38
N ARG E 226 32.31 43.38 -57.10
CA ARG E 226 32.99 44.62 -56.71
C ARG E 226 34.49 44.37 -56.60
N ARG E 227 35.08 43.99 -57.72
CA ARG E 227 36.52 43.71 -57.81
C ARG E 227 36.97 43.78 -59.26
N PRO E 228 37.20 44.99 -59.80
CA PRO E 228 37.62 45.08 -61.20
C PRO E 228 39.06 44.63 -61.40
N GLY E 229 39.26 43.32 -61.44
CA GLY E 229 40.59 42.76 -61.62
C GLY E 229 40.94 41.71 -60.59
N GLY F 3 -32.18 -72.80 25.87
CA GLY F 3 -32.38 -71.53 25.20
C GLY F 3 -31.10 -70.79 24.92
N VAL F 4 -31.13 -69.93 23.89
CA VAL F 4 -29.98 -69.14 23.49
C VAL F 4 -30.43 -67.70 23.27
N ASP F 5 -29.48 -66.78 23.34
CA ASP F 5 -29.77 -65.37 23.10
C ASP F 5 -29.88 -65.10 21.61
N LEU F 6 -29.98 -63.82 21.21
CA LEU F 6 -30.03 -63.50 19.80
C LEU F 6 -29.07 -62.36 19.46
N LEU F 7 -28.50 -61.71 20.46
CA LEU F 7 -27.42 -60.76 20.22
C LEU F 7 -26.19 -61.53 19.74
N GLY F 8 -26.00 -62.74 20.27
CA GLY F 8 -24.93 -63.58 19.78
C GLY F 8 -25.22 -64.15 18.40
N PHE F 9 -26.43 -64.67 18.20
CA PHE F 9 -26.81 -65.22 16.91
C PHE F 9 -26.74 -64.18 15.80
N LEU F 10 -26.85 -62.90 16.14
CA LEU F 10 -26.73 -61.82 15.16
C LEU F 10 -25.29 -61.52 14.78
N ILE F 11 -24.32 -62.14 15.45
CA ILE F 11 -22.91 -61.93 15.13
C ILE F 11 -22.32 -63.09 14.33
N ILE F 12 -22.64 -64.35 14.67
CA ILE F 12 -22.16 -65.46 13.87
C ILE F 12 -22.70 -65.36 12.44
N THR F 13 -23.96 -64.97 12.30
CA THR F 13 -24.52 -64.77 10.97
C THR F 13 -23.72 -63.76 10.17
N LEU F 14 -23.22 -62.72 10.82
CA LEU F 14 -22.41 -61.71 10.14
C LEU F 14 -20.94 -62.12 10.06
N ASN F 15 -20.47 -62.96 10.97
CA ASN F 15 -19.06 -63.35 11.04
C ASN F 15 -18.88 -64.74 10.41
N CYS F 16 -19.86 -65.14 9.59
CA CYS F 16 -19.73 -66.35 8.78
C CYS F 16 -19.98 -66.10 7.30
N ASN F 17 -20.33 -64.88 6.92
CA ASN F 17 -20.53 -64.53 5.51
C ASN F 17 -19.47 -63.59 4.98
N VAL F 18 -18.53 -63.15 5.81
CA VAL F 18 -17.45 -62.26 5.42
C VAL F 18 -16.15 -63.01 5.57
N THR F 19 -15.36 -63.06 4.49
CA THR F 19 -14.10 -63.80 4.51
C THR F 19 -13.04 -63.01 5.27
N MET F 20 -11.92 -63.69 5.54
CA MET F 20 -10.80 -63.03 6.23
C MET F 20 -10.22 -61.90 5.38
N VAL F 21 -10.11 -62.12 4.07
CA VAL F 21 -9.61 -61.09 3.17
C VAL F 21 -10.54 -59.88 3.19
N GLY F 22 -11.85 -60.12 3.16
CA GLY F 22 -12.81 -59.05 3.25
C GLY F 22 -12.83 -58.36 4.59
N LYS F 23 -12.54 -59.08 5.68
CA LYS F 23 -12.45 -58.47 6.99
C LYS F 23 -11.22 -57.57 7.11
N LEU F 24 -10.11 -58.00 6.51
CA LEU F 24 -8.87 -57.22 6.49
C LEU F 24 -8.92 -56.03 5.54
N TRP F 25 -9.65 -56.13 4.43
CA TRP F 25 -9.84 -55.01 3.54
C TRP F 25 -10.54 -53.85 4.22
N PHE F 26 -11.59 -54.15 5.01
CA PHE F 26 -12.31 -53.10 5.72
C PHE F 26 -11.40 -52.38 6.71
N VAL F 27 -10.53 -53.13 7.40
CA VAL F 27 -9.59 -52.52 8.32
C VAL F 27 -8.59 -51.65 7.58
N LEU F 28 -8.08 -52.13 6.44
CA LEU F 28 -7.03 -51.38 5.75
C LEU F 28 -7.57 -50.11 5.11
N THR F 29 -8.53 -50.22 4.19
CA THR F 29 -9.00 -48.99 3.54
C THR F 29 -10.11 -48.31 4.32
N MET F 30 -9.92 -48.18 5.63
CA MET F 30 -10.68 -47.25 6.46
C MET F 30 -9.81 -46.48 7.43
N LEU F 31 -8.64 -47.01 7.80
CA LEU F 31 -7.68 -46.33 8.66
C LEU F 31 -6.56 -45.65 7.89
N LEU F 32 -6.23 -46.15 6.71
CA LEU F 32 -5.19 -45.57 5.86
C LEU F 32 -5.76 -44.79 4.68
N ARG F 33 -7.07 -44.85 4.45
CA ARG F 33 -7.68 -44.16 3.32
C ARG F 33 -8.67 -43.09 3.77
N MET F 34 -9.63 -43.44 4.61
CA MET F 34 -10.63 -42.49 5.07
C MET F 34 -10.14 -41.59 6.20
N LEU F 35 -9.01 -41.93 6.83
CA LEU F 35 -8.45 -41.12 7.89
C LEU F 35 -7.39 -40.14 7.39
N VAL F 36 -6.55 -40.55 6.45
CA VAL F 36 -5.57 -39.64 5.87
C VAL F 36 -6.25 -38.54 5.07
N ILE F 37 -7.35 -38.85 4.40
CA ILE F 37 -8.08 -37.85 3.63
C ILE F 37 -8.65 -36.77 4.56
N VAL F 38 -9.21 -37.18 5.70
CA VAL F 38 -9.87 -36.24 6.59
C VAL F 38 -8.85 -35.46 7.42
N LEU F 39 -7.92 -36.17 8.06
CA LEU F 39 -6.99 -35.52 8.98
C LEU F 39 -5.80 -34.88 8.29
N ALA F 40 -5.27 -35.49 7.23
CA ALA F 40 -4.09 -34.98 6.55
C ALA F 40 -4.37 -34.32 5.22
N GLY F 41 -5.58 -34.45 4.69
CA GLY F 41 -5.91 -33.84 3.41
C GLY F 41 -6.49 -32.46 3.53
N ARG F 42 -7.35 -32.25 4.54
CA ARG F 42 -7.96 -30.94 4.74
C ARG F 42 -6.94 -29.86 5.07
N PRO F 43 -5.98 -30.05 5.99
CA PRO F 43 -5.00 -28.98 6.24
C PRO F 43 -4.15 -28.62 5.03
N VAL F 44 -3.85 -29.58 4.16
CA VAL F 44 -2.99 -29.29 3.00
C VAL F 44 -3.72 -28.41 2.00
N TYR F 45 -5.01 -28.68 1.77
CA TYR F 45 -5.78 -28.00 0.74
C TYR F 45 -6.63 -26.87 1.30
N GLN F 46 -6.14 -26.17 2.33
CA GLN F 46 -6.93 -25.11 2.93
C GLN F 46 -6.67 -23.74 2.31
N ASP F 47 -5.42 -23.45 1.95
CA ASP F 47 -5.04 -22.16 1.37
C ASP F 47 -4.70 -22.31 -0.11
N GLU F 48 -5.45 -23.15 -0.83
CA GLU F 48 -5.22 -23.33 -2.25
C GLU F 48 -5.52 -22.07 -3.04
N GLN F 49 -6.58 -21.35 -2.69
CA GLN F 49 -6.93 -20.10 -3.35
C GLN F 49 -6.37 -18.88 -2.64
N GLU F 50 -6.23 -18.94 -1.32
CA GLU F 50 -5.71 -17.80 -0.57
C GLU F 50 -4.29 -17.45 -0.99
N ARG F 51 -3.46 -18.47 -1.24
CA ARG F 51 -2.07 -18.28 -1.63
C ARG F 51 -1.83 -18.80 -3.04
N PHE F 52 -2.75 -18.52 -3.95
CA PHE F 52 -2.57 -18.75 -5.38
C PHE F 52 -2.25 -17.39 -5.98
N VAL F 53 -0.96 -17.05 -6.00
CA VAL F 53 -0.51 -15.69 -6.27
C VAL F 53 -0.36 -15.51 -7.77
N CYS F 54 -1.02 -14.48 -8.30
CA CYS F 54 -0.90 -14.09 -9.70
C CYS F 54 -0.23 -12.73 -9.82
N ASN F 55 0.39 -12.50 -10.97
CA ASN F 55 1.16 -11.28 -11.22
C ASN F 55 0.25 -10.24 -11.86
N THR F 56 -0.63 -9.67 -11.04
CA THR F 56 -1.58 -8.67 -11.52
C THR F 56 -2.03 -7.82 -10.36
N LEU F 57 -2.61 -6.65 -10.69
CA LEU F 57 -3.17 -5.75 -9.70
C LEU F 57 -4.63 -5.41 -9.94
N GLN F 58 -5.18 -5.78 -11.09
CA GLN F 58 -6.57 -5.46 -11.40
C GLN F 58 -7.49 -6.39 -10.61
N PRO F 59 -8.45 -5.86 -9.85
CA PRO F 59 -9.37 -6.72 -9.11
C PRO F 59 -10.16 -7.63 -10.03
N GLY F 60 -10.38 -8.86 -9.57
CA GLY F 60 -11.17 -9.83 -10.29
C GLY F 60 -10.39 -10.77 -11.19
N CYS F 61 -9.12 -10.47 -11.47
CA CYS F 61 -8.33 -11.36 -12.32
C CYS F 61 -7.91 -12.63 -11.60
N ALA F 62 -7.52 -12.52 -10.33
CA ALA F 62 -7.11 -13.68 -9.54
C ALA F 62 -8.25 -14.64 -9.26
N ASN F 63 -9.50 -14.18 -9.30
CA ASN F 63 -10.64 -15.06 -9.14
C ASN F 63 -10.94 -15.84 -10.41
N VAL F 64 -10.98 -15.16 -11.55
CA VAL F 64 -11.30 -15.84 -12.81
C VAL F 64 -10.16 -16.77 -13.21
N CYS F 65 -8.91 -16.42 -12.87
CA CYS F 65 -7.79 -17.29 -13.20
C CYS F 65 -7.84 -18.58 -12.38
N TYR F 66 -8.14 -18.48 -11.08
CA TYR F 66 -8.25 -19.67 -10.26
C TYR F 66 -9.46 -20.51 -10.63
N ASP F 67 -10.55 -19.87 -11.05
CA ASP F 67 -11.73 -20.64 -11.45
C ASP F 67 -11.49 -21.45 -12.70
N VAL F 68 -10.54 -21.06 -13.55
CA VAL F 68 -10.18 -21.86 -14.70
C VAL F 68 -9.06 -22.85 -14.37
N PHE F 69 -8.19 -22.51 -13.41
CA PHE F 69 -7.12 -23.43 -13.03
C PHE F 69 -7.68 -24.74 -12.51
N SER F 70 -8.59 -24.68 -11.54
CA SER F 70 -9.15 -25.86 -10.89
C SER F 70 -10.67 -25.75 -10.84
N PRO F 71 -11.37 -26.28 -11.84
CA PRO F 71 -12.84 -26.31 -11.76
C PRO F 71 -13.35 -27.11 -10.57
N VAL F 72 -12.79 -28.29 -10.34
CA VAL F 72 -13.10 -29.11 -9.17
C VAL F 72 -11.79 -29.56 -8.55
N SER F 73 -11.69 -29.39 -7.23
CA SER F 73 -10.49 -29.82 -6.51
C SER F 73 -10.48 -31.34 -6.39
N HIS F 74 -9.29 -31.89 -6.20
CA HIS F 74 -9.15 -33.33 -6.03
C HIS F 74 -9.32 -33.80 -4.59
N LEU F 75 -9.42 -32.88 -3.63
CA LEU F 75 -9.84 -33.28 -2.29
C LEU F 75 -11.29 -33.74 -2.30
N ARG F 76 -12.17 -32.96 -2.94
CA ARG F 76 -13.56 -33.37 -3.10
C ARG F 76 -13.69 -34.64 -3.93
N PHE F 77 -12.86 -34.76 -4.98
CA PHE F 77 -12.85 -35.99 -5.77
C PHE F 77 -12.45 -37.18 -4.93
N TRP F 78 -11.41 -37.04 -4.10
CA TRP F 78 -11.01 -38.13 -3.22
C TRP F 78 -12.12 -38.51 -2.26
N LEU F 79 -12.77 -37.51 -1.67
CA LEU F 79 -13.85 -37.79 -0.72
C LEU F 79 -15.00 -38.54 -1.39
N ILE F 80 -15.43 -38.05 -2.57
CA ILE F 80 -16.56 -38.68 -3.26
C ILE F 80 -16.20 -40.10 -3.71
N GLN F 81 -14.97 -40.28 -4.21
CA GLN F 81 -14.56 -41.61 -4.65
C GLN F 81 -14.47 -42.59 -3.48
N GLY F 82 -13.96 -42.13 -2.34
CA GLY F 82 -13.85 -43.01 -1.19
C GLY F 82 -15.18 -43.29 -0.49
N VAL F 83 -16.15 -42.38 -0.61
CA VAL F 83 -17.45 -42.62 -0.01
C VAL F 83 -18.31 -43.55 -0.86
N CYS F 84 -18.16 -43.50 -2.19
CA CYS F 84 -18.97 -44.31 -3.09
C CYS F 84 -18.50 -45.76 -3.16
N VAL F 85 -17.32 -46.07 -2.62
CA VAL F 85 -16.85 -47.45 -2.59
C VAL F 85 -17.32 -48.17 -1.32
N LEU F 86 -17.47 -47.44 -0.22
CA LEU F 86 -18.00 -48.00 1.02
C LEU F 86 -19.52 -48.19 0.97
N LEU F 87 -20.19 -47.69 -0.07
CA LEU F 87 -21.64 -47.80 -0.13
C LEU F 87 -22.10 -49.23 -0.41
N PRO F 88 -21.54 -49.98 -1.36
CA PRO F 88 -21.98 -51.37 -1.54
C PRO F 88 -21.76 -52.24 -0.32
N SER F 89 -20.81 -51.90 0.54
CA SER F 89 -20.54 -52.69 1.74
C SER F 89 -21.55 -52.42 2.86
N ALA F 90 -22.32 -51.34 2.77
CA ALA F 90 -23.35 -51.04 3.77
C ALA F 90 -24.71 -51.61 3.41
N VAL F 91 -25.06 -51.64 2.12
CA VAL F 91 -26.32 -52.24 1.71
C VAL F 91 -26.34 -53.73 2.04
N PHE F 92 -25.25 -54.43 1.75
CA PHE F 92 -25.16 -55.85 2.11
C PHE F 92 -25.23 -56.05 3.62
N SER F 93 -24.55 -55.19 4.38
CA SER F 93 -24.57 -55.31 5.83
C SER F 93 -25.99 -55.13 6.39
N VAL F 94 -26.70 -54.11 5.93
CA VAL F 94 -28.07 -53.91 6.43
C VAL F 94 -29.02 -55.00 5.93
N TYR F 95 -28.82 -55.52 4.71
CA TYR F 95 -29.64 -56.63 4.24
C TYR F 95 -29.43 -57.88 5.09
N VAL F 96 -28.19 -58.16 5.47
CA VAL F 96 -27.92 -59.34 6.28
C VAL F 96 -28.60 -59.23 7.64
N LEU F 97 -28.55 -58.06 8.27
CA LEU F 97 -29.22 -57.89 9.57
C LEU F 97 -30.73 -57.89 9.42
N HIS F 98 -31.26 -57.32 8.34
CA HIS F 98 -32.70 -57.35 8.14
C HIS F 98 -33.21 -58.77 7.94
N ARG F 99 -32.49 -59.59 7.18
CA ARG F 99 -32.93 -60.95 6.93
C ARG F 99 -32.67 -61.89 8.11
N GLY F 100 -31.57 -61.70 8.83
CA GLY F 100 -31.25 -62.58 9.93
C GLY F 100 -32.13 -62.42 11.15
N ALA F 101 -32.48 -61.18 11.49
CA ALA F 101 -33.32 -60.91 12.65
C ALA F 101 -34.79 -61.19 12.37
N THR F 102 -35.19 -61.28 11.11
CA THR F 102 -36.55 -61.63 10.73
C THR F 102 -36.73 -63.12 10.53
N LEU F 103 -35.66 -63.91 10.68
CA LEU F 103 -35.73 -65.35 10.52
C LEU F 103 -35.80 -66.09 11.85
N ALA F 104 -35.22 -65.54 12.92
CA ALA F 104 -35.29 -66.17 14.23
C ALA F 104 -36.60 -65.88 14.96
N ALA F 105 -37.36 -64.88 14.52
CA ALA F 105 -38.63 -64.57 15.16
C ALA F 105 -39.63 -65.72 14.99
N LEU F 106 -39.70 -66.29 13.79
CA LEU F 106 -40.62 -67.40 13.55
C LEU F 106 -40.13 -68.67 14.24
N GLY F 107 -38.82 -68.86 14.33
CA GLY F 107 -38.25 -70.03 14.95
C GLY F 107 -38.20 -71.22 14.02
N PRO F 108 -37.72 -72.36 14.53
CA PRO F 108 -37.60 -73.60 13.74
C PRO F 108 -38.95 -74.14 13.29
N GLY F 133 -23.56 -76.64 16.80
CA GLY F 133 -24.62 -77.11 15.93
C GLY F 133 -25.72 -76.08 15.74
N LEU F 134 -25.36 -74.93 15.17
CA LEU F 134 -26.32 -73.86 14.94
C LEU F 134 -26.97 -74.03 13.57
N GLN F 135 -27.78 -73.06 13.16
CA GLN F 135 -28.50 -73.07 11.90
C GLN F 135 -28.35 -71.73 11.19
N VAL F 136 -27.10 -71.25 11.11
CA VAL F 136 -26.83 -69.93 10.52
C VAL F 136 -27.20 -69.94 9.05
N PRO F 137 -27.96 -68.96 8.57
CA PRO F 137 -28.29 -68.91 7.14
C PRO F 137 -27.07 -68.60 6.28
N ASP F 138 -27.18 -68.99 5.01
CA ASP F 138 -26.07 -68.89 4.06
C ASP F 138 -26.41 -67.78 3.08
N PHE F 139 -25.84 -66.60 3.30
CA PHE F 139 -25.88 -65.51 2.32
C PHE F 139 -24.58 -65.45 1.53
N SER F 140 -24.29 -66.53 0.79
CA SER F 140 -23.08 -66.56 -0.02
C SER F 140 -23.32 -66.06 -1.44
N ALA F 141 -24.56 -66.14 -1.93
CA ALA F 141 -24.87 -65.64 -3.26
C ALA F 141 -24.91 -64.11 -3.29
N GLY F 142 -25.33 -63.47 -2.21
CA GLY F 142 -25.40 -62.03 -2.14
C GLY F 142 -24.10 -61.32 -1.87
N TYR F 143 -23.01 -62.08 -1.74
CA TYR F 143 -21.68 -61.52 -1.52
C TYR F 143 -20.91 -61.31 -2.81
N ILE F 144 -21.07 -62.22 -3.77
CA ILE F 144 -20.36 -62.12 -5.04
C ILE F 144 -20.83 -60.91 -5.83
N ILE F 145 -22.14 -60.64 -5.83
CA ILE F 145 -22.65 -59.48 -6.56
C ILE F 145 -22.14 -58.18 -5.94
N HIS F 146 -22.11 -58.10 -4.61
CA HIS F 146 -21.57 -56.91 -3.96
C HIS F 146 -20.08 -56.74 -4.25
N LEU F 147 -19.30 -57.83 -4.25
CA LEU F 147 -17.91 -57.76 -4.65
C LEU F 147 -17.73 -57.31 -6.09
N LEU F 148 -18.55 -57.80 -7.02
CA LEU F 148 -18.49 -57.41 -8.41
C LEU F 148 -18.81 -55.92 -8.61
N LEU F 149 -19.85 -55.43 -7.94
CA LEU F 149 -20.17 -54.01 -8.02
C LEU F 149 -19.07 -53.15 -7.44
N ARG F 150 -18.50 -53.56 -6.29
CA ARG F 150 -17.40 -52.81 -5.71
C ARG F 150 -16.19 -52.79 -6.62
N THR F 151 -15.88 -53.92 -7.26
CA THR F 151 -14.76 -53.97 -8.19
C THR F 151 -15.00 -53.08 -9.40
N LEU F 152 -16.21 -53.11 -9.96
CA LEU F 152 -16.52 -52.27 -11.11
C LEU F 152 -16.55 -50.78 -10.77
N LEU F 153 -16.81 -50.42 -9.52
CA LEU F 153 -16.82 -49.01 -9.13
C LEU F 153 -15.43 -48.42 -8.97
N GLU F 154 -14.38 -49.24 -8.92
CA GLU F 154 -13.02 -48.72 -8.76
C GLU F 154 -12.34 -48.42 -10.10
N ALA F 155 -12.59 -49.25 -11.11
CA ALA F 155 -11.97 -49.03 -12.42
C ALA F 155 -12.41 -47.72 -13.03
N ALA F 156 -13.71 -47.40 -12.95
CA ALA F 156 -14.21 -46.16 -13.52
C ALA F 156 -13.61 -44.95 -12.83
N PHE F 157 -13.53 -44.98 -11.49
CA PHE F 157 -12.96 -43.87 -10.75
C PHE F 157 -11.45 -43.76 -10.92
N GLY F 158 -10.77 -44.87 -11.24
CA GLY F 158 -9.36 -44.80 -11.56
C GLY F 158 -9.13 -44.19 -12.93
N ALA F 159 -9.95 -44.57 -13.91
CA ALA F 159 -9.84 -43.99 -15.24
C ALA F 159 -10.15 -42.50 -15.23
N LEU F 160 -11.21 -42.11 -14.50
CA LEU F 160 -11.53 -40.68 -14.38
C LEU F 160 -10.42 -39.92 -13.66
N HIS F 161 -9.85 -40.52 -12.61
CA HIS F 161 -8.74 -39.89 -11.90
C HIS F 161 -7.54 -39.69 -12.81
N TYR F 162 -7.20 -40.69 -13.63
CA TYR F 162 -6.10 -40.53 -14.57
C TYR F 162 -6.40 -39.43 -15.59
N PHE F 163 -7.60 -39.44 -16.17
CA PHE F 163 -7.92 -38.48 -17.22
C PHE F 163 -8.16 -37.06 -16.71
N LEU F 164 -8.38 -36.88 -15.41
CA LEU F 164 -8.68 -35.56 -14.87
C LEU F 164 -7.48 -34.86 -14.25
N PHE F 165 -6.74 -35.55 -13.37
CA PHE F 165 -5.68 -34.91 -12.60
C PHE F 165 -4.27 -35.41 -12.91
N GLY F 166 -4.12 -36.57 -13.56
CA GLY F 166 -2.79 -37.05 -13.84
C GLY F 166 -2.13 -37.67 -12.62
N PHE F 167 -0.81 -37.53 -12.56
CA PHE F 167 -0.02 -38.16 -11.50
C PHE F 167 0.71 -37.17 -10.59
N LEU F 168 1.11 -36.01 -11.10
CA LEU F 168 1.86 -35.03 -10.31
C LEU F 168 1.25 -33.64 -10.52
N ALA F 169 1.46 -32.76 -9.51
CA ALA F 169 0.93 -31.40 -9.50
C ALA F 169 1.89 -30.43 -10.18
N PRO F 170 1.36 -29.48 -10.94
CA PRO F 170 2.22 -28.49 -11.59
C PRO F 170 2.65 -27.39 -10.61
N LYS F 171 3.54 -26.53 -11.09
CA LYS F 171 4.09 -25.45 -10.29
C LYS F 171 3.72 -24.05 -10.78
N LYS F 172 3.27 -23.92 -12.03
CA LYS F 172 2.93 -22.61 -12.59
C LYS F 172 1.74 -22.74 -13.53
N PHE F 173 1.07 -21.61 -13.76
CA PHE F 173 -0.10 -21.58 -14.62
C PHE F 173 -0.16 -20.30 -15.44
N PRO F 174 -0.25 -20.40 -16.77
CA PRO F 174 -0.51 -19.21 -17.59
C PRO F 174 -1.99 -18.93 -17.77
N CYS F 175 -2.41 -17.69 -17.52
CA CYS F 175 -3.81 -17.31 -17.54
C CYS F 175 -3.98 -16.08 -18.43
N THR F 176 -4.93 -16.16 -19.36
CA THR F 176 -5.19 -15.07 -20.30
C THR F 176 -6.65 -14.62 -20.33
N ARG F 177 -7.48 -15.11 -19.40
CA ARG F 177 -8.89 -14.74 -19.41
C ARG F 177 -9.07 -13.29 -19.00
N PRO F 178 -10.11 -12.62 -19.52
CA PRO F 178 -10.43 -11.27 -19.07
C PRO F 178 -10.90 -11.28 -17.62
N PRO F 179 -10.75 -10.16 -16.90
CA PRO F 179 -10.27 -8.84 -17.33
C PRO F 179 -8.75 -8.71 -17.30
N CYS F 180 -8.01 -9.80 -17.15
CA CYS F 180 -6.56 -9.73 -17.19
C CYS F 180 -6.07 -9.33 -18.57
N THR F 181 -5.09 -8.43 -18.60
CA THR F 181 -4.53 -7.93 -19.86
C THR F 181 -3.22 -8.64 -20.15
N GLY F 182 -3.11 -9.20 -21.36
CA GLY F 182 -1.92 -9.96 -21.72
C GLY F 182 -1.94 -11.36 -21.13
N VAL F 183 -0.75 -11.90 -20.90
CA VAL F 183 -0.58 -13.23 -20.32
C VAL F 183 -0.06 -13.06 -18.90
N VAL F 184 -0.78 -13.61 -17.94
CA VAL F 184 -0.41 -13.53 -16.53
C VAL F 184 0.11 -14.88 -16.08
N ASP F 185 1.08 -14.86 -15.16
CA ASP F 185 1.66 -16.07 -14.60
C ASP F 185 1.24 -16.20 -13.14
N CYS F 186 0.77 -17.38 -12.76
CA CYS F 186 0.35 -17.63 -11.39
C CYS F 186 1.09 -18.84 -10.84
N TYR F 187 1.27 -18.84 -9.52
CA TYR F 187 2.07 -19.83 -8.82
C TYR F 187 1.19 -20.70 -7.95
N VAL F 188 1.42 -22.01 -7.99
CA VAL F 188 0.64 -22.96 -7.20
C VAL F 188 1.28 -23.11 -5.83
N SER F 189 0.44 -23.17 -4.79
CA SER F 189 0.93 -23.32 -3.42
C SER F 189 1.17 -24.79 -3.09
N ARG F 190 2.31 -25.07 -2.46
CA ARG F 190 2.69 -26.42 -2.07
C ARG F 190 2.65 -27.42 -3.22
N PRO F 191 3.44 -27.19 -4.29
CA PRO F 191 3.40 -28.12 -5.43
C PRO F 191 4.10 -29.43 -5.18
N THR F 192 4.90 -29.55 -4.12
CA THR F 192 5.68 -30.77 -3.87
C THR F 192 4.97 -31.71 -2.89
N GLU F 193 4.51 -31.19 -1.76
CA GLU F 193 3.81 -32.02 -0.79
C GLU F 193 2.51 -32.57 -1.36
N LYS F 194 1.79 -31.75 -2.13
CA LYS F 194 0.57 -32.21 -2.80
C LYS F 194 0.85 -33.37 -3.74
N SER F 195 2.00 -33.38 -4.41
CA SER F 195 2.38 -34.49 -5.27
C SER F 195 2.92 -35.68 -4.49
N LEU F 196 3.36 -35.48 -3.25
CA LEU F 196 3.74 -36.59 -2.39
C LEU F 196 2.55 -37.32 -1.80
N LEU F 197 1.48 -36.60 -1.47
CA LEU F 197 0.24 -37.23 -1.01
C LEU F 197 -0.49 -37.96 -2.12
N MET F 198 -0.39 -37.47 -3.36
CA MET F 198 -1.02 -38.13 -4.50
C MET F 198 -0.49 -39.54 -4.69
N LEU F 199 0.84 -39.70 -4.61
CA LEU F 199 1.44 -41.02 -4.78
C LEU F 199 1.02 -41.98 -3.66
N PHE F 200 0.97 -41.49 -2.42
CA PHE F 200 0.54 -42.34 -1.31
C PHE F 200 -0.90 -42.82 -1.50
N LEU F 201 -1.81 -41.91 -1.86
CA LEU F 201 -3.19 -42.31 -2.11
C LEU F 201 -3.35 -43.20 -3.34
N TRP F 202 -2.59 -42.95 -4.41
CA TRP F 202 -2.60 -43.85 -5.56
C TRP F 202 -2.16 -45.25 -5.20
N ALA F 203 -1.08 -45.39 -4.43
CA ALA F 203 -0.63 -46.69 -3.98
C ALA F 203 -1.64 -47.38 -3.10
N VAL F 204 -2.28 -46.64 -2.18
CA VAL F 204 -3.29 -47.23 -1.31
C VAL F 204 -4.46 -47.75 -2.15
N SER F 205 -4.94 -46.95 -3.10
CA SER F 205 -6.04 -47.38 -3.96
C SER F 205 -5.66 -48.59 -4.80
N ALA F 206 -4.46 -48.60 -5.39
CA ALA F 206 -4.03 -49.74 -6.20
C ALA F 206 -3.91 -51.01 -5.37
N LEU F 207 -3.39 -50.91 -4.15
CA LEU F 207 -3.31 -52.07 -3.27
C LEU F 207 -4.68 -52.57 -2.84
N SER F 208 -5.62 -51.66 -2.56
CA SER F 208 -6.96 -52.07 -2.18
C SER F 208 -7.75 -52.66 -3.33
N PHE F 209 -7.43 -52.28 -4.58
CA PHE F 209 -8.15 -52.85 -5.72
C PHE F 209 -7.86 -54.33 -5.91
N LEU F 210 -6.64 -54.78 -5.61
CA LEU F 210 -6.27 -56.18 -5.75
C LEU F 210 -6.73 -57.03 -4.58
N LEU F 211 -7.12 -56.42 -3.46
CA LEU F 211 -7.66 -57.18 -2.34
C LEU F 211 -9.06 -57.70 -2.62
N GLY F 212 -9.88 -56.93 -3.34
CA GLY F 212 -11.18 -57.39 -3.78
C GLY F 212 -11.13 -58.31 -4.98
N LEU F 213 -10.02 -58.33 -5.72
CA LEU F 213 -9.84 -59.26 -6.82
C LEU F 213 -9.31 -60.62 -6.34
N ALA F 214 -8.54 -60.65 -5.26
CA ALA F 214 -8.09 -61.90 -4.67
C ALA F 214 -9.16 -62.57 -3.83
N ASP F 215 -10.23 -61.85 -3.49
CA ASP F 215 -11.35 -62.40 -2.73
C ASP F 215 -12.45 -62.94 -3.62
N LEU F 216 -12.75 -62.27 -4.73
CA LEU F 216 -13.78 -62.73 -5.66
C LEU F 216 -13.40 -64.03 -6.36
N VAL F 217 -12.16 -64.15 -6.83
CA VAL F 217 -11.71 -65.35 -7.54
C VAL F 217 -11.51 -66.52 -6.57
N CYS F 218 -11.59 -66.27 -5.27
CA CYS F 218 -11.59 -67.33 -4.28
C CYS F 218 -12.99 -67.73 -3.85
N SER F 219 -13.89 -66.75 -3.64
CA SER F 219 -15.27 -67.06 -3.32
C SER F 219 -15.96 -67.78 -4.49
N LEU F 220 -15.73 -67.33 -5.71
CA LEU F 220 -16.32 -67.99 -6.87
C LEU F 220 -15.81 -69.42 -7.00
N ARG F 221 -14.52 -69.63 -6.79
CA ARG F 221 -13.93 -70.97 -6.89
C ARG F 221 -14.38 -71.88 -5.76
N ARG F 222 -14.70 -71.32 -4.59
CA ARG F 222 -15.19 -72.10 -3.46
C ARG F 222 -16.66 -72.45 -3.57
N ARG F 223 -17.49 -71.54 -4.09
CA ARG F 223 -18.93 -71.80 -4.15
C ARG F 223 -19.23 -72.96 -5.10
N MET F 224 -18.57 -73.01 -6.26
CA MET F 224 -18.79 -74.11 -7.18
C MET F 224 -18.24 -75.43 -6.65
N ARG F 225 -17.19 -75.38 -5.84
CA ARG F 225 -16.65 -76.61 -5.24
C ARG F 225 -17.65 -77.24 -4.28
N ARG F 226 -18.31 -76.43 -3.45
CA ARG F 226 -19.30 -76.92 -2.50
C ARG F 226 -20.68 -76.98 -3.17
N ARG F 227 -20.76 -77.78 -4.22
CA ARG F 227 -22.00 -77.96 -4.96
C ARG F 227 -21.93 -79.26 -5.77
N PRO F 228 -22.17 -80.41 -5.13
CA PRO F 228 -22.11 -81.68 -5.88
C PRO F 228 -23.28 -81.85 -6.83
N GLY F 229 -23.21 -81.19 -7.98
CA GLY F 229 -24.26 -81.27 -8.97
C GLY F 229 -24.74 -79.91 -9.43
N GLY G 3 -36.74 -69.15 29.60
CA GLY G 3 -36.59 -67.71 29.67
C GLY G 3 -35.83 -67.13 28.50
N VAL G 4 -36.06 -65.85 28.22
CA VAL G 4 -35.41 -65.14 27.13
C VAL G 4 -34.93 -63.79 27.65
N ASP G 5 -33.96 -63.21 26.94
CA ASP G 5 -33.43 -61.91 27.29
C ASP G 5 -34.36 -60.80 26.81
N LEU G 6 -33.93 -59.53 26.90
CA LEU G 6 -34.77 -58.45 26.43
C LEU G 6 -33.99 -57.45 25.58
N LEU G 7 -32.67 -57.53 25.58
CA LEU G 7 -31.91 -56.75 24.60
C LEU G 7 -32.22 -57.28 23.21
N GLY G 8 -32.36 -58.60 23.09
CA GLY G 8 -32.74 -59.17 21.82
C GLY G 8 -34.15 -58.80 21.43
N PHE G 9 -35.11 -58.99 22.35
CA PHE G 9 -36.49 -58.64 22.07
C PHE G 9 -36.65 -57.17 21.72
N LEU G 10 -35.75 -56.30 22.19
CA LEU G 10 -35.78 -54.89 21.84
C LEU G 10 -35.28 -54.64 20.41
N ILE G 11 -34.71 -55.65 19.75
CA ILE G 11 -34.26 -55.51 18.39
C ILE G 11 -35.23 -56.11 17.38
N ILE G 12 -35.84 -57.26 17.67
CA ILE G 12 -36.84 -57.81 16.77
C ILE G 12 -38.02 -56.83 16.62
N THR G 13 -38.42 -56.19 17.73
CA THR G 13 -39.50 -55.22 17.66
C THR G 13 -39.16 -54.08 16.72
N LEU G 14 -37.92 -53.59 16.78
CA LEU G 14 -37.51 -52.50 15.90
C LEU G 14 -37.21 -52.98 14.49
N ASN G 15 -36.82 -54.24 14.31
CA ASN G 15 -36.45 -54.79 13.01
C ASN G 15 -37.63 -55.59 12.46
N CYS G 16 -38.83 -55.22 12.88
CA CYS G 16 -40.05 -55.76 12.30
C CYS G 16 -41.05 -54.69 11.91
N ASN G 17 -40.82 -53.43 12.29
CA ASN G 17 -41.69 -52.32 11.94
C ASN G 17 -41.09 -51.42 10.87
N VAL G 18 -39.86 -51.69 10.42
CA VAL G 18 -39.18 -50.90 9.41
C VAL G 18 -38.98 -51.78 8.19
N THR G 19 -39.42 -51.29 7.04
CA THR G 19 -39.32 -52.06 5.80
C THR G 19 -37.89 -51.99 5.26
N MET G 20 -37.63 -52.84 4.26
CA MET G 20 -36.32 -52.85 3.63
C MET G 20 -36.03 -51.54 2.92
N VAL G 21 -37.04 -50.97 2.24
CA VAL G 21 -36.88 -49.69 1.58
C VAL G 21 -36.55 -48.60 2.60
N GLY G 22 -37.26 -48.60 3.72
CA GLY G 22 -36.96 -47.64 4.77
C GLY G 22 -35.63 -47.87 5.46
N LYS G 23 -35.13 -49.12 5.44
CA LYS G 23 -33.81 -49.39 5.99
C LYS G 23 -32.71 -48.89 5.06
N LEU G 24 -32.89 -49.05 3.76
CA LEU G 24 -31.92 -48.56 2.79
C LEU G 24 -31.97 -47.04 2.60
N TRP G 25 -33.14 -46.42 2.78
CA TRP G 25 -33.23 -44.97 2.72
C TRP G 25 -32.38 -44.33 3.82
N PHE G 26 -32.41 -44.89 5.02
CA PHE G 26 -31.62 -44.35 6.12
C PHE G 26 -30.13 -44.42 5.82
N VAL G 27 -29.68 -45.53 5.23
CA VAL G 27 -28.27 -45.66 4.87
C VAL G 27 -27.90 -44.67 3.77
N LEU G 28 -28.74 -44.55 2.74
CA LEU G 28 -28.38 -43.70 1.61
C LEU G 28 -28.37 -42.23 1.99
N THR G 29 -29.43 -41.74 2.64
CA THR G 29 -29.46 -40.32 2.99
C THR G 29 -28.89 -40.03 4.38
N MET G 30 -27.77 -40.68 4.70
CA MET G 30 -26.93 -40.29 5.83
C MET G 30 -25.44 -40.39 5.51
N LEU G 31 -25.06 -41.12 4.47
CA LEU G 31 -23.68 -41.25 4.03
C LEU G 31 -23.38 -40.41 2.80
N LEU G 32 -24.38 -40.16 1.96
CA LEU G 32 -24.23 -39.34 0.77
C LEU G 32 -24.86 -37.96 0.91
N ARG G 33 -25.59 -37.70 1.99
CA ARG G 33 -26.25 -36.43 2.19
C ARG G 33 -25.73 -35.68 3.41
N MET G 34 -25.72 -36.31 4.58
CA MET G 34 -25.25 -35.66 5.80
C MET G 34 -23.73 -35.67 5.94
N LEU G 35 -23.03 -36.46 5.14
CA LEU G 35 -21.58 -36.50 5.17
C LEU G 35 -20.93 -35.58 4.16
N VAL G 36 -21.49 -35.48 2.95
CA VAL G 36 -20.97 -34.55 1.96
C VAL G 36 -21.17 -33.11 2.40
N ILE G 37 -22.28 -32.82 3.08
CA ILE G 37 -22.53 -31.47 3.56
C ILE G 37 -21.49 -31.06 4.59
N VAL G 38 -21.15 -31.97 5.51
CA VAL G 38 -20.23 -31.62 6.60
C VAL G 38 -18.78 -31.63 6.11
N LEU G 39 -18.37 -32.68 5.42
CA LEU G 39 -16.96 -32.84 5.03
C LEU G 39 -16.60 -32.07 3.77
N ALA G 40 -17.51 -31.98 2.80
CA ALA G 40 -17.20 -31.33 1.54
C ALA G 40 -17.89 -29.99 1.35
N GLY G 41 -18.86 -29.64 2.20
CA GLY G 41 -19.55 -28.37 2.06
C GLY G 41 -18.89 -27.25 2.84
N ARG G 42 -18.40 -27.56 4.04
CA ARG G 42 -17.73 -26.55 4.85
C ARG G 42 -16.46 -26.01 4.20
N PRO G 43 -15.54 -26.83 3.68
CA PRO G 43 -14.35 -26.26 3.03
C PRO G 43 -14.65 -25.38 1.84
N VAL G 44 -15.69 -25.69 1.07
CA VAL G 44 -16.00 -24.92 -0.13
C VAL G 44 -16.50 -23.53 0.25
N TYR G 45 -17.34 -23.43 1.28
CA TYR G 45 -17.98 -22.18 1.66
C TYR G 45 -17.27 -21.48 2.82
N GLN G 46 -15.95 -21.58 2.88
CA GLN G 46 -15.21 -20.97 3.98
C GLN G 46 -14.75 -19.55 3.67
N ASP G 47 -14.34 -19.28 2.44
CA ASP G 47 -13.85 -17.96 2.04
C ASP G 47 -14.85 -17.27 1.11
N GLU G 48 -16.14 -17.43 1.40
CA GLU G 48 -17.17 -16.80 0.57
C GLU G 48 -17.14 -15.28 0.71
N GLN G 49 -16.88 -14.76 1.91
CA GLN G 49 -16.79 -13.33 2.13
C GLN G 49 -15.36 -12.81 2.08
N GLU G 50 -14.38 -13.63 2.48
CA GLU G 50 -13.00 -13.20 2.49
C GLU G 50 -12.52 -12.88 1.07
N ARG G 51 -12.93 -13.68 0.09
CA ARG G 51 -12.54 -13.48 -1.29
C ARG G 51 -13.74 -13.13 -2.17
N PHE G 52 -14.62 -12.27 -1.65
CA PHE G 52 -15.69 -11.66 -2.43
C PHE G 52 -15.20 -10.25 -2.76
N VAL G 53 -14.49 -10.13 -3.88
CA VAL G 53 -13.72 -8.93 -4.20
C VAL G 53 -14.61 -7.95 -4.95
N CYS G 54 -14.70 -6.73 -4.43
CA CYS G 54 -15.40 -5.63 -5.08
C CYS G 54 -14.41 -4.59 -5.57
N ASN G 55 -14.85 -3.78 -6.53
CA ASN G 55 -14.00 -2.78 -7.18
C ASN G 55 -14.21 -1.45 -6.48
N THR G 56 -13.67 -1.34 -5.27
CA THR G 56 -13.80 -0.11 -4.48
C THR G 56 -12.67 -0.04 -3.46
N LEU G 57 -12.46 1.15 -2.92
CA LEU G 57 -11.47 1.37 -1.88
C LEU G 57 -12.04 2.00 -0.62
N GLN G 58 -13.31 2.42 -0.64
CA GLN G 58 -13.91 3.05 0.53
C GLN G 58 -14.24 1.99 1.57
N PRO G 59 -13.80 2.14 2.82
CA PRO G 59 -14.12 1.14 3.84
C PRO G 59 -15.63 1.03 4.06
N GLY G 60 -16.09 -0.19 4.29
CA GLY G 60 -17.48 -0.46 4.57
C GLY G 60 -18.34 -0.77 3.37
N CYS G 61 -17.84 -0.56 2.15
CA CYS G 61 -18.61 -0.87 0.96
C CYS G 61 -18.70 -2.38 0.70
N ALA G 62 -17.60 -3.11 0.90
CA ALA G 62 -17.56 -4.54 0.68
C ALA G 62 -18.42 -5.31 1.67
N ASN G 63 -18.57 -4.82 2.90
CA ASN G 63 -19.46 -5.45 3.87
C ASN G 63 -20.92 -5.27 3.48
N VAL G 64 -21.30 -4.03 3.12
CA VAL G 64 -22.69 -3.76 2.73
C VAL G 64 -23.06 -4.53 1.48
N CYS G 65 -22.17 -4.57 0.49
CA CYS G 65 -22.49 -5.26 -0.76
C CYS G 65 -22.67 -6.76 -0.54
N TYR G 66 -21.80 -7.36 0.28
CA TYR G 66 -21.93 -8.79 0.56
C TYR G 66 -23.17 -9.09 1.40
N ASP G 67 -23.54 -8.18 2.30
CA ASP G 67 -24.75 -8.40 3.10
C ASP G 67 -26.02 -8.37 2.25
N VAL G 68 -25.99 -7.71 1.11
CA VAL G 68 -27.14 -7.73 0.20
C VAL G 68 -27.03 -8.87 -0.80
N PHE G 69 -25.81 -9.28 -1.17
CA PHE G 69 -25.64 -10.38 -2.11
C PHE G 69 -26.25 -11.66 -1.56
N SER G 70 -25.90 -12.03 -0.32
CA SER G 70 -26.34 -13.28 0.29
C SER G 70 -26.86 -13.02 1.70
N PRO G 71 -28.16 -12.78 1.85
CA PRO G 71 -28.72 -12.65 3.21
C PRO G 71 -28.52 -13.90 4.05
N VAL G 72 -28.87 -15.06 3.50
CA VAL G 72 -28.63 -16.35 4.14
C VAL G 72 -27.90 -17.25 3.15
N SER G 73 -26.83 -17.88 3.60
CA SER G 73 -26.09 -18.80 2.76
C SER G 73 -26.85 -20.11 2.60
N HIS G 74 -26.55 -20.83 1.52
CA HIS G 74 -27.20 -22.10 1.26
C HIS G 74 -26.51 -23.28 1.93
N LEU G 75 -25.34 -23.08 2.54
CA LEU G 75 -24.80 -24.11 3.42
C LEU G 75 -25.67 -24.26 4.65
N ARG G 76 -26.05 -23.14 5.28
CA ARG G 76 -26.97 -23.18 6.40
C ARG G 76 -28.34 -23.72 5.99
N PHE G 77 -28.81 -23.35 4.80
CA PHE G 77 -30.08 -23.88 4.30
C PHE G 77 -30.01 -25.39 4.13
N TRP G 78 -28.91 -25.89 3.55
CA TRP G 78 -28.74 -27.34 3.41
C TRP G 78 -28.73 -28.03 4.77
N LEU G 79 -28.01 -27.45 5.75
CA LEU G 79 -27.96 -28.05 7.07
C LEU G 79 -29.34 -28.12 7.71
N ILE G 80 -30.07 -27.01 7.67
CA ILE G 80 -31.39 -26.96 8.31
C ILE G 80 -32.36 -27.91 7.61
N GLN G 81 -32.30 -27.96 6.27
CA GLN G 81 -33.21 -28.83 5.53
C GLN G 81 -32.89 -30.31 5.79
N GLY G 82 -31.61 -30.66 5.87
CA GLY G 82 -31.26 -32.05 6.14
C GLY G 82 -31.49 -32.49 7.57
N VAL G 83 -31.40 -31.56 8.52
CA VAL G 83 -31.68 -31.91 9.91
C VAL G 83 -33.18 -32.09 10.16
N CYS G 84 -34.02 -31.24 9.58
CA CYS G 84 -35.46 -31.29 9.82
C CYS G 84 -36.14 -32.48 9.15
N VAL G 85 -35.46 -33.19 8.26
CA VAL G 85 -36.05 -34.38 7.66
C VAL G 85 -35.76 -35.63 8.49
N LEU G 86 -34.62 -35.67 9.18
CA LEU G 86 -34.29 -36.76 10.08
C LEU G 86 -35.04 -36.68 11.40
N LEU G 87 -35.77 -35.58 11.65
CA LEU G 87 -36.47 -35.45 12.93
C LEU G 87 -37.69 -36.37 13.03
N PRO G 88 -38.55 -36.50 12.02
CA PRO G 88 -39.66 -37.46 12.16
C PRO G 88 -39.20 -38.90 12.34
N SER G 89 -38.03 -39.26 11.84
CA SER G 89 -37.52 -40.61 12.00
C SER G 89 -36.97 -40.90 13.39
N ALA G 90 -36.69 -39.87 14.18
CA ALA G 90 -36.22 -40.05 15.55
C ALA G 90 -37.34 -40.13 16.57
N VAL G 91 -38.42 -39.36 16.38
CA VAL G 91 -39.56 -39.43 17.28
C VAL G 91 -40.20 -40.82 17.24
N PHE G 92 -40.36 -41.38 16.03
CA PHE G 92 -40.91 -42.72 15.92
C PHE G 92 -40.00 -43.76 16.55
N SER G 93 -38.69 -43.63 16.35
CA SER G 93 -37.75 -44.57 16.95
C SER G 93 -37.82 -44.52 18.47
N VAL G 94 -37.87 -43.31 19.04
CA VAL G 94 -37.96 -43.18 20.49
C VAL G 94 -39.30 -43.69 21.01
N TYR G 95 -40.39 -43.49 20.27
CA TYR G 95 -41.69 -43.99 20.69
C TYR G 95 -41.73 -45.52 20.67
N VAL G 96 -41.12 -46.15 19.66
CA VAL G 96 -41.10 -47.61 19.61
C VAL G 96 -40.35 -48.18 20.79
N LEU G 97 -39.21 -47.60 21.16
CA LEU G 97 -38.46 -48.09 22.31
C LEU G 97 -39.17 -47.79 23.62
N HIS G 98 -39.84 -46.64 23.73
CA HIS G 98 -40.59 -46.34 24.95
C HIS G 98 -41.74 -47.33 25.14
N ARG G 99 -42.46 -47.67 24.08
CA ARG G 99 -43.60 -48.57 24.18
C ARG G 99 -43.19 -50.03 24.31
N GLY G 100 -42.13 -50.46 23.63
CA GLY G 100 -41.74 -51.86 23.65
C GLY G 100 -41.20 -52.34 24.97
N ALA G 101 -40.35 -51.54 25.63
CA ALA G 101 -39.76 -51.93 26.89
C ALA G 101 -40.70 -51.75 28.07
N THR G 102 -41.76 -50.97 27.91
CA THR G 102 -42.79 -50.80 28.93
C THR G 102 -43.87 -51.86 28.81
N LEU G 103 -43.80 -52.72 27.78
CA LEU G 103 -44.77 -53.78 27.58
C LEU G 103 -44.29 -55.14 28.09
N ALA G 104 -42.98 -55.39 28.07
CA ALA G 104 -42.44 -56.65 28.57
C ALA G 104 -42.27 -56.66 30.08
N ALA G 105 -42.32 -55.49 30.73
CA ALA G 105 -42.21 -55.45 32.18
C ALA G 105 -43.39 -56.14 32.86
N LEU G 106 -44.60 -55.89 32.36
CA LEU G 106 -45.78 -56.52 32.95
C LEU G 106 -45.83 -58.01 32.61
N GLY G 107 -45.35 -58.39 31.43
CA GLY G 107 -45.35 -59.77 31.02
C GLY G 107 -46.67 -60.20 30.43
N PRO G 108 -46.78 -61.49 30.04
CA PRO G 108 -47.99 -62.04 29.44
C PRO G 108 -49.18 -62.04 30.40
N GLY G 133 -41.88 -68.16 17.56
CA GLY G 133 -43.18 -67.91 18.13
C GLY G 133 -43.17 -66.82 19.18
N LEU G 134 -42.78 -65.62 18.78
CA LEU G 134 -42.70 -64.48 19.69
C LEU G 134 -44.04 -63.75 19.69
N GLN G 135 -44.09 -62.61 20.39
CA GLN G 135 -45.29 -61.79 20.53
C GLN G 135 -44.96 -60.33 20.28
N VAL G 136 -44.26 -60.06 19.18
CA VAL G 136 -43.81 -58.70 18.88
C VAL G 136 -45.00 -57.81 18.62
N PRO G 137 -45.08 -56.63 19.23
CA PRO G 137 -46.20 -55.72 18.96
C PRO G 137 -46.13 -55.15 17.55
N ASP G 138 -47.29 -54.68 17.08
CA ASP G 138 -47.46 -54.21 15.71
C ASP G 138 -47.66 -52.70 15.77
N PHE G 139 -46.60 -51.95 15.50
CA PHE G 139 -46.69 -50.50 15.31
C PHE G 139 -46.69 -50.15 13.83
N SER G 140 -47.73 -50.60 13.13
CA SER G 140 -47.84 -50.31 11.70
C SER G 140 -48.63 -49.04 11.42
N ALA G 141 -49.55 -48.66 12.31
CA ALA G 141 -50.31 -47.43 12.13
C ALA G 141 -49.45 -46.19 12.39
N GLY G 142 -48.46 -46.28 13.27
CA GLY G 142 -47.58 -45.17 13.56
C GLY G 142 -46.45 -44.98 12.58
N TYR G 143 -46.36 -45.82 11.56
CA TYR G 143 -45.34 -45.70 10.53
C TYR G 143 -45.81 -44.92 9.32
N ILE G 144 -47.08 -45.11 8.91
CA ILE G 144 -47.63 -44.37 7.78
C ILE G 144 -47.70 -42.88 8.08
N ILE G 145 -48.03 -42.52 9.32
CA ILE G 145 -48.12 -41.11 9.70
C ILE G 145 -46.74 -40.45 9.61
N HIS G 146 -45.71 -41.12 10.12
CA HIS G 146 -44.36 -40.57 10.03
C HIS G 146 -43.88 -40.49 8.60
N LEU G 147 -44.20 -41.48 7.77
CA LEU G 147 -43.89 -41.39 6.35
C LEU G 147 -44.59 -40.23 5.66
N LEU G 148 -45.87 -39.98 5.97
CA LEU G 148 -46.61 -38.86 5.42
C LEU G 148 -46.01 -37.52 5.83
N LEU G 149 -45.67 -37.37 7.11
CA LEU G 149 -45.05 -36.12 7.56
C LEU G 149 -43.69 -35.91 6.90
N ARG G 150 -42.89 -36.97 6.80
CA ARG G 150 -41.59 -36.84 6.14
C ARG G 150 -41.74 -36.48 4.67
N THR G 151 -42.72 -37.07 3.99
CA THR G 151 -42.97 -36.74 2.59
C THR G 151 -43.41 -35.29 2.43
N LEU G 152 -44.30 -34.82 3.31
CA LEU G 152 -44.76 -33.43 3.24
C LEU G 152 -43.67 -32.43 3.60
N LEU G 153 -42.68 -32.83 4.39
CA LEU G 153 -41.59 -31.92 4.74
C LEU G 153 -40.56 -31.74 3.63
N GLU G 154 -40.59 -32.55 2.58
CA GLU G 154 -39.62 -32.41 1.50
C GLU G 154 -40.12 -31.49 0.39
N ALA G 155 -41.42 -31.54 0.08
CA ALA G 155 -41.96 -30.69 -0.98
C ALA G 155 -41.82 -29.21 -0.65
N ALA G 156 -42.11 -28.83 0.61
CA ALA G 156 -42.00 -27.44 1.00
C ALA G 156 -40.56 -26.94 0.90
N PHE G 157 -39.61 -27.74 1.36
CA PHE G 157 -38.20 -27.37 1.30
C PHE G 157 -37.64 -27.39 -0.11
N GLY G 158 -38.22 -28.18 -1.01
CA GLY G 158 -37.84 -28.13 -2.40
C GLY G 158 -38.36 -26.88 -3.08
N ALA G 159 -39.61 -26.53 -2.79
CA ALA G 159 -40.17 -25.30 -3.34
C ALA G 159 -39.42 -24.06 -2.85
N LEU G 160 -39.11 -24.02 -1.56
CA LEU G 160 -38.35 -22.90 -1.02
C LEU G 160 -36.95 -22.85 -1.62
N HIS G 161 -36.30 -24.00 -1.79
CA HIS G 161 -34.98 -24.04 -2.42
C HIS G 161 -35.03 -23.53 -3.85
N TYR G 162 -36.05 -23.93 -4.62
CA TYR G 162 -36.18 -23.44 -5.98
C TYR G 162 -36.43 -21.94 -6.02
N PHE G 163 -37.28 -21.42 -5.13
CA PHE G 163 -37.61 -20.00 -5.15
C PHE G 163 -36.52 -19.11 -4.55
N LEU G 164 -35.58 -19.68 -3.79
CA LEU G 164 -34.56 -18.89 -3.11
C LEU G 164 -33.24 -18.84 -3.84
N PHE G 165 -32.71 -20.00 -4.25
CA PHE G 165 -31.36 -20.07 -4.81
C PHE G 165 -31.30 -20.48 -6.28
N GLY G 166 -32.35 -21.08 -6.82
CA GLY G 166 -32.29 -21.51 -8.21
C GLY G 166 -31.52 -22.80 -8.40
N PHE G 167 -30.86 -22.92 -9.55
CA PHE G 167 -30.15 -24.13 -9.92
C PHE G 167 -28.64 -23.95 -10.05
N LEU G 168 -28.17 -22.77 -10.47
CA LEU G 168 -26.76 -22.53 -10.68
C LEU G 168 -26.35 -21.21 -10.03
N ALA G 169 -25.05 -21.10 -9.69
CA ALA G 169 -24.49 -19.94 -9.02
C ALA G 169 -24.01 -18.90 -10.02
N PRO G 170 -24.21 -17.62 -9.73
CA PRO G 170 -23.74 -16.56 -10.64
C PRO G 170 -22.26 -16.31 -10.47
N LYS G 171 -21.73 -15.46 -11.35
CA LYS G 171 -20.31 -15.12 -11.35
C LYS G 171 -20.01 -13.66 -11.04
N LYS G 172 -21.00 -12.77 -11.13
CA LYS G 172 -20.78 -11.35 -10.89
C LYS G 172 -21.99 -10.76 -10.20
N PHE G 173 -21.78 -9.62 -9.54
CA PHE G 173 -22.85 -8.94 -8.81
C PHE G 173 -22.71 -7.42 -8.92
N PRO G 174 -23.75 -6.73 -9.41
CA PRO G 174 -23.74 -5.26 -9.37
C PRO G 174 -24.33 -4.72 -8.06
N CYS G 175 -23.60 -3.82 -7.40
CA CYS G 175 -23.97 -3.30 -6.09
C CYS G 175 -23.95 -1.78 -6.13
N THR G 176 -25.05 -1.15 -5.67
CA THR G 176 -25.16 0.29 -5.66
C THR G 176 -25.52 0.87 -4.29
N ARG G 177 -25.49 0.06 -3.23
CA ARG G 177 -25.87 0.54 -1.92
C ARG G 177 -24.81 1.49 -1.36
N PRO G 178 -25.21 2.47 -0.55
CA PRO G 178 -24.24 3.35 0.11
C PRO G 178 -23.41 2.57 1.12
N PRO G 179 -22.19 3.03 1.44
CA PRO G 179 -21.54 4.27 1.01
C PRO G 179 -20.82 4.16 -0.33
N CYS G 180 -21.05 3.09 -1.09
CA CYS G 180 -20.44 2.97 -2.40
C CYS G 180 -21.01 4.01 -3.36
N THR G 181 -20.12 4.62 -4.14
CA THR G 181 -20.50 5.67 -5.08
C THR G 181 -20.58 5.08 -6.49
N GLY G 182 -21.71 5.32 -7.16
CA GLY G 182 -21.91 4.77 -8.48
C GLY G 182 -22.34 3.31 -8.43
N VAL G 183 -21.96 2.56 -9.45
CA VAL G 183 -22.26 1.14 -9.56
C VAL G 183 -20.95 0.38 -9.45
N VAL G 184 -20.88 -0.53 -8.48
CA VAL G 184 -19.69 -1.33 -8.23
C VAL G 184 -19.93 -2.75 -8.70
N ASP G 185 -18.88 -3.39 -9.19
CA ASP G 185 -18.95 -4.77 -9.65
C ASP G 185 -18.15 -5.65 -8.68
N CYS G 186 -18.75 -6.76 -8.26
CA CYS G 186 -18.11 -7.69 -7.35
C CYS G 186 -18.11 -9.08 -7.96
N TYR G 187 -17.10 -9.87 -7.59
CA TYR G 187 -16.86 -11.17 -8.18
C TYR G 187 -17.08 -12.26 -7.14
N VAL G 188 -17.80 -13.31 -7.54
CA VAL G 188 -18.10 -14.43 -6.65
C VAL G 188 -16.95 -15.43 -6.69
N SER G 189 -16.59 -15.96 -5.53
CA SER G 189 -15.50 -16.92 -5.42
C SER G 189 -16.02 -18.33 -5.71
N ARG G 190 -15.28 -19.08 -6.52
CA ARG G 190 -15.62 -20.45 -6.89
C ARG G 190 -17.03 -20.58 -7.46
N PRO G 191 -17.36 -19.90 -8.55
CA PRO G 191 -18.72 -19.99 -9.10
C PRO G 191 -18.99 -21.29 -9.84
N THR G 192 -17.97 -22.09 -10.14
CA THR G 192 -18.16 -23.31 -10.92
C THR G 192 -18.31 -24.54 -10.03
N GLU G 193 -17.39 -24.74 -9.09
CA GLU G 193 -17.48 -25.88 -8.18
C GLU G 193 -18.72 -25.80 -7.30
N LYS G 194 -19.07 -24.61 -6.84
CA LYS G 194 -20.29 -24.41 -6.07
C LYS G 194 -21.52 -24.83 -6.86
N SER G 195 -21.54 -24.62 -8.17
CA SER G 195 -22.64 -25.07 -9.01
C SER G 195 -22.56 -26.56 -9.34
N LEU G 196 -21.39 -27.18 -9.21
CA LEU G 196 -21.26 -28.62 -9.37
C LEU G 196 -21.73 -29.39 -8.14
N LEU G 197 -21.56 -28.83 -6.94
CA LEU G 197 -22.10 -29.44 -5.74
C LEU G 197 -23.61 -29.28 -5.63
N MET G 198 -24.16 -28.19 -6.17
CA MET G 198 -25.61 -27.98 -6.16
C MET G 198 -26.33 -29.09 -6.92
N LEU G 199 -25.82 -29.46 -8.10
CA LEU G 199 -26.45 -30.50 -8.89
C LEU G 199 -26.40 -31.85 -8.18
N PHE G 200 -25.26 -32.17 -7.56
CA PHE G 200 -25.13 -33.42 -6.83
C PHE G 200 -26.14 -33.50 -5.69
N LEU G 201 -26.24 -32.43 -4.90
CA LEU G 201 -27.21 -32.41 -3.80
C LEU G 201 -28.65 -32.41 -4.28
N TRP G 202 -28.96 -31.71 -5.37
CA TRP G 202 -30.30 -31.76 -5.96
C TRP G 202 -30.66 -33.17 -6.39
N ALA G 203 -29.76 -33.86 -7.07
CA ALA G 203 -30.01 -35.24 -7.48
C ALA G 203 -30.20 -36.16 -6.28
N VAL G 204 -29.37 -36.00 -5.25
CA VAL G 204 -29.52 -36.84 -4.06
C VAL G 204 -30.88 -36.62 -3.41
N SER G 205 -31.29 -35.36 -3.26
CA SER G 205 -32.58 -35.06 -2.66
C SER G 205 -33.73 -35.60 -3.51
N ALA G 206 -33.67 -35.43 -4.83
CA ALA G 206 -34.72 -35.94 -5.70
C ALA G 206 -34.82 -37.46 -5.65
N LEU G 207 -33.68 -38.16 -5.63
CA LEU G 207 -33.69 -39.61 -5.50
C LEU G 207 -34.22 -40.07 -4.16
N SER G 208 -33.88 -39.37 -3.07
CA SER G 208 -34.40 -39.74 -1.76
C SER G 208 -35.89 -39.44 -1.60
N PHE G 209 -36.41 -38.46 -2.34
CA PHE G 209 -37.84 -38.15 -2.23
C PHE G 209 -38.71 -39.27 -2.77
N LEU G 210 -38.26 -39.97 -3.81
CA LEU G 210 -39.02 -41.08 -4.39
C LEU G 210 -38.87 -42.38 -3.60
N LEU G 211 -37.89 -42.47 -2.71
CA LEU G 211 -37.75 -43.64 -1.86
C LEU G 211 -38.82 -43.70 -0.78
N GLY G 212 -39.23 -42.55 -0.24
CA GLY G 212 -40.34 -42.49 0.67
C GLY G 212 -41.69 -42.55 0.03
N LEU G 213 -41.77 -42.33 -1.28
CA LEU G 213 -43.01 -42.47 -2.02
C LEU G 213 -43.23 -43.90 -2.50
N ALA G 214 -42.16 -44.65 -2.75
CA ALA G 214 -42.27 -46.06 -3.09
C ALA G 214 -42.49 -46.95 -1.87
N ASP G 215 -42.29 -46.41 -0.67
CA ASP G 215 -42.53 -47.15 0.57
C ASP G 215 -43.92 -46.91 1.13
N LEU G 216 -44.44 -45.69 1.05
CA LEU G 216 -45.77 -45.37 1.53
C LEU G 216 -46.87 -46.07 0.74
N VAL G 217 -46.78 -46.07 -0.59
CA VAL G 217 -47.79 -46.68 -1.43
C VAL G 217 -47.70 -48.21 -1.39
N CYS G 218 -46.66 -48.75 -0.77
CA CYS G 218 -46.57 -50.17 -0.50
C CYS G 218 -47.07 -50.54 0.88
N SER G 219 -46.72 -49.76 1.90
CA SER G 219 -47.24 -49.99 3.24
C SER G 219 -48.75 -49.81 3.29
N LEU G 220 -49.28 -48.78 2.63
CA LEU G 220 -50.72 -48.58 2.60
C LEU G 220 -51.43 -49.72 1.89
N ARG G 221 -50.88 -50.18 0.77
CA ARG G 221 -51.47 -51.28 0.02
C ARG G 221 -51.37 -52.60 0.77
N ARG G 222 -50.36 -52.79 1.61
CA ARG G 222 -50.21 -54.00 2.40
C ARG G 222 -51.09 -54.01 3.65
N ARG G 223 -51.26 -52.87 4.31
CA ARG G 223 -52.05 -52.84 5.53
C ARG G 223 -53.51 -53.19 5.27
N MET G 224 -54.09 -52.66 4.19
CA MET G 224 -55.47 -52.99 3.85
C MET G 224 -55.62 -54.44 3.42
N ARG G 225 -54.60 -55.02 2.78
CA ARG G 225 -54.65 -56.42 2.37
C ARG G 225 -54.75 -57.34 3.58
N ARG G 226 -53.96 -57.06 4.63
CA ARG G 226 -53.98 -57.87 5.85
C ARG G 226 -55.04 -57.34 6.81
N ARG G 227 -56.29 -57.37 6.35
CA ARG G 227 -57.42 -56.91 7.15
C ARG G 227 -58.70 -57.51 6.58
N PRO G 228 -59.03 -58.76 6.91
CA PRO G 228 -60.25 -59.38 6.37
C PRO G 228 -61.51 -58.79 7.02
N GLY G 229 -61.91 -57.61 6.57
CA GLY G 229 -63.09 -56.96 7.11
C GLY G 229 -62.83 -55.53 7.54
N GLY H 3 -33.85 -67.79 35.77
CA GLY H 3 -32.90 -66.69 35.82
C GLY H 3 -33.10 -65.66 34.73
N VAL H 4 -32.68 -64.42 35.00
CA VAL H 4 -32.79 -63.33 34.06
C VAL H 4 -31.44 -62.59 34.00
N ASP H 5 -31.22 -61.88 32.90
CA ASP H 5 -30.01 -61.08 32.74
C ASP H 5 -30.15 -59.77 33.50
N LEU H 6 -29.19 -58.86 33.34
CA LEU H 6 -29.30 -57.57 34.01
C LEU H 6 -28.90 -56.42 33.10
N LEU H 7 -28.51 -56.71 31.85
CA LEU H 7 -28.31 -55.64 30.89
C LEU H 7 -29.69 -55.18 30.42
N GLY H 8 -30.67 -56.09 30.48
CA GLY H 8 -32.04 -55.68 30.24
C GLY H 8 -32.63 -54.95 31.43
N PHE H 9 -32.49 -55.52 32.63
CA PHE H 9 -33.01 -54.91 33.84
C PHE H 9 -32.46 -53.51 34.07
N LEU H 10 -31.28 -53.20 33.54
CA LEU H 10 -30.72 -51.86 33.61
C LEU H 10 -31.38 -50.90 32.64
N ILE H 11 -32.23 -51.40 31.74
CA ILE H 11 -32.94 -50.56 30.79
C ILE H 11 -34.40 -50.34 31.18
N ILE H 12 -35.09 -51.37 31.68
CA ILE H 12 -36.46 -51.17 32.16
C ILE H 12 -36.48 -50.16 33.30
N THR H 13 -35.48 -50.24 34.19
CA THR H 13 -35.38 -49.28 35.28
C THR H 13 -35.23 -47.86 34.75
N LEU H 14 -34.41 -47.68 33.72
CA LEU H 14 -34.22 -46.35 33.15
C LEU H 14 -35.39 -45.93 32.25
N ASN H 15 -36.01 -46.88 31.56
CA ASN H 15 -37.16 -46.59 30.71
C ASN H 15 -38.42 -46.97 31.48
N CYS H 16 -38.51 -46.44 32.70
CA CYS H 16 -39.75 -46.44 33.46
C CYS H 16 -39.84 -45.21 34.36
N ASN H 17 -38.74 -44.48 34.53
CA ASN H 17 -38.71 -43.27 35.33
C ASN H 17 -38.68 -42.01 34.48
N VAL H 18 -38.63 -42.15 33.16
CA VAL H 18 -38.60 -41.02 32.24
C VAL H 18 -39.89 -41.05 31.44
N THR H 19 -40.61 -39.93 31.44
CA THR H 19 -41.90 -39.87 30.75
C THR H 19 -41.68 -39.70 29.24
N MET H 20 -42.77 -39.84 28.49
CA MET H 20 -42.70 -39.67 27.04
C MET H 20 -42.32 -38.24 26.68
N VAL H 21 -42.88 -37.26 27.40
CA VAL H 21 -42.52 -35.86 27.16
C VAL H 21 -41.05 -35.62 27.43
N GLY H 22 -40.53 -36.21 28.52
CA GLY H 22 -39.10 -36.10 28.81
C GLY H 22 -38.21 -36.84 27.82
N LYS H 23 -38.71 -37.93 27.24
CA LYS H 23 -37.96 -38.64 26.22
C LYS H 23 -37.91 -37.84 24.92
N LEU H 24 -39.01 -37.15 24.60
CA LEU H 24 -39.12 -36.32 23.41
C LEU H 24 -38.35 -35.01 23.52
N TRP H 25 -38.31 -34.41 24.70
CA TRP H 25 -37.50 -33.22 24.94
C TRP H 25 -36.02 -33.51 24.72
N PHE H 26 -35.55 -34.66 25.18
CA PHE H 26 -34.16 -35.04 24.99
C PHE H 26 -33.81 -35.14 23.51
N VAL H 27 -34.71 -35.72 22.72
CA VAL H 27 -34.46 -35.84 21.28
C VAL H 27 -34.46 -34.46 20.62
N LEU H 28 -35.44 -33.62 20.95
CA LEU H 28 -35.55 -32.32 20.27
C LEU H 28 -34.38 -31.40 20.63
N THR H 29 -34.11 -31.20 21.92
CA THR H 29 -33.09 -30.20 22.27
C THR H 29 -31.69 -30.78 22.34
N MET H 30 -31.34 -31.63 21.36
CA MET H 30 -29.95 -31.93 21.06
C MET H 30 -29.68 -32.05 19.55
N LEU H 31 -30.71 -32.23 18.74
CA LEU H 31 -30.59 -32.28 17.29
C LEU H 31 -30.87 -30.94 16.63
N LEU H 32 -31.70 -30.11 17.27
CA LEU H 32 -32.01 -28.78 16.76
C LEU H 32 -31.37 -27.67 17.58
N ARG H 33 -30.76 -28.00 18.71
CA ARG H 33 -30.13 -27.00 19.57
C ARG H 33 -28.63 -27.18 19.69
N MET H 34 -28.18 -28.38 20.08
CA MET H 34 -26.76 -28.65 20.25
C MET H 34 -26.05 -28.92 18.94
N LEU H 35 -26.78 -29.18 17.85
CA LEU H 35 -26.17 -29.43 16.55
C LEU H 35 -26.09 -28.18 15.70
N VAL H 36 -27.12 -27.33 15.74
CA VAL H 36 -27.08 -26.07 15.00
C VAL H 36 -26.02 -25.14 15.57
N ILE H 37 -25.83 -25.15 16.88
CA ILE H 37 -24.82 -24.31 17.51
C ILE H 37 -23.42 -24.71 17.05
N VAL H 38 -23.15 -26.00 16.97
CA VAL H 38 -21.81 -26.47 16.63
C VAL H 38 -21.57 -26.39 15.12
N LEU H 39 -22.45 -26.99 14.33
CA LEU H 39 -22.23 -27.07 12.89
C LEU H 39 -22.55 -25.78 12.16
N ALA H 40 -23.56 -25.03 12.58
CA ALA H 40 -23.98 -23.83 11.87
C ALA H 40 -23.62 -22.54 12.59
N GLY H 41 -23.22 -22.59 13.86
CA GLY H 41 -22.88 -21.39 14.58
C GLY H 41 -21.42 -21.02 14.46
N ARG H 42 -20.55 -22.03 14.48
CA ARG H 42 -19.11 -21.77 14.36
C ARG H 42 -18.72 -21.15 13.02
N PRO H 43 -19.18 -21.63 11.87
CA PRO H 43 -18.81 -20.97 10.60
C PRO H 43 -19.27 -19.53 10.51
N VAL H 44 -20.42 -19.19 11.09
CA VAL H 44 -20.94 -17.83 10.97
C VAL H 44 -20.08 -16.85 11.77
N TYR H 45 -19.64 -17.25 12.96
CA TYR H 45 -18.92 -16.38 13.87
C TYR H 45 -17.40 -16.57 13.80
N GLN H 46 -16.88 -16.89 12.62
CA GLN H 46 -15.44 -17.13 12.48
C GLN H 46 -14.66 -15.87 12.14
N ASP H 47 -15.21 -15.00 11.31
CA ASP H 47 -14.54 -13.78 10.88
C ASP H 47 -15.20 -12.55 11.48
N GLU H 48 -15.64 -12.65 12.74
CA GLU H 48 -16.28 -11.52 13.40
C GLU H 48 -15.31 -10.37 13.64
N GLN H 49 -14.05 -10.67 13.95
CA GLN H 49 -13.03 -9.65 14.14
C GLN H 49 -12.21 -9.40 12.89
N GLU H 50 -12.00 -10.42 12.06
CA GLU H 50 -11.20 -10.25 10.84
C GLU H 50 -11.86 -9.25 9.89
N ARG H 51 -13.19 -9.31 9.77
CA ARG H 51 -13.93 -8.43 8.88
C ARG H 51 -14.78 -7.43 9.68
N PHE H 52 -14.22 -6.94 10.79
CA PHE H 52 -14.82 -5.84 11.54
C PHE H 52 -14.04 -4.59 11.15
N VAL H 53 -14.47 -3.94 10.08
CA VAL H 53 -13.70 -2.90 9.43
C VAL H 53 -14.02 -1.56 10.06
N CYS H 54 -12.99 -0.87 10.54
CA CYS H 54 -13.11 0.48 11.06
C CYS H 54 -12.45 1.47 10.11
N ASN H 55 -12.84 2.74 10.24
CA ASN H 55 -12.37 3.81 9.35
C ASN H 55 -11.20 4.51 10.02
N THR H 56 -10.05 3.82 10.05
CA THR H 56 -8.86 4.38 10.66
C THR H 56 -7.63 3.70 10.06
N LEU H 57 -6.47 4.33 10.25
CA LEU H 57 -5.21 3.78 9.81
C LEU H 57 -4.18 3.64 10.92
N GLN H 58 -4.46 4.14 12.11
CA GLN H 58 -3.51 4.05 13.21
C GLN H 58 -3.55 2.65 13.82
N PRO H 59 -2.40 1.97 13.93
CA PRO H 59 -2.40 0.63 14.52
C PRO H 59 -2.92 0.64 15.95
N GLY H 60 -3.66 -0.41 16.31
CA GLY H 60 -4.17 -0.58 17.65
C GLY H 60 -5.57 -0.03 17.88
N CYS H 61 -6.10 0.78 16.97
CA CYS H 61 -7.45 1.30 17.13
C CYS H 61 -8.51 0.24 16.87
N ALA H 62 -8.32 -0.57 15.83
CA ALA H 62 -9.26 -1.63 15.48
C ALA H 62 -9.33 -2.74 16.54
N ASN H 63 -8.28 -2.91 17.33
CA ASN H 63 -8.30 -3.88 18.42
C ASN H 63 -9.11 -3.39 19.61
N VAL H 64 -8.86 -2.17 20.07
CA VAL H 64 -9.58 -1.64 21.21
C VAL H 64 -11.04 -1.41 20.86
N CYS H 65 -11.33 -0.98 19.63
CA CYS H 65 -12.71 -0.74 19.24
C CYS H 65 -13.51 -2.04 19.25
N TYR H 66 -12.93 -3.12 18.72
CA TYR H 66 -13.63 -4.40 18.76
C TYR H 66 -13.73 -4.95 20.17
N ASP H 67 -12.71 -4.75 21.00
CA ASP H 67 -12.77 -5.21 22.38
C ASP H 67 -13.86 -4.50 23.16
N VAL H 68 -14.07 -3.21 22.93
CA VAL H 68 -15.20 -2.51 23.54
C VAL H 68 -16.53 -2.92 22.93
N PHE H 69 -16.55 -3.22 21.62
CA PHE H 69 -17.80 -3.58 20.96
C PHE H 69 -18.41 -4.84 21.56
N SER H 70 -17.62 -5.92 21.65
CA SER H 70 -18.12 -7.22 22.11
C SER H 70 -17.20 -7.78 23.18
N PRO H 71 -17.49 -7.50 24.45
CA PRO H 71 -16.69 -8.12 25.53
C PRO H 71 -16.77 -9.64 25.50
N VAL H 72 -17.97 -10.20 25.41
CA VAL H 72 -18.18 -11.64 25.31
C VAL H 72 -19.10 -11.90 24.12
N SER H 73 -18.67 -12.78 23.22
CA SER H 73 -19.49 -13.15 22.09
C SER H 73 -20.68 -14.00 22.54
N HIS H 74 -21.73 -13.98 21.73
CA HIS H 74 -22.92 -14.78 22.06
C HIS H 74 -22.84 -16.21 21.54
N LEU H 75 -21.83 -16.56 20.74
CA LEU H 75 -21.60 -17.98 20.47
C LEU H 75 -21.16 -18.71 21.74
N ARG H 76 -20.22 -18.12 22.48
CA ARG H 76 -19.82 -18.68 23.77
C ARG H 76 -20.96 -18.67 24.76
N PHE H 77 -21.78 -17.63 24.76
CA PHE H 77 -22.95 -17.59 25.64
C PHE H 77 -23.92 -18.72 25.30
N TRP H 78 -24.17 -18.95 24.00
CA TRP H 78 -25.05 -20.05 23.59
C TRP H 78 -24.47 -21.38 24.04
N LEU H 79 -23.16 -21.58 23.86
CA LEU H 79 -22.54 -22.84 24.26
C LEU H 79 -22.68 -23.07 25.76
N ILE H 80 -22.37 -22.06 26.57
CA ILE H 80 -22.43 -22.22 28.01
C ILE H 80 -23.87 -22.43 28.48
N GLN H 81 -24.81 -21.70 27.88
CA GLN H 81 -26.21 -21.84 28.28
C GLN H 81 -26.75 -23.22 27.92
N GLY H 82 -26.40 -23.73 26.74
CA GLY H 82 -26.87 -25.05 26.35
C GLY H 82 -26.20 -26.19 27.08
N VAL H 83 -24.94 -26.02 27.47
CA VAL H 83 -24.26 -27.07 28.25
C VAL H 83 -24.80 -27.16 29.66
N CYS H 84 -25.08 -26.03 30.31
CA CYS H 84 -25.51 -26.01 31.70
C CYS H 84 -26.94 -26.48 31.89
N VAL H 85 -27.71 -26.63 30.81
CA VAL H 85 -29.06 -27.17 30.93
C VAL H 85 -29.07 -28.70 30.85
N LEU H 86 -28.15 -29.28 30.06
CA LEU H 86 -28.02 -30.73 30.00
C LEU H 86 -27.35 -31.32 31.23
N LEU H 87 -26.83 -30.49 32.13
CA LEU H 87 -26.13 -31.01 33.30
C LEU H 87 -27.07 -31.65 34.32
N PRO H 88 -28.21 -31.04 34.69
CA PRO H 88 -29.12 -31.74 35.62
C PRO H 88 -29.65 -33.06 35.08
N SER H 89 -29.71 -33.23 33.76
CA SER H 89 -30.18 -34.48 33.17
C SER H 89 -29.13 -35.58 33.19
N ALA H 90 -27.87 -35.26 33.46
CA ALA H 90 -26.81 -36.25 33.55
C ALA H 90 -26.58 -36.75 34.97
N VAL H 91 -26.71 -35.88 35.96
CA VAL H 91 -26.57 -36.30 37.35
C VAL H 91 -27.65 -37.30 37.71
N PHE H 92 -28.90 -37.03 37.31
CA PHE H 92 -29.99 -37.97 37.56
C PHE H 92 -29.77 -39.29 36.85
N SER H 93 -29.31 -39.25 35.60
CA SER H 93 -29.04 -40.49 34.86
C SER H 93 -27.95 -41.31 35.55
N VAL H 94 -26.88 -40.66 36.00
CA VAL H 94 -25.82 -41.39 36.68
C VAL H 94 -26.29 -41.92 38.04
N TYR H 95 -27.15 -41.18 38.75
CA TYR H 95 -27.67 -41.65 40.03
C TYR H 95 -28.58 -42.86 39.85
N VAL H 96 -29.41 -42.87 38.81
CA VAL H 96 -30.28 -44.01 38.56
C VAL H 96 -29.46 -45.27 38.28
N LEU H 97 -28.41 -45.15 37.45
CA LEU H 97 -27.57 -46.31 37.17
C LEU H 97 -26.77 -46.74 38.38
N HIS H 98 -26.29 -45.80 39.19
CA HIS H 98 -25.57 -46.16 40.40
C HIS H 98 -26.45 -46.91 41.39
N ARG H 99 -27.69 -46.46 41.57
CA ARG H 99 -28.59 -47.10 42.53
C ARG H 99 -29.17 -48.41 42.03
N GLY H 100 -29.51 -48.49 40.73
CA GLY H 100 -30.14 -49.69 40.21
C GLY H 100 -29.26 -50.91 40.18
N ALA H 101 -28.00 -50.75 39.79
CA ALA H 101 -27.08 -51.87 39.72
C ALA H 101 -26.51 -52.27 41.08
N THR H 102 -26.62 -51.40 42.08
CA THR H 102 -26.23 -51.72 43.44
C THR H 102 -27.35 -52.37 44.22
N LEU H 103 -28.54 -52.49 43.63
CA LEU H 103 -29.69 -53.11 44.27
C LEU H 103 -29.91 -54.54 43.84
N ALA H 104 -29.54 -54.91 42.62
CA ALA H 104 -29.67 -56.28 42.15
C ALA H 104 -28.55 -57.18 42.62
N ALA H 105 -27.43 -56.61 43.09
CA ALA H 105 -26.33 -57.43 43.58
C ALA H 105 -26.73 -58.21 44.83
N LEU H 106 -27.45 -57.55 45.75
CA LEU H 106 -27.88 -58.24 46.97
C LEU H 106 -29.00 -59.24 46.68
N GLY H 107 -29.85 -58.93 45.70
CA GLY H 107 -30.94 -59.81 45.34
C GLY H 107 -32.15 -59.63 46.24
N PRO H 108 -33.19 -60.42 46.01
CA PRO H 108 -34.44 -60.37 46.79
C PRO H 108 -34.24 -60.75 48.26
N GLY H 133 -43.90 -59.29 35.59
CA GLY H 133 -43.88 -59.22 37.04
C GLY H 133 -42.50 -58.96 37.61
N LEU H 134 -41.93 -57.80 37.28
CA LEU H 134 -40.61 -57.43 37.73
C LEU H 134 -40.72 -56.64 39.04
N GLN H 135 -39.59 -56.14 39.53
CA GLN H 135 -39.51 -55.39 40.78
C GLN H 135 -38.69 -54.12 40.58
N VAL H 136 -39.03 -53.37 39.53
CA VAL H 136 -38.27 -52.17 39.18
C VAL H 136 -38.42 -51.13 40.28
N PRO H 137 -37.34 -50.51 40.75
CA PRO H 137 -37.46 -49.47 41.78
C PRO H 137 -38.13 -48.21 41.24
N ASP H 138 -38.61 -47.40 42.17
CA ASP H 138 -39.41 -46.22 41.84
C ASP H 138 -38.59 -45.00 42.24
N PHE H 139 -37.92 -44.38 41.27
CA PHE H 139 -37.25 -43.09 41.46
C PHE H 139 -38.10 -41.96 40.90
N SER H 140 -39.28 -41.76 41.49
CA SER H 140 -40.16 -40.68 41.05
C SER H 140 -39.94 -39.40 41.83
N ALA H 141 -39.47 -39.50 43.08
CA ALA H 141 -39.19 -38.30 43.86
C ALA H 141 -37.95 -37.56 43.37
N GLY H 142 -36.98 -38.26 42.81
CA GLY H 142 -35.78 -37.66 42.29
C GLY H 142 -35.90 -37.11 40.89
N TYR H 143 -37.08 -37.19 40.28
CA TYR H 143 -37.33 -36.65 38.95
C TYR H 143 -37.94 -35.25 39.00
N ILE H 144 -38.84 -35.01 39.96
CA ILE H 144 -39.45 -33.69 40.10
C ILE H 144 -38.40 -32.65 40.49
N ILE H 145 -37.45 -33.03 41.35
CA ILE H 145 -36.42 -32.08 41.77
C ILE H 145 -35.53 -31.70 40.59
N HIS H 146 -35.12 -32.68 39.79
CA HIS H 146 -34.32 -32.38 38.61
C HIS H 146 -35.09 -31.55 37.59
N LEU H 147 -36.38 -31.81 37.40
CA LEU H 147 -37.21 -30.97 36.56
C LEU H 147 -37.29 -29.54 37.07
N LEU H 148 -37.46 -29.34 38.38
CA LEU H 148 -37.51 -28.01 38.98
C LEU H 148 -36.20 -27.26 38.79
N LEU H 149 -35.06 -27.93 39.03
CA LEU H 149 -33.77 -27.27 38.81
C LEU H 149 -33.56 -26.91 37.35
N ARG H 150 -33.91 -27.81 36.44
CA ARG H 150 -33.78 -27.52 35.01
C ARG H 150 -34.66 -26.35 34.61
N THR H 151 -35.90 -26.30 35.12
CA THR H 151 -36.78 -25.19 34.81
C THR H 151 -36.24 -23.86 35.35
N LEU H 152 -35.73 -23.87 36.58
CA LEU H 152 -35.16 -22.65 37.15
C LEU H 152 -33.88 -22.21 36.46
N LEU H 153 -33.15 -23.13 35.82
CA LEU H 153 -31.93 -22.75 35.11
C LEU H 153 -32.19 -22.10 33.76
N GLU H 154 -33.41 -22.13 33.25
CA GLU H 154 -33.71 -21.53 31.95
C GLU H 154 -34.19 -20.09 32.07
N ALA H 155 -34.96 -19.77 33.11
CA ALA H 155 -35.45 -18.41 33.28
C ALA H 155 -34.31 -17.41 33.49
N ALA H 156 -33.32 -17.79 34.31
CA ALA H 156 -32.19 -16.91 34.56
C ALA H 156 -31.39 -16.65 33.29
N PHE H 157 -31.14 -17.70 32.51
CA PHE H 157 -30.39 -17.55 31.27
C PHE H 157 -31.19 -16.83 30.18
N GLY H 158 -32.51 -16.88 30.24
CA GLY H 158 -33.31 -16.09 29.33
C GLY H 158 -33.29 -14.61 29.70
N ALA H 159 -33.38 -14.32 31.00
CA ALA H 159 -33.30 -12.94 31.44
C ALA H 159 -31.94 -12.33 31.14
N LEU H 160 -30.87 -13.08 31.39
CA LEU H 160 -29.53 -12.60 31.06
C LEU H 160 -29.36 -12.39 29.55
N HIS H 161 -29.89 -13.32 28.75
CA HIS H 161 -29.83 -13.16 27.30
C HIS H 161 -30.57 -11.91 26.84
N TYR H 162 -31.75 -11.65 27.39
CA TYR H 162 -32.48 -10.44 27.03
C TYR H 162 -31.73 -9.18 27.45
N PHE H 163 -31.16 -9.16 28.66
CA PHE H 163 -30.48 -7.97 29.15
C PHE H 163 -29.10 -7.76 28.53
N LEU H 164 -28.52 -8.78 27.90
CA LEU H 164 -27.17 -8.67 27.37
C LEU H 164 -27.12 -8.39 25.86
N PHE H 165 -27.87 -9.15 25.06
CA PHE H 165 -27.76 -9.08 23.62
C PHE H 165 -29.01 -8.58 22.90
N GLY H 166 -30.16 -8.57 23.56
CA GLY H 166 -31.36 -8.11 22.88
C GLY H 166 -31.92 -9.17 21.94
N PHE H 167 -32.53 -8.70 20.85
CA PHE H 167 -33.19 -9.58 19.89
C PHE H 167 -32.58 -9.56 18.50
N LEU H 168 -32.02 -8.43 18.07
CA LEU H 168 -31.45 -8.30 16.74
C LEU H 168 -30.07 -7.66 16.82
N ALA H 169 -29.23 -7.95 15.81
CA ALA H 169 -27.84 -7.48 15.73
C ALA H 169 -27.77 -6.13 15.01
N PRO H 170 -26.91 -5.24 15.49
CA PRO H 170 -26.75 -3.93 14.84
C PRO H 170 -25.87 -4.02 13.60
N LYS H 171 -25.79 -2.90 12.87
CA LYS H 171 -25.03 -2.84 11.63
C LYS H 171 -23.84 -1.88 11.70
N LYS H 172 -23.79 -0.98 12.67
CA LYS H 172 -22.70 -0.01 12.78
C LYS H 172 -22.38 0.23 14.24
N PHE H 173 -21.16 0.73 14.47
CA PHE H 173 -20.70 1.02 15.82
C PHE H 173 -19.84 2.27 15.87
N PRO H 174 -20.20 3.25 16.71
CA PRO H 174 -19.31 4.40 16.93
C PRO H 174 -18.31 4.17 18.05
N CYS H 175 -17.03 4.41 17.78
CA CYS H 175 -15.94 4.12 18.71
C CYS H 175 -15.09 5.37 18.90
N THR H 176 -14.85 5.74 20.16
CA THR H 176 -14.06 6.94 20.48
C THR H 176 -12.91 6.65 21.44
N ARG H 177 -12.62 5.39 21.73
CA ARG H 177 -11.56 5.07 22.66
C ARG H 177 -10.20 5.40 22.06
N PRO H 178 -9.21 5.77 22.90
CA PRO H 178 -7.85 5.96 22.40
C PRO H 178 -7.25 4.64 21.96
N PRO H 179 -6.26 4.66 21.05
CA PRO H 179 -5.59 5.83 20.46
C PRO H 179 -6.31 6.41 19.25
N CYS H 180 -7.57 6.02 19.01
CA CYS H 180 -8.32 6.59 17.89
C CYS H 180 -8.61 8.07 18.15
N THR H 181 -8.46 8.87 17.10
CA THR H 181 -8.67 10.31 17.19
C THR H 181 -10.04 10.67 16.62
N GLY H 182 -10.83 11.40 17.41
CA GLY H 182 -12.18 11.74 16.99
C GLY H 182 -13.15 10.59 17.21
N VAL H 183 -14.16 10.52 16.34
CA VAL H 183 -15.17 9.48 16.38
C VAL H 183 -14.99 8.62 15.14
N VAL H 184 -14.80 7.33 15.34
CA VAL H 184 -14.59 6.37 14.25
C VAL H 184 -15.85 5.53 14.10
N ASP H 185 -16.15 5.14 12.85
CA ASP H 185 -17.29 4.30 12.55
C ASP H 185 -16.78 2.93 12.10
N CYS H 186 -17.38 1.87 12.66
CA CYS H 186 -17.01 0.51 12.31
C CYS H 186 -18.24 -0.25 11.86
N TYR H 187 -18.03 -1.24 10.99
CA TYR H 187 -19.11 -1.99 10.36
C TYR H 187 -19.10 -3.43 10.85
N VAL H 188 -20.28 -3.94 11.18
CA VAL H 188 -20.41 -5.31 11.67
C VAL H 188 -20.52 -6.26 10.49
N SER H 189 -19.84 -7.40 10.58
CA SER H 189 -19.89 -8.41 9.53
C SER H 189 -21.12 -9.29 9.67
N ARG H 190 -21.82 -9.51 8.56
CA ARG H 190 -23.00 -10.34 8.51
C ARG H 190 -24.06 -9.94 9.53
N PRO H 191 -24.58 -8.71 9.46
CA PRO H 191 -25.58 -8.28 10.46
C PRO H 191 -26.97 -8.87 10.24
N THR H 192 -27.24 -9.48 9.08
CA THR H 192 -28.56 -9.98 8.77
C THR H 192 -28.71 -11.47 9.11
N GLU H 193 -27.77 -12.30 8.62
CA GLU H 193 -27.82 -13.73 8.92
C GLU H 193 -27.67 -14.00 10.40
N LYS H 194 -26.79 -13.25 11.07
CA LYS H 194 -26.63 -13.36 12.51
C LYS H 194 -27.93 -13.08 13.25
N SER H 195 -28.73 -12.13 12.78
CA SER H 195 -30.03 -11.85 13.37
C SER H 195 -31.10 -12.86 12.97
N LEU H 196 -30.89 -13.59 11.88
CA LEU H 196 -31.79 -14.68 11.51
C LEU H 196 -31.56 -15.92 12.34
N LEU H 197 -30.32 -16.19 12.73
CA LEU H 197 -30.03 -17.32 13.63
C LEU H 197 -30.49 -17.05 15.06
N MET H 198 -30.46 -15.79 15.49
CA MET H 198 -30.95 -15.44 16.83
C MET H 198 -32.41 -15.80 17.00
N LEU H 199 -33.25 -15.49 16.00
CA LEU H 199 -34.66 -15.81 16.10
C LEU H 199 -34.91 -17.31 16.14
N PHE H 200 -34.18 -18.08 15.33
CA PHE H 200 -34.33 -19.53 15.34
C PHE H 200 -33.98 -20.11 16.71
N LEU H 201 -32.83 -19.70 17.26
CA LEU H 201 -32.44 -20.18 18.58
C LEU H 201 -33.37 -19.71 19.70
N TRP H 202 -33.86 -18.47 19.63
CA TRP H 202 -34.85 -18.00 20.60
C TRP H 202 -36.12 -18.82 20.55
N ALA H 203 -36.64 -19.11 19.36
CA ALA H 203 -37.83 -19.94 19.24
C ALA H 203 -37.59 -21.35 19.76
N VAL H 204 -36.43 -21.94 19.46
CA VAL H 204 -36.12 -23.28 19.95
C VAL H 204 -36.09 -23.29 21.48
N SER H 205 -35.43 -22.30 22.08
CA SER H 205 -35.36 -22.23 23.54
C SER H 205 -36.74 -22.02 24.16
N ALA H 206 -37.55 -21.13 23.58
CA ALA H 206 -38.89 -20.90 24.11
C ALA H 206 -39.77 -22.13 24.02
N LEU H 207 -39.69 -22.87 22.91
CA LEU H 207 -40.43 -24.12 22.78
C LEU H 207 -39.95 -25.19 23.74
N SER H 208 -38.65 -25.30 23.96
CA SER H 208 -38.13 -26.28 24.91
C SER H 208 -38.45 -25.92 26.35
N PHE H 209 -38.63 -24.64 26.67
CA PHE H 209 -38.96 -24.26 28.04
C PHE H 209 -40.34 -24.73 28.45
N LEU H 210 -41.31 -24.73 27.54
CA LEU H 210 -42.66 -25.19 27.85
C LEU H 210 -42.80 -26.70 27.84
N LEU H 211 -41.82 -27.43 27.28
CA LEU H 211 -41.84 -28.88 27.34
C LEU H 211 -41.55 -29.41 28.73
N GLY H 212 -40.65 -28.75 29.47
CA GLY H 212 -40.40 -29.08 30.86
C GLY H 212 -41.44 -28.57 31.82
N LEU H 213 -42.27 -27.62 31.39
CA LEU H 213 -43.39 -27.14 32.20
C LEU H 213 -44.64 -27.98 32.01
N ALA H 214 -44.82 -28.57 30.84
CA ALA H 214 -45.94 -29.50 30.60
C ALA H 214 -45.67 -30.88 31.17
N ASP H 215 -44.43 -31.18 31.56
CA ASP H 215 -44.09 -32.45 32.17
C ASP H 215 -44.11 -32.40 33.69
N LEU H 216 -43.67 -31.29 34.30
CA LEU H 216 -43.70 -31.14 35.74
C LEU H 216 -45.11 -31.08 36.31
N VAL H 217 -46.01 -30.34 35.68
CA VAL H 217 -47.38 -30.20 36.16
C VAL H 217 -48.19 -31.47 35.89
N CYS H 218 -47.64 -32.41 35.13
CA CYS H 218 -48.24 -33.73 34.96
C CYS H 218 -47.67 -34.74 35.93
N SER H 219 -46.36 -34.75 36.14
CA SER H 219 -45.75 -35.65 37.12
C SER H 219 -46.22 -35.32 38.53
N LEU H 220 -46.31 -34.04 38.88
CA LEU H 220 -46.79 -33.66 40.21
C LEU H 220 -48.24 -34.08 40.41
N ARG H 221 -49.08 -33.89 39.39
CA ARG H 221 -50.48 -34.26 39.48
C ARG H 221 -50.68 -35.77 39.51
N ARG H 222 -49.80 -36.54 38.86
CA ARG H 222 -49.87 -38.00 38.89
C ARG H 222 -49.36 -38.60 40.19
N ARG H 223 -48.30 -38.03 40.77
CA ARG H 223 -47.73 -38.61 41.98
C ARG H 223 -48.71 -38.53 43.15
N MET H 224 -49.39 -37.39 43.31
CA MET H 224 -50.38 -37.27 44.38
C MET H 224 -51.59 -38.16 44.14
N ARG H 225 -51.95 -38.42 42.88
CA ARG H 225 -53.07 -39.30 42.59
C ARG H 225 -52.78 -40.73 43.04
N ARG H 226 -51.57 -41.22 42.78
CA ARG H 226 -51.18 -42.57 43.19
C ARG H 226 -50.61 -42.56 44.61
N ARG H 227 -51.46 -42.14 45.54
CA ARG H 227 -51.11 -42.07 46.95
C ARG H 227 -52.37 -42.06 47.80
N PRO H 228 -52.99 -43.21 48.05
CA PRO H 228 -54.22 -43.23 48.85
C PRO H 228 -53.94 -42.96 50.33
N GLY H 229 -53.75 -41.69 50.67
CA GLY H 229 -53.47 -41.31 52.05
C GLY H 229 -52.22 -40.45 52.19
N GLY I 3 -27.49 -70.48 35.81
CA GLY I 3 -26.41 -69.78 35.14
C GLY I 3 -26.64 -68.29 35.01
N VAL I 4 -25.55 -67.54 34.90
CA VAL I 4 -25.61 -66.09 34.77
C VAL I 4 -24.67 -65.67 33.63
N ASP I 5 -24.93 -64.48 33.08
CA ASP I 5 -24.09 -63.95 32.01
C ASP I 5 -22.81 -63.37 32.58
N LEU I 6 -22.04 -62.67 31.75
CA LEU I 6 -20.81 -62.05 32.24
C LEU I 6 -20.71 -60.59 31.80
N LEU I 7 -21.59 -60.15 30.91
CA LEU I 7 -21.65 -58.74 30.57
C LEU I 7 -22.26 -57.98 31.73
N GLY I 8 -23.20 -58.62 32.43
CA GLY I 8 -23.74 -58.02 33.64
C GLY I 8 -22.75 -58.06 34.79
N PHE I 9 -22.04 -59.19 34.94
CA PHE I 9 -21.04 -59.30 36.01
C PHE I 9 -19.89 -58.33 35.82
N LEU I 10 -19.65 -57.87 34.58
CA LEU I 10 -18.57 -56.94 34.30
C LEU I 10 -18.94 -55.49 34.64
N ILE I 11 -20.21 -55.20 34.93
CA ILE I 11 -20.63 -53.87 35.29
C ILE I 11 -20.78 -53.68 36.79
N ILE I 12 -21.34 -54.66 37.50
CA ILE I 12 -21.45 -54.56 38.95
C ILE I 12 -20.06 -54.51 39.58
N THR I 13 -19.12 -55.31 39.07
CA THR I 13 -17.74 -55.21 39.52
C THR I 13 -17.20 -53.80 39.36
N LEU I 14 -17.54 -53.15 38.24
CA LEU I 14 -17.12 -51.77 38.03
C LEU I 14 -17.99 -50.77 38.78
N ASN I 15 -19.29 -51.04 38.93
CA ASN I 15 -20.18 -50.15 39.66
C ASN I 15 -20.38 -50.74 41.05
N CYS I 16 -19.27 -51.01 41.71
CA CYS I 16 -19.23 -51.27 43.14
C CYS I 16 -17.92 -50.80 43.76
N ASN I 17 -16.95 -50.37 42.94
CA ASN I 17 -15.66 -49.88 43.40
C ASN I 17 -15.53 -48.38 43.19
N VAL I 18 -16.50 -47.74 42.57
CA VAL I 18 -16.50 -46.30 42.33
C VAL I 18 -17.61 -45.69 43.16
N THR I 19 -17.25 -44.71 43.99
CA THR I 19 -18.24 -44.09 44.87
C THR I 19 -19.11 -43.12 44.08
N MET I 20 -20.18 -42.66 44.74
CA MET I 20 -21.08 -41.70 44.09
C MET I 20 -20.36 -40.38 43.81
N VAL I 21 -19.52 -39.94 44.74
CA VAL I 21 -18.74 -38.72 44.53
C VAL I 21 -17.80 -38.89 43.34
N GLY I 22 -17.16 -40.04 43.23
CA GLY I 22 -16.30 -40.31 42.09
C GLY I 22 -17.06 -40.46 40.78
N LYS I 23 -18.30 -40.94 40.84
CA LYS I 23 -19.12 -41.02 39.63
C LYS I 23 -19.57 -39.64 39.18
N LEU I 24 -19.86 -38.74 40.12
CA LEU I 24 -20.27 -37.38 39.86
C LEU I 24 -19.12 -36.49 39.39
N TRP I 25 -17.91 -36.70 39.93
CA TRP I 25 -16.73 -35.99 39.46
C TRP I 25 -16.46 -36.29 38.00
N PHE I 26 -16.60 -37.56 37.60
CA PHE I 26 -16.38 -37.94 36.21
C PHE I 26 -17.34 -37.21 35.29
N VAL I 27 -18.61 -37.10 35.69
CA VAL I 27 -19.59 -36.41 34.88
C VAL I 27 -19.26 -34.92 34.79
N LEU I 28 -18.93 -34.28 35.91
CA LEU I 28 -18.73 -32.84 35.89
C LEU I 28 -17.46 -32.45 35.12
N THR I 29 -16.33 -33.10 35.40
CA THR I 29 -15.10 -32.65 34.76
C THR I 29 -14.82 -33.36 33.43
N MET I 30 -15.86 -33.52 32.62
CA MET I 30 -15.69 -33.76 31.19
C MET I 30 -16.72 -33.02 30.34
N LEU I 31 -17.82 -32.55 30.93
CA LEU I 31 -18.81 -31.76 30.22
C LEU I 31 -18.62 -30.26 30.41
N LEU I 32 -18.00 -29.85 31.51
CA LEU I 32 -17.72 -28.45 31.78
C LEU I 32 -16.24 -28.12 31.71
N ARG I 33 -15.37 -29.11 31.57
CA ARG I 33 -13.93 -28.90 31.49
C ARG I 33 -13.34 -29.31 30.16
N MET I 34 -13.56 -30.56 29.74
CA MET I 34 -13.00 -31.05 28.49
C MET I 34 -13.81 -30.63 27.26
N LEU I 35 -15.03 -30.14 27.45
CA LEU I 35 -15.85 -29.67 26.35
C LEU I 35 -15.71 -28.19 26.08
N VAL I 36 -15.61 -27.38 27.14
CA VAL I 36 -15.41 -25.94 26.96
C VAL I 36 -14.04 -25.66 26.35
N ILE I 37 -13.02 -26.46 26.72
CA ILE I 37 -11.69 -26.27 26.16
C ILE I 37 -11.69 -26.52 24.66
N VAL I 38 -12.38 -27.58 24.22
CA VAL I 38 -12.35 -27.96 22.81
C VAL I 38 -13.27 -27.07 21.98
N LEU I 39 -14.52 -26.90 22.42
CA LEU I 39 -15.50 -26.18 21.63
C LEU I 39 -15.42 -24.67 21.78
N ALA I 40 -15.13 -24.17 22.98
CA ALA I 40 -15.11 -22.73 23.24
C ALA I 40 -13.71 -22.16 23.38
N GLY I 41 -12.68 -22.99 23.47
CA GLY I 41 -11.33 -22.49 23.62
C GLY I 41 -10.60 -22.32 22.30
N ARG I 42 -10.81 -23.26 21.39
CA ARG I 42 -10.16 -23.19 20.07
C ARG I 42 -10.59 -21.96 19.27
N PRO I 43 -11.88 -21.62 19.14
CA PRO I 43 -12.24 -20.42 18.39
C PRO I 43 -11.67 -19.12 18.97
N VAL I 44 -11.52 -19.04 20.30
CA VAL I 44 -11.03 -17.81 20.91
C VAL I 44 -9.56 -17.60 20.58
N TYR I 45 -8.76 -18.67 20.61
CA TYR I 45 -7.32 -18.58 20.44
C TYR I 45 -6.87 -18.91 19.01
N GLN I 46 -7.66 -18.54 18.01
CA GLN I 46 -7.30 -18.86 16.64
C GLN I 46 -6.53 -17.75 15.95
N ASP I 47 -6.80 -16.49 16.29
CA ASP I 47 -6.11 -15.34 15.70
C ASP I 47 -5.27 -14.62 16.73
N GLU I 48 -4.59 -15.38 17.59
CA GLU I 48 -3.73 -14.77 18.60
C GLU I 48 -2.50 -14.13 17.98
N GLN I 49 -1.97 -14.70 16.90
CA GLN I 49 -0.83 -14.12 16.20
C GLN I 49 -1.24 -13.32 14.98
N GLU I 50 -2.33 -13.69 14.31
CA GLU I 50 -2.77 -12.95 13.13
C GLU I 50 -3.16 -11.53 13.48
N ARG I 51 -3.82 -11.32 14.63
CA ARG I 51 -4.25 -10.01 15.06
C ARG I 51 -3.45 -9.54 16.28
N PHE I 52 -2.15 -9.86 16.30
CA PHE I 52 -1.22 -9.33 17.28
C PHE I 52 -0.46 -8.21 16.59
N VAL I 53 -1.02 -7.01 16.63
CA VAL I 53 -0.57 -5.89 15.80
C VAL I 53 0.53 -5.13 16.54
N CYS I 54 1.68 -5.00 15.89
CA CYS I 54 2.79 -4.20 16.39
C CYS I 54 2.96 -2.95 15.54
N ASN I 55 3.60 -1.94 16.12
CA ASN I 55 3.78 -0.64 15.48
C ASN I 55 5.14 -0.62 14.78
N THR I 56 5.22 -1.33 13.65
CA THR I 56 6.45 -1.40 12.89
C THR I 56 6.13 -1.76 11.46
N LEU I 57 7.11 -1.53 10.58
CA LEU I 57 6.99 -1.89 9.16
C LEU I 57 8.12 -2.80 8.68
N GLN I 58 9.15 -3.01 9.49
CA GLN I 58 10.26 -3.86 9.07
C GLN I 58 9.85 -5.32 9.13
N PRO I 59 10.01 -6.09 8.05
CA PRO I 59 9.65 -7.50 8.09
C PRO I 59 10.45 -8.26 9.14
N GLY I 60 9.78 -9.21 9.80
CA GLY I 60 10.41 -10.06 10.78
C GLY I 60 10.34 -9.56 12.21
N CYS I 61 9.93 -8.31 12.43
CA CYS I 61 9.83 -7.79 13.79
C CYS I 61 8.62 -8.36 14.53
N ALA I 62 7.49 -8.50 13.84
CA ALA I 62 6.27 -9.03 14.44
C ALA I 62 6.39 -10.50 14.82
N ASN I 63 7.14 -11.28 14.07
CA ASN I 63 7.39 -12.69 14.42
C ASN I 63 8.25 -12.80 15.67
N VAL I 64 9.36 -12.04 15.72
CA VAL I 64 10.25 -12.08 16.86
C VAL I 64 9.54 -11.60 18.12
N CYS I 65 8.78 -10.51 18.02
CA CYS I 65 8.11 -9.97 19.20
C CYS I 65 7.07 -10.94 19.73
N TYR I 66 6.30 -11.58 18.85
CA TYR I 66 5.30 -12.53 19.31
C TYR I 66 5.96 -13.79 19.88
N ASP I 67 7.10 -14.21 19.34
CA ASP I 67 7.77 -15.38 19.88
C ASP I 67 8.29 -15.14 21.29
N VAL I 68 8.53 -13.88 21.68
CA VAL I 68 8.92 -13.58 23.05
C VAL I 68 7.71 -13.30 23.93
N PHE I 69 6.63 -12.78 23.36
CA PHE I 69 5.43 -12.51 24.15
C PHE I 69 4.88 -13.79 24.77
N SER I 70 4.69 -14.83 23.96
CA SER I 70 4.09 -16.08 24.43
C SER I 70 4.93 -17.26 23.94
N PRO I 71 5.89 -17.72 24.75
CA PRO I 71 6.63 -18.93 24.36
C PRO I 71 5.74 -20.14 24.20
N VAL I 72 4.81 -20.36 25.13
CA VAL I 72 3.80 -21.40 25.04
C VAL I 72 2.45 -20.80 25.37
N SER I 73 1.44 -21.14 24.58
CA SER I 73 0.09 -20.66 24.82
C SER I 73 -0.54 -21.44 25.96
N HIS I 74 -1.55 -20.83 26.59
CA HIS I 74 -2.27 -21.48 27.68
C HIS I 74 -3.41 -22.35 27.19
N LEU I 75 -3.74 -22.32 25.90
CA LEU I 75 -4.67 -23.33 25.36
C LEU I 75 -4.04 -24.71 25.39
N ARG I 76 -2.79 -24.83 24.92
CA ARG I 76 -2.07 -26.09 24.99
C ARG I 76 -1.78 -26.49 26.43
N PHE I 77 -1.50 -25.51 27.30
CA PHE I 77 -1.33 -25.82 28.72
C PHE I 77 -2.61 -26.39 29.32
N TRP I 78 -3.76 -25.79 29.00
CA TRP I 78 -5.03 -26.32 29.47
C TRP I 78 -5.26 -27.73 28.97
N LEU I 79 -4.99 -27.97 27.69
CA LEU I 79 -5.21 -29.30 27.11
C LEU I 79 -4.33 -30.35 27.79
N ILE I 80 -3.04 -30.04 27.96
CA ILE I 80 -2.12 -31.00 28.57
C ILE I 80 -2.49 -31.24 30.03
N GLN I 81 -2.85 -30.18 30.76
CA GLN I 81 -3.22 -30.34 32.16
C GLN I 81 -4.49 -31.17 32.31
N GLY I 82 -5.49 -30.94 31.45
CA GLY I 82 -6.70 -31.72 31.53
C GLY I 82 -6.57 -33.15 31.06
N VAL I 83 -5.69 -33.42 30.11
CA VAL I 83 -5.46 -34.79 29.68
C VAL I 83 -4.72 -35.60 30.73
N CYS I 84 -3.73 -35.02 31.39
CA CYS I 84 -2.91 -35.75 32.36
C CYS I 84 -3.64 -36.04 33.66
N VAL I 85 -4.79 -35.43 33.90
CA VAL I 85 -5.58 -35.75 35.09
C VAL I 85 -6.53 -36.92 34.85
N LEU I 86 -7.02 -37.07 33.62
CA LEU I 86 -7.85 -38.22 33.26
C LEU I 86 -7.04 -39.50 33.07
N LEU I 87 -5.71 -39.41 33.09
CA LEU I 87 -4.89 -40.60 32.86
C LEU I 87 -4.92 -41.57 34.05
N PRO I 88 -4.78 -41.13 35.31
CA PRO I 88 -4.88 -42.09 36.42
C PRO I 88 -6.24 -42.79 36.49
N SER I 89 -7.29 -42.17 35.98
CA SER I 89 -8.62 -42.78 36.01
C SER I 89 -8.81 -43.82 34.91
N ALA I 90 -7.94 -43.86 33.91
CA ALA I 90 -8.01 -44.87 32.86
C ALA I 90 -7.21 -46.12 33.18
N VAL I 91 -6.06 -45.97 33.83
CA VAL I 91 -5.27 -47.13 34.23
C VAL I 91 -6.03 -47.99 35.21
N PHE I 92 -6.67 -47.37 36.21
CA PHE I 92 -7.47 -48.13 37.16
C PHE I 92 -8.65 -48.81 36.49
N SER I 93 -9.31 -48.13 35.56
CA SER I 93 -10.44 -48.73 34.86
C SER I 93 -9.99 -49.94 34.04
N VAL I 94 -8.88 -49.82 33.32
CA VAL I 94 -8.38 -50.94 32.54
C VAL I 94 -7.90 -52.09 33.44
N TYR I 95 -7.32 -51.78 34.60
CA TYR I 95 -6.91 -52.83 35.53
C TYR I 95 -8.10 -53.58 36.11
N VAL I 96 -9.18 -52.86 36.43
CA VAL I 96 -10.37 -53.52 36.97
C VAL I 96 -10.96 -54.49 35.95
N LEU I 97 -11.05 -54.09 34.69
CA LEU I 97 -11.58 -54.99 33.66
C LEU I 97 -10.62 -56.13 33.36
N HIS I 98 -9.31 -55.89 33.40
CA HIS I 98 -8.35 -56.97 33.19
C HIS I 98 -8.45 -58.02 34.29
N ARG I 99 -8.58 -57.60 35.54
CA ARG I 99 -8.64 -58.53 36.65
C ARG I 99 -10.00 -59.20 36.79
N GLY I 100 -11.09 -58.48 36.53
CA GLY I 100 -12.41 -59.05 36.71
C GLY I 100 -12.77 -60.12 35.70
N ALA I 101 -12.40 -59.92 34.43
CA ALA I 101 -12.71 -60.89 33.38
C ALA I 101 -11.78 -62.10 33.40
N THR I 102 -10.62 -62.00 34.04
CA THR I 102 -9.70 -63.11 34.20
C THR I 102 -9.98 -63.92 35.46
N LEU I 103 -10.96 -63.49 36.26
CA LEU I 103 -11.32 -64.19 37.49
C LEU I 103 -12.54 -65.09 37.34
N ALA I 104 -13.48 -64.74 36.44
CA ALA I 104 -14.64 -65.58 36.20
C ALA I 104 -14.37 -66.72 35.25
N ALA I 105 -13.25 -66.68 34.52
CA ALA I 105 -12.93 -67.78 33.61
C ALA I 105 -12.66 -69.07 34.38
N LEU I 106 -11.91 -68.99 35.48
CA LEU I 106 -11.62 -70.17 36.27
C LEU I 106 -12.86 -70.66 37.02
N GLY I 107 -13.72 -69.74 37.44
CA GLY I 107 -14.92 -70.08 38.16
C GLY I 107 -14.67 -70.29 39.63
N PRO I 108 -15.73 -70.65 40.38
CA PRO I 108 -15.65 -70.88 41.82
C PRO I 108 -14.77 -72.07 42.18
N GLY I 133 -26.80 -62.27 45.96
CA GLY I 133 -25.72 -63.04 46.55
C GLY I 133 -24.61 -63.35 45.57
N LEU I 134 -23.93 -62.31 45.10
CA LEU I 134 -22.84 -62.46 44.15
C LEU I 134 -21.51 -62.59 44.90
N GLN I 135 -20.41 -62.63 44.15
CA GLN I 135 -19.07 -62.78 44.71
C GLN I 135 -18.13 -61.77 44.07
N VAL I 136 -18.56 -60.51 44.04
CA VAL I 136 -17.81 -59.45 43.35
C VAL I 136 -16.49 -59.21 44.08
N PRO I 137 -15.36 -59.13 43.37
CA PRO I 137 -14.09 -58.85 44.04
C PRO I 137 -14.03 -57.42 44.57
N ASP I 138 -13.14 -57.21 45.54
CA ASP I 138 -13.03 -55.94 46.25
C ASP I 138 -11.70 -55.32 45.83
N PHE I 139 -11.76 -54.36 44.92
CA PHE I 139 -10.61 -53.52 44.57
C PHE I 139 -10.70 -52.16 45.26
N SER I 140 -10.65 -52.19 46.59
CA SER I 140 -10.71 -50.94 47.36
C SER I 140 -9.32 -50.38 47.66
N ALA I 141 -8.30 -51.23 47.72
CA ALA I 141 -6.95 -50.75 47.96
C ALA I 141 -6.37 -50.05 46.74
N GLY I 142 -6.78 -50.43 45.53
CA GLY I 142 -6.31 -49.80 44.32
C GLY I 142 -7.03 -48.54 43.93
N TYR I 143 -8.00 -48.10 44.73
CA TYR I 143 -8.72 -46.86 44.51
C TYR I 143 -8.12 -45.68 45.25
N ILE I 144 -7.67 -45.91 46.49
CA ILE I 144 -7.05 -44.84 47.28
C ILE I 144 -5.76 -44.38 46.64
N ILE I 145 -4.97 -45.30 46.07
CA ILE I 145 -3.71 -44.93 45.44
C ILE I 145 -3.96 -44.05 44.21
N HIS I 146 -4.94 -44.42 43.38
CA HIS I 146 -5.26 -43.61 42.22
C HIS I 146 -5.82 -42.25 42.62
N LEU I 147 -6.64 -42.19 43.68
CA LEU I 147 -7.09 -40.91 44.22
C LEU I 147 -5.93 -40.05 44.70
N LEU I 148 -4.96 -40.62 45.41
CA LEU I 148 -3.78 -39.88 45.86
C LEU I 148 -2.95 -39.35 44.70
N LEU I 149 -2.72 -40.17 43.68
CA LEU I 149 -1.97 -39.70 42.52
C LEU I 149 -2.71 -38.58 41.79
N ARG I 150 -4.04 -38.73 41.63
CA ARG I 150 -4.82 -37.69 40.98
C ARG I 150 -4.79 -36.39 41.79
N THR I 151 -4.87 -36.49 43.11
CA THR I 151 -4.79 -35.30 43.96
C THR I 151 -3.42 -34.62 43.84
N LEU I 152 -2.35 -35.41 43.87
CA LEU I 152 -1.01 -34.85 43.75
C LEU I 152 -0.72 -34.26 42.38
N LEU I 153 -1.38 -34.75 41.33
CA LEU I 153 -1.18 -34.20 39.99
C LEU I 153 -1.87 -32.87 39.77
N GLU I 154 -2.77 -32.45 40.66
CA GLU I 154 -3.48 -31.19 40.50
C GLU I 154 -2.77 -30.02 41.15
N ALA I 155 -2.15 -30.23 42.32
CA ALA I 155 -1.46 -29.15 43.00
C ALA I 155 -0.28 -28.64 42.20
N ALA I 156 0.49 -29.56 41.59
CA ALA I 156 1.65 -29.15 40.81
C ALA I 156 1.22 -28.32 39.60
N PHE I 157 0.18 -28.74 38.90
CA PHE I 157 -0.31 -28.00 37.75
C PHE I 157 -0.99 -26.69 38.12
N GLY I 158 -1.54 -26.59 39.33
CA GLY I 158 -2.05 -25.31 39.81
C GLY I 158 -0.93 -24.35 40.11
N ALA I 159 0.12 -24.84 40.77
CA ALA I 159 1.28 -23.99 41.07
C ALA I 159 1.96 -23.52 39.80
N LEU I 160 2.16 -24.42 38.83
CA LEU I 160 2.76 -24.02 37.57
C LEU I 160 1.88 -23.03 36.82
N HIS I 161 0.56 -23.23 36.83
CA HIS I 161 -0.35 -22.30 36.19
C HIS I 161 -0.27 -20.92 36.83
N TYR I 162 -0.21 -20.86 38.16
CA TYR I 162 -0.11 -19.57 38.84
C TYR I 162 1.23 -18.89 38.54
N PHE I 163 2.32 -19.65 38.50
CA PHE I 163 3.63 -19.06 38.27
C PHE I 163 3.90 -18.72 36.80
N LEU I 164 3.10 -19.26 35.87
CA LEU I 164 3.36 -19.05 34.45
C LEU I 164 2.48 -17.96 33.83
N PHE I 165 1.17 -18.00 34.09
CA PHE I 165 0.23 -17.12 33.40
C PHE I 165 -0.49 -16.14 34.31
N GLY I 166 -0.51 -16.37 35.63
CA GLY I 166 -1.22 -15.45 36.50
C GLY I 166 -2.72 -15.67 36.48
N PHE I 167 -3.46 -14.58 36.66
CA PHE I 167 -4.92 -14.63 36.75
C PHE I 167 -5.63 -13.90 35.63
N LEU I 168 -5.08 -12.80 35.12
CA LEU I 168 -5.72 -12.02 34.07
C LEU I 168 -4.73 -11.75 32.94
N ALA I 169 -5.28 -11.52 31.73
CA ALA I 169 -4.50 -11.29 30.52
C ALA I 169 -4.17 -9.81 30.35
N PRO I 170 -2.98 -9.49 29.87
CA PRO I 170 -2.61 -8.09 29.63
C PRO I 170 -3.20 -7.56 28.33
N LYS I 171 -3.03 -6.25 28.13
CA LYS I 171 -3.55 -5.59 26.94
C LYS I 171 -2.49 -5.01 26.02
N LYS I 172 -1.25 -4.83 26.50
CA LYS I 172 -0.19 -4.27 25.69
C LYS I 172 1.13 -4.94 26.02
N PHE I 173 2.07 -4.87 25.07
CA PHE I 173 3.38 -5.49 25.25
C PHE I 173 4.48 -4.61 24.67
N PRO I 174 5.49 -4.24 25.46
CA PRO I 174 6.67 -3.56 24.91
C PRO I 174 7.74 -4.53 24.44
N CYS I 175 8.23 -4.36 23.22
CA CYS I 175 9.17 -5.28 22.60
C CYS I 175 10.36 -4.50 22.06
N THR I 176 11.58 -4.96 22.40
CA THR I 176 12.81 -4.29 21.98
C THR I 176 13.78 -5.22 21.27
N ARG I 177 13.38 -6.45 20.94
CA ARG I 177 14.28 -7.40 20.32
C ARG I 177 14.59 -6.98 18.88
N PRO I 178 15.79 -7.29 18.39
CA PRO I 178 16.11 -7.04 16.97
C PRO I 178 15.28 -7.94 16.07
N PRO I 179 15.04 -7.53 14.81
CA PRO I 179 15.57 -6.35 14.12
C PRO I 179 14.76 -5.08 14.37
N CYS I 180 13.85 -5.08 15.34
CA CYS I 180 13.09 -3.88 15.66
C CYS I 180 14.01 -2.82 16.23
N THR I 181 13.82 -1.57 15.79
CA THR I 181 14.63 -0.45 16.23
C THR I 181 13.88 0.36 17.27
N GLY I 182 14.52 0.59 18.41
CA GLY I 182 13.87 1.30 19.50
C GLY I 182 12.96 0.40 20.31
N VAL I 183 11.90 0.98 20.85
CA VAL I 183 10.91 0.26 21.64
C VAL I 183 9.61 0.26 20.86
N VAL I 184 9.07 -0.92 20.60
CA VAL I 184 7.84 -1.09 19.84
C VAL I 184 6.72 -1.51 20.80
N ASP I 185 5.50 -1.06 20.51
CA ASP I 185 4.34 -1.40 21.29
C ASP I 185 3.43 -2.32 20.47
N CYS I 186 2.98 -3.41 21.08
CA CYS I 186 2.09 -4.35 20.42
C CYS I 186 0.84 -4.55 21.26
N TYR I 187 -0.26 -4.86 20.57
CA TYR I 187 -1.58 -4.95 21.18
C TYR I 187 -2.06 -6.39 21.18
N VAL I 188 -2.60 -6.84 22.31
CA VAL I 188 -3.10 -8.20 22.45
C VAL I 188 -4.53 -8.28 21.93
N SER I 189 -4.85 -9.34 21.21
CA SER I 189 -6.19 -9.54 20.68
C SER I 189 -7.10 -10.16 21.73
N ARG I 190 -8.30 -9.60 21.87
CA ARG I 190 -9.30 -10.07 22.81
C ARG I 190 -8.78 -10.19 24.24
N PRO I 191 -8.33 -9.08 24.84
CA PRO I 191 -7.78 -9.18 26.21
C PRO I 191 -8.83 -9.33 27.30
N THR I 192 -10.11 -9.13 26.98
CA THR I 192 -11.17 -9.17 27.99
C THR I 192 -11.85 -10.53 28.06
N GLU I 193 -12.28 -11.06 26.91
CA GLU I 193 -12.92 -12.37 26.88
C GLU I 193 -11.96 -13.46 27.31
N LYS I 194 -10.70 -13.37 26.90
CA LYS I 194 -9.68 -14.32 27.32
C LYS I 194 -9.51 -14.35 28.83
N SER I 195 -9.61 -13.20 29.49
CA SER I 195 -9.56 -13.14 30.94
C SER I 195 -10.85 -13.60 31.60
N LEU I 196 -11.97 -13.57 30.87
CA LEU I 196 -13.23 -14.11 31.38
C LEU I 196 -13.28 -15.63 31.34
N LEU I 197 -12.67 -16.24 30.32
CA LEU I 197 -12.57 -17.69 30.26
C LEU I 197 -11.60 -18.26 31.28
N MET I 198 -10.53 -17.51 31.59
CA MET I 198 -9.57 -17.95 32.60
C MET I 198 -10.22 -18.12 33.96
N LEU I 199 -11.06 -17.17 34.35
CA LEU I 199 -11.74 -17.27 35.64
C LEU I 199 -12.69 -18.46 35.70
N PHE I 200 -13.43 -18.71 34.62
CA PHE I 200 -14.32 -19.86 34.57
C PHE I 200 -13.55 -21.16 34.71
N LEU I 201 -12.46 -21.31 33.97
CA LEU I 201 -11.65 -22.52 34.08
C LEU I 201 -10.97 -22.66 35.44
N TRP I 202 -10.49 -21.56 36.03
CA TRP I 202 -9.94 -21.59 37.37
C TRP I 202 -10.96 -22.06 38.40
N ALA I 203 -12.19 -21.53 38.33
CA ALA I 203 -13.24 -21.96 39.23
C ALA I 203 -13.59 -23.44 39.04
N VAL I 204 -13.67 -23.89 37.78
CA VAL I 204 -13.96 -25.30 37.53
C VAL I 204 -12.88 -26.20 38.13
N SER I 205 -11.61 -25.85 37.90
CA SER I 205 -10.52 -26.65 38.44
C SER I 205 -10.52 -26.64 39.97
N ALA I 206 -10.73 -25.48 40.59
CA ALA I 206 -10.76 -25.41 42.04
C ALA I 206 -11.90 -26.22 42.63
N LEU I 207 -13.09 -26.17 42.01
CA LEU I 207 -14.20 -26.99 42.46
C LEU I 207 -13.95 -28.47 42.29
N SER I 208 -13.34 -28.88 41.18
CA SER I 208 -13.03 -30.29 40.97
C SER I 208 -11.92 -30.80 41.89
N PHE I 209 -11.03 -29.93 42.36
CA PHE I 209 -9.97 -30.36 43.26
C PHE I 209 -10.51 -30.79 44.62
N LEU I 210 -11.58 -30.14 45.10
CA LEU I 210 -12.18 -30.49 46.38
C LEU I 210 -13.10 -31.69 46.29
N LEU I 211 -13.50 -32.10 45.10
CA LEU I 211 -14.31 -33.30 44.93
C LEU I 211 -13.51 -34.57 45.16
N GLY I 212 -12.22 -34.57 44.78
CA GLY I 212 -11.33 -35.67 45.08
C GLY I 212 -10.79 -35.67 46.48
N LEU I 213 -10.89 -34.54 47.19
CA LEU I 213 -10.49 -34.46 48.59
C LEU I 213 -11.61 -34.87 49.53
N ALA I 214 -12.87 -34.66 49.14
CA ALA I 214 -14.00 -35.14 49.93
C ALA I 214 -14.29 -36.61 49.72
N ASP I 215 -13.69 -37.22 48.70
CA ASP I 215 -13.85 -38.65 48.44
C ASP I 215 -12.76 -39.48 49.09
N LEU I 216 -11.51 -39.00 49.08
CA LEU I 216 -10.41 -39.71 49.70
C LEU I 216 -10.54 -39.80 51.23
N VAL I 217 -10.91 -38.71 51.88
CA VAL I 217 -11.03 -38.69 53.34
C VAL I 217 -12.29 -39.44 53.80
N CYS I 218 -13.15 -39.83 52.87
CA CYS I 218 -14.27 -40.71 53.16
C CYS I 218 -13.95 -42.17 52.91
N SER I 219 -13.27 -42.47 51.79
CA SER I 219 -12.84 -43.84 51.53
C SER I 219 -11.85 -44.33 52.57
N LEU I 220 -10.90 -43.48 52.97
CA LEU I 220 -9.94 -43.88 54.00
C LEU I 220 -10.63 -44.13 55.32
N ARG I 221 -11.58 -43.27 55.69
CA ARG I 221 -12.32 -43.44 56.94
C ARG I 221 -13.26 -44.64 56.92
N ARG I 222 -13.74 -45.04 55.75
CA ARG I 222 -14.62 -46.20 55.62
C ARG I 222 -13.85 -47.52 55.59
N ARG I 223 -12.69 -47.56 54.92
CA ARG I 223 -11.93 -48.80 54.84
C ARG I 223 -11.45 -49.25 56.20
N MET I 224 -10.96 -48.32 57.03
CA MET I 224 -10.52 -48.68 58.37
C MET I 224 -11.68 -49.09 59.27
N ARG I 225 -12.87 -48.53 59.05
CA ARG I 225 -14.04 -48.93 59.83
C ARG I 225 -14.42 -50.37 59.57
N ARG I 226 -14.40 -50.79 58.30
CA ARG I 226 -14.73 -52.17 57.93
C ARG I 226 -13.49 -53.05 58.00
N ARG I 227 -12.93 -53.14 59.21
CA ARG I 227 -11.75 -53.95 59.46
C ARG I 227 -11.65 -54.24 60.95
N PRO I 228 -12.39 -55.24 61.46
CA PRO I 228 -12.33 -55.54 62.89
C PRO I 228 -11.02 -56.22 63.27
N GLY I 229 -9.96 -55.43 63.41
CA GLY I 229 -8.66 -55.95 63.77
C GLY I 229 -7.55 -55.50 62.83
N GLY J 3 -26.51 -73.75 29.73
CA GLY J 3 -26.16 -72.92 28.59
C GLY J 3 -25.50 -71.61 28.99
N VAL J 4 -24.70 -71.06 28.08
CA VAL J 4 -23.99 -69.81 28.30
C VAL J 4 -24.14 -68.95 27.06
N ASP J 5 -24.00 -67.63 27.24
CA ASP J 5 -24.05 -66.70 26.13
C ASP J 5 -22.73 -66.70 25.39
N LEU J 6 -22.57 -65.82 24.39
CA LEU J 6 -21.31 -65.77 23.65
C LEU J 6 -20.88 -64.34 23.37
N LEU J 7 -21.56 -63.36 23.96
CA LEU J 7 -21.02 -62.00 23.99
C LEU J 7 -19.95 -61.93 25.06
N GLY J 8 -20.19 -62.58 26.19
CA GLY J 8 -19.16 -62.70 27.20
C GLY J 8 -17.99 -63.56 26.75
N PHE J 9 -18.29 -64.69 26.09
CA PHE J 9 -17.24 -65.55 25.57
C PHE J 9 -16.36 -64.83 24.56
N LEU J 10 -16.90 -63.84 23.85
CA LEU J 10 -16.12 -63.06 22.91
C LEU J 10 -15.22 -62.04 23.62
N ILE J 11 -15.41 -61.83 24.92
CA ILE J 11 -14.56 -60.94 25.69
C ILE J 11 -13.50 -61.68 26.50
N ILE J 12 -13.82 -62.88 27.01
CA ILE J 12 -12.80 -63.67 27.70
C ILE J 12 -11.68 -64.02 26.75
N THR J 13 -12.01 -64.40 25.50
CA THR J 13 -10.99 -64.74 24.53
C THR J 13 -10.07 -63.56 24.25
N LEU J 14 -10.64 -62.36 24.13
CA LEU J 14 -9.84 -61.18 23.87
C LEU J 14 -9.12 -60.68 25.12
N ASN J 15 -9.69 -60.90 26.30
CA ASN J 15 -9.05 -60.48 27.55
C ASN J 15 -8.46 -61.73 28.20
N CYS J 16 -7.70 -62.46 27.39
CA CYS J 16 -6.85 -63.55 27.85
C CYS J 16 -5.63 -63.72 26.95
N ASN J 17 -5.56 -63.00 25.84
CA ASN J 17 -4.44 -63.06 24.92
C ASN J 17 -3.65 -61.76 24.91
N VAL J 18 -4.10 -60.75 25.65
CA VAL J 18 -3.43 -59.47 25.73
C VAL J 18 -2.92 -59.29 27.16
N THR J 19 -1.63 -59.01 27.31
CA THR J 19 -1.05 -58.87 28.63
C THR J 19 -1.40 -57.52 29.23
N MET J 20 -1.10 -57.37 30.53
CA MET J 20 -1.35 -56.12 31.22
C MET J 20 -0.51 -54.99 30.63
N VAL J 21 0.75 -55.28 30.31
CA VAL J 21 1.62 -54.27 29.69
C VAL J 21 1.05 -53.84 28.34
N GLY J 22 0.58 -54.81 27.55
CA GLY J 22 -0.04 -54.48 26.28
C GLY J 22 -1.37 -53.77 26.41
N LYS J 23 -2.08 -53.99 27.52
CA LYS J 23 -3.32 -53.27 27.77
C LYS J 23 -3.07 -51.82 28.15
N LEU J 24 -2.03 -51.58 28.95
CA LEU J 24 -1.67 -50.22 29.35
C LEU J 24 -0.95 -49.44 28.24
N TRP J 25 -0.24 -50.14 27.35
CA TRP J 25 0.37 -49.46 26.20
C TRP J 25 -0.70 -48.86 25.29
N PHE J 26 -1.79 -49.60 25.07
CA PHE J 26 -2.87 -49.08 24.24
C PHE J 26 -3.50 -47.84 24.87
N VAL J 27 -3.68 -47.84 26.18
CA VAL J 27 -4.24 -46.68 26.87
C VAL J 27 -3.29 -45.48 26.77
N LEU J 28 -2.00 -45.71 26.99
CA LEU J 28 -1.05 -44.59 27.01
C LEU J 28 -0.87 -44.00 25.61
N THR J 29 -0.47 -44.83 24.63
CA THR J 29 -0.17 -44.28 23.31
C THR J 29 -1.42 -44.17 22.42
N MET J 30 -2.52 -43.72 23.03
CA MET J 30 -3.69 -43.26 22.29
C MET J 30 -4.30 -41.99 22.88
N LEU J 31 -4.09 -41.73 24.17
CA LEU J 31 -4.58 -40.52 24.83
C LEU J 31 -3.52 -39.44 24.92
N LEU J 32 -2.25 -39.81 24.96
CA LEU J 32 -1.14 -38.87 25.00
C LEU J 32 -0.41 -38.74 23.68
N ARG J 33 -0.73 -39.57 22.69
CA ARG J 33 -0.06 -39.53 21.40
C ARG J 33 -1.01 -39.18 20.26
N MET J 34 -2.12 -39.90 20.12
CA MET J 34 -3.07 -39.66 19.05
C MET J 34 -4.01 -38.49 19.35
N LEU J 35 -4.08 -38.03 20.59
CA LEU J 35 -4.93 -36.90 20.95
C LEU J 35 -4.18 -35.57 20.92
N VAL J 36 -2.92 -35.55 21.36
CA VAL J 36 -2.13 -34.33 21.30
C VAL J 36 -1.85 -33.94 19.85
N ILE J 37 -1.65 -34.93 18.98
CA ILE J 37 -1.39 -34.64 17.57
C ILE J 37 -2.60 -33.97 16.93
N VAL J 38 -3.80 -34.47 17.23
CA VAL J 38 -5.01 -33.96 16.60
C VAL J 38 -5.43 -32.63 17.21
N LEU J 39 -5.52 -32.57 18.54
CA LEU J 39 -6.04 -31.39 19.21
C LEU J 39 -5.02 -30.28 19.40
N ALA J 40 -3.76 -30.62 19.65
CA ALA J 40 -2.73 -29.62 19.89
C ALA J 40 -1.76 -29.43 18.75
N GLY J 41 -1.73 -30.34 17.78
CA GLY J 41 -0.80 -30.22 16.67
C GLY J 41 -1.36 -29.40 15.52
N ARG J 42 -2.64 -29.60 15.20
CA ARG J 42 -3.26 -28.85 14.11
C ARG J 42 -3.28 -27.34 14.35
N PRO J 43 -3.71 -26.83 15.52
CA PRO J 43 -3.68 -25.37 15.72
C PRO J 43 -2.30 -24.75 15.62
N VAL J 44 -1.24 -25.46 16.04
CA VAL J 44 0.09 -24.88 16.01
C VAL J 44 0.58 -24.73 14.57
N TYR J 45 0.30 -25.72 13.72
CA TYR J 45 0.82 -25.75 12.35
C TYR J 45 -0.20 -25.25 11.33
N GLN J 46 -1.02 -24.27 11.70
CA GLN J 46 -2.04 -23.79 10.77
C GLN J 46 -1.59 -22.58 9.95
N ASP J 47 -0.70 -21.75 10.50
CA ASP J 47 -0.19 -20.58 9.80
C ASP J 47 1.30 -20.71 9.53
N GLU J 48 1.74 -21.91 9.17
CA GLU J 48 3.16 -22.12 8.87
C GLU J 48 3.57 -21.40 7.59
N GLN J 49 2.71 -21.39 6.58
CA GLN J 49 2.99 -20.67 5.34
C GLN J 49 2.42 -19.28 5.31
N GLU J 50 1.29 -19.05 5.98
CA GLU J 50 0.67 -17.73 5.96
C GLU J 50 1.58 -16.69 6.61
N ARG J 51 2.26 -17.05 7.69
CA ARG J 51 3.15 -16.14 8.40
C ARG J 51 4.60 -16.61 8.30
N PHE J 52 5.00 -17.09 7.12
CA PHE J 52 6.40 -17.36 6.79
C PHE J 52 6.88 -16.16 6.00
N VAL J 53 7.35 -15.14 6.70
CA VAL J 53 7.57 -13.82 6.13
C VAL J 53 8.98 -13.76 5.54
N CYS J 54 9.07 -13.43 4.25
CA CYS J 54 10.33 -13.22 3.56
C CYS J 54 10.51 -11.74 3.25
N ASN J 55 11.77 -11.36 3.02
CA ASN J 55 12.14 -9.96 2.78
C ASN J 55 12.20 -9.73 1.27
N THR J 56 11.04 -9.67 0.64
CA THR J 56 10.96 -9.47 -0.80
C THR J 56 9.59 -8.89 -1.14
N LEU J 57 9.49 -8.33 -2.35
CA LEU J 57 8.24 -7.79 -2.87
C LEU J 57 7.84 -8.38 -4.20
N GLN J 58 8.68 -9.19 -4.82
CA GLN J 58 8.36 -9.77 -6.12
C GLN J 58 7.40 -10.94 -5.93
N PRO J 59 6.26 -10.96 -6.63
CA PRO J 59 5.32 -12.08 -6.48
C PRO J 59 5.97 -13.40 -6.88
N GLY J 60 5.62 -14.46 -6.14
CA GLY J 60 6.08 -15.80 -6.43
C GLY J 60 7.35 -16.21 -5.73
N CYS J 61 8.07 -15.28 -5.10
CA CYS J 61 9.30 -15.63 -4.39
C CYS J 61 9.00 -16.33 -3.07
N ALA J 62 8.01 -15.84 -2.32
CA ALA J 62 7.64 -16.44 -1.05
C ALA J 62 7.05 -17.83 -1.19
N ASN J 63 6.49 -18.17 -2.34
CA ASN J 63 5.97 -19.51 -2.59
C ASN J 63 7.10 -20.51 -2.81
N VAL J 64 8.04 -20.19 -3.70
CA VAL J 64 9.15 -21.10 -3.97
C VAL J 64 10.07 -21.22 -2.76
N CYS J 65 10.25 -20.13 -2.02
CA CYS J 65 11.11 -20.19 -0.84
C CYS J 65 10.53 -21.11 0.22
N TYR J 66 9.22 -21.02 0.48
CA TYR J 66 8.59 -21.92 1.43
C TYR J 66 8.56 -23.35 0.92
N ASP J 67 8.36 -23.55 -0.39
CA ASP J 67 8.36 -24.90 -0.94
C ASP J 67 9.72 -25.57 -0.79
N VAL J 68 10.81 -24.83 -1.01
CA VAL J 68 12.14 -25.37 -0.75
C VAL J 68 12.39 -25.57 0.74
N PHE J 69 11.86 -24.67 1.58
CA PHE J 69 12.10 -24.77 3.02
C PHE J 69 11.60 -26.08 3.60
N SER J 70 10.32 -26.40 3.34
CA SER J 70 9.68 -27.58 3.92
C SER J 70 8.99 -28.38 2.82
N PRO J 71 9.67 -29.36 2.24
CA PRO J 71 9.00 -30.24 1.26
C PRO J 71 7.82 -30.99 1.86
N VAL J 72 8.01 -31.59 3.03
CA VAL J 72 6.93 -32.26 3.76
C VAL J 72 6.97 -31.77 5.21
N SER J 73 5.81 -31.41 5.74
CA SER J 73 5.72 -30.98 7.12
C SER J 73 5.82 -32.18 8.05
N HIS J 74 6.18 -31.91 9.30
CA HIS J 74 6.29 -32.96 10.30
C HIS J 74 4.98 -33.22 11.03
N LEU J 75 3.96 -32.40 10.83
CA LEU J 75 2.63 -32.77 11.31
C LEU J 75 2.10 -33.99 10.56
N ARG J 76 2.21 -33.98 9.23
CA ARG J 76 1.83 -35.14 8.43
C ARG J 76 2.74 -36.33 8.71
N PHE J 77 4.02 -36.09 8.95
CA PHE J 77 4.91 -37.17 9.33
C PHE J 77 4.49 -37.81 10.64
N TRP J 78 4.12 -36.98 11.63
CA TRP J 78 3.63 -37.52 12.90
C TRP J 78 2.36 -38.32 12.70
N LEU J 79 1.44 -37.81 11.88
CA LEU J 79 0.19 -38.52 11.61
C LEU J 79 0.45 -39.88 10.99
N ILE J 80 1.28 -39.92 9.94
CA ILE J 80 1.53 -41.18 9.24
C ILE J 80 2.28 -42.15 10.14
N GLN J 81 3.25 -41.65 10.92
CA GLN J 81 4.00 -42.54 11.81
C GLN J 81 3.11 -43.11 12.90
N GLY J 82 2.21 -42.31 13.47
CA GLY J 82 1.33 -42.81 14.50
C GLY J 82 0.22 -43.71 14.00
N VAL J 83 -0.22 -43.50 12.76
CA VAL J 83 -1.24 -44.39 12.20
C VAL J 83 -0.68 -45.75 11.83
N CYS J 84 0.54 -45.80 11.29
CA CYS J 84 1.14 -47.06 10.84
C CYS J 84 1.59 -47.95 11.99
N VAL J 85 1.64 -47.44 13.22
CA VAL J 85 1.98 -48.26 14.37
C VAL J 85 0.75 -48.94 14.97
N LEU J 86 -0.42 -48.28 14.90
CA LEU J 86 -1.67 -48.89 15.36
C LEU J 86 -2.20 -49.92 14.37
N LEU J 87 -1.60 -50.04 13.19
CA LEU J 87 -2.11 -50.99 12.19
C LEU J 87 -1.85 -52.44 12.58
N PRO J 88 -0.65 -52.84 13.02
CA PRO J 88 -0.48 -54.24 13.44
C PRO J 88 -1.37 -54.65 14.59
N SER J 89 -1.78 -53.72 15.45
CA SER J 89 -2.65 -54.04 16.57
C SER J 89 -4.11 -54.24 16.15
N ALA J 90 -4.50 -53.79 14.96
CA ALA J 90 -5.86 -53.98 14.47
C ALA J 90 -6.03 -55.28 13.70
N VAL J 91 -5.02 -55.69 12.93
CA VAL J 91 -5.10 -56.95 12.19
C VAL J 91 -5.20 -58.12 13.17
N PHE J 92 -4.40 -58.10 14.23
CA PHE J 92 -4.48 -59.17 15.24
C PHE J 92 -5.82 -59.17 15.94
N SER J 93 -6.35 -57.98 16.27
CA SER J 93 -7.67 -57.91 16.91
C SER J 93 -8.75 -58.48 16.00
N VAL J 94 -8.74 -58.12 14.72
CA VAL J 94 -9.74 -58.64 13.79
C VAL J 94 -9.57 -60.15 13.58
N TYR J 95 -8.34 -60.65 13.57
CA TYR J 95 -8.10 -62.08 13.42
C TYR J 95 -8.61 -62.85 14.63
N VAL J 96 -8.42 -62.32 15.84
CA VAL J 96 -8.90 -62.99 17.04
C VAL J 96 -10.42 -63.11 17.03
N LEU J 97 -11.12 -62.04 16.65
CA LEU J 97 -12.58 -62.11 16.58
C LEU J 97 -13.07 -62.98 15.44
N HIS J 98 -12.37 -62.99 14.30
CA HIS J 98 -12.76 -63.88 13.20
C HIS J 98 -12.61 -65.34 13.59
N ARG J 99 -11.52 -65.70 14.28
CA ARG J 99 -11.30 -67.08 14.65
C ARG J 99 -12.13 -67.53 15.84
N GLY J 100 -12.36 -66.64 16.82
CA GLY J 100 -13.10 -67.02 18.01
C GLY J 100 -14.57 -67.24 17.78
N ALA J 101 -15.22 -66.41 16.96
CA ALA J 101 -16.64 -66.54 16.68
C ALA J 101 -16.93 -67.65 15.68
N THR J 102 -15.94 -68.11 14.94
CA THR J 102 -16.09 -69.22 14.01
C THR J 102 -15.80 -70.56 14.67
N LEU J 103 -15.35 -70.55 15.93
CA LEU J 103 -15.05 -71.77 16.65
C LEU J 103 -16.18 -72.23 17.57
N ALA J 104 -16.98 -71.31 18.09
CA ALA J 104 -18.11 -71.68 18.93
C ALA J 104 -19.35 -72.09 18.15
N ALA J 105 -19.39 -71.79 16.84
CA ALA J 105 -20.52 -72.19 16.03
C ALA J 105 -20.62 -73.70 15.92
N LEU J 106 -19.49 -74.38 15.70
CA LEU J 106 -19.51 -75.84 15.60
C LEU J 106 -19.75 -76.49 16.96
N GLY J 107 -19.26 -75.88 18.03
CA GLY J 107 -19.43 -76.40 19.36
C GLY J 107 -18.41 -77.47 19.71
N PRO J 108 -18.51 -78.05 20.91
CA PRO J 108 -17.60 -79.08 21.39
C PRO J 108 -17.67 -80.36 20.57
N GLY J 133 -14.22 -73.01 34.37
CA GLY J 133 -13.79 -74.11 33.53
C GLY J 133 -14.24 -73.95 32.09
N LEU J 134 -13.71 -72.92 31.42
CA LEU J 134 -14.06 -72.65 30.04
C LEU J 134 -13.05 -73.33 29.11
N GLN J 135 -13.15 -73.05 27.81
CA GLN J 135 -12.29 -73.63 26.79
C GLN J 135 -11.77 -72.55 25.85
N VAL J 136 -11.25 -71.48 26.44
CA VAL J 136 -10.77 -70.33 25.65
C VAL J 136 -9.60 -70.78 24.77
N PRO J 137 -9.61 -70.46 23.47
CA PRO J 137 -8.47 -70.81 22.63
C PRO J 137 -7.24 -69.99 22.97
N ASP J 138 -6.09 -70.51 22.55
CA ASP J 138 -4.79 -69.93 22.90
C ASP J 138 -4.19 -69.37 21.60
N PHE J 139 -4.31 -68.06 21.42
CA PHE J 139 -3.61 -67.35 20.35
C PHE J 139 -2.37 -66.65 20.89
N SER J 140 -1.42 -67.45 21.38
CA SER J 140 -0.19 -66.90 21.92
C SER J 140 0.91 -66.80 20.87
N ALA J 141 0.90 -67.66 19.86
CA ALA J 141 1.90 -67.59 18.80
C ALA J 141 1.66 -66.40 17.87
N GLY J 142 0.43 -65.95 17.73
CA GLY J 142 0.10 -64.82 16.89
C GLY J 142 0.28 -63.47 17.56
N TYR J 143 0.71 -63.44 18.82
CA TYR J 143 0.97 -62.22 19.55
C TYR J 143 2.42 -61.78 19.47
N ILE J 144 3.35 -62.74 19.53
CA ILE J 144 4.77 -62.42 19.44
C ILE J 144 5.12 -61.86 18.07
N ILE J 145 4.49 -62.39 17.01
CA ILE J 145 4.77 -61.89 15.66
C ILE J 145 4.30 -60.45 15.51
N HIS J 146 3.10 -60.14 16.00
CA HIS J 146 2.61 -58.78 15.93
C HIS J 146 3.45 -57.83 16.78
N LEU J 147 3.91 -58.28 17.96
CA LEU J 147 4.85 -57.49 18.75
C LEU J 147 6.16 -57.22 18.02
N LEU J 148 6.72 -58.23 17.35
CA LEU J 148 7.94 -58.07 16.57
C LEU J 148 7.77 -57.09 15.42
N LEU J 149 6.66 -57.20 14.68
CA LEU J 149 6.42 -56.25 13.59
C LEU J 149 6.25 -54.83 14.11
N ARG J 150 5.50 -54.68 15.21
CA ARG J 150 5.33 -53.35 15.79
C ARG J 150 6.65 -52.77 16.27
N THR J 151 7.50 -53.59 16.89
CA THR J 151 8.80 -53.12 17.34
C THR J 151 9.68 -52.71 16.16
N LEU J 152 9.68 -53.50 15.09
CA LEU J 152 10.47 -53.16 13.91
C LEU J 152 9.95 -51.93 13.18
N LEU J 153 8.65 -51.62 13.31
CA LEU J 153 8.11 -50.44 12.65
C LEU J 153 8.44 -49.13 13.35
N GLU J 154 8.95 -49.18 14.58
CA GLU J 154 9.30 -47.95 15.30
C GLU J 154 10.73 -47.51 15.07
N ALA J 155 11.67 -48.46 14.96
CA ALA J 155 13.07 -48.10 14.75
C ALA J 155 13.26 -47.38 13.42
N ALA J 156 12.62 -47.87 12.36
CA ALA J 156 12.75 -47.23 11.06
C ALA J 156 12.21 -45.81 11.07
N PHE J 157 11.04 -45.61 11.68
CA PHE J 157 10.45 -44.28 11.75
C PHE J 157 11.20 -43.35 12.70
N GLY J 158 11.92 -43.89 13.67
CA GLY J 158 12.77 -43.07 14.51
C GLY J 158 14.02 -42.63 13.77
N ALA J 159 14.63 -43.55 13.02
CA ALA J 159 15.80 -43.19 12.23
C ALA J 159 15.46 -42.17 11.16
N LEU J 160 14.32 -42.36 10.47
CA LEU J 160 13.88 -41.39 9.48
C LEU J 160 13.59 -40.03 10.11
N HIS J 161 12.94 -40.03 11.28
CA HIS J 161 12.67 -38.79 11.98
C HIS J 161 13.95 -38.06 12.36
N TYR J 162 14.95 -38.79 12.85
CA TYR J 162 16.22 -38.17 13.18
C TYR J 162 16.92 -37.60 11.95
N PHE J 163 16.91 -38.35 10.84
CA PHE J 163 17.61 -37.91 9.64
C PHE J 163 16.88 -36.82 8.87
N LEU J 164 15.58 -36.64 9.12
CA LEU J 164 14.78 -35.68 8.35
C LEU J 164 14.61 -34.33 9.05
N PHE J 165 14.21 -34.34 10.33
CA PHE J 165 13.85 -33.11 11.02
C PHE J 165 14.76 -32.74 12.17
N GLY J 166 15.59 -33.67 12.67
CA GLY J 166 16.46 -33.31 13.78
C GLY J 166 15.71 -33.29 15.10
N PHE J 167 16.16 -32.41 16.00
CA PHE J 167 15.60 -32.31 17.34
C PHE J 167 14.94 -30.98 17.65
N LEU J 168 15.41 -29.88 17.07
CA LEU J 168 14.87 -28.55 17.34
C LEU J 168 14.62 -27.81 16.04
N ALA J 169 13.68 -26.85 16.08
CA ALA J 169 13.27 -26.06 14.93
C ALA J 169 14.14 -24.82 14.76
N PRO J 170 14.48 -24.46 13.52
CA PRO J 170 15.28 -23.26 13.29
C PRO J 170 14.43 -22.00 13.36
N LYS J 171 15.11 -20.85 13.28
CA LYS J 171 14.45 -19.56 13.37
C LYS J 171 14.55 -18.71 12.11
N LYS J 172 15.49 -19.02 11.21
CA LYS J 172 15.68 -18.24 10.00
C LYS J 172 16.06 -19.16 8.85
N PHE J 173 15.81 -18.68 7.62
CA PHE J 173 16.11 -19.46 6.42
C PHE J 173 16.65 -18.56 5.32
N PRO J 174 17.84 -18.88 4.77
CA PRO J 174 18.31 -18.16 3.57
C PRO J 174 17.83 -18.82 2.28
N CYS J 175 17.25 -18.03 1.38
CA CYS J 175 16.64 -18.53 0.16
C CYS J 175 17.20 -17.77 -1.03
N THR J 176 17.67 -18.49 -2.04
CA THR J 176 18.27 -17.89 -3.23
C THR J 176 17.65 -18.38 -4.53
N ARG J 177 16.54 -19.12 -4.46
CA ARG J 177 15.92 -19.64 -5.67
C ARG J 177 15.28 -18.52 -6.48
N PRO J 178 15.23 -18.65 -7.80
CA PRO J 178 14.50 -17.67 -8.62
C PRO J 178 13.00 -17.76 -8.36
N PRO J 179 12.25 -16.67 -8.60
CA PRO J 179 12.67 -15.39 -9.19
C PRO J 179 13.25 -14.39 -8.19
N CYS J 180 13.58 -14.84 -6.97
CA CYS J 180 14.18 -13.94 -5.99
C CYS J 180 15.58 -13.54 -6.45
N THR J 181 15.90 -12.26 -6.28
CA THR J 181 17.18 -11.71 -6.69
C THR J 181 18.09 -11.57 -5.47
N GLY J 182 19.29 -12.14 -5.57
CA GLY J 182 20.21 -12.10 -4.44
C GLY J 182 19.88 -13.18 -3.42
N VAL J 183 20.18 -12.87 -2.16
CA VAL J 183 19.92 -13.77 -1.04
C VAL J 183 18.83 -13.14 -0.18
N VAL J 184 17.74 -13.87 0.03
CA VAL J 184 16.62 -13.40 0.82
C VAL J 184 16.60 -14.13 2.16
N ASP J 185 16.17 -13.43 3.20
CA ASP J 185 16.07 -13.99 4.54
C ASP J 185 14.59 -14.14 4.90
N CYS J 186 14.21 -15.31 5.38
CA CYS J 186 12.83 -15.57 5.79
C CYS J 186 12.80 -16.04 7.23
N TYR J 187 11.68 -15.76 7.90
CA TYR J 187 11.52 -16.00 9.33
C TYR J 187 10.49 -17.09 9.55
N VAL J 188 10.80 -18.02 10.46
CA VAL J 188 9.90 -19.12 10.78
C VAL J 188 8.94 -18.68 11.87
N SER J 189 7.67 -19.07 11.73
CA SER J 189 6.65 -18.72 12.72
C SER J 189 6.67 -19.72 13.87
N ARG J 190 6.61 -19.20 15.10
CA ARG J 190 6.60 -20.01 16.31
C ARG J 190 7.76 -21.00 16.39
N PRO J 191 9.02 -20.51 16.36
CA PRO J 191 10.14 -21.46 16.40
C PRO J 191 10.39 -22.06 17.77
N THR J 192 9.80 -21.51 18.84
CA THR J 192 10.05 -22.00 20.20
C THR J 192 9.03 -23.04 20.64
N GLU J 193 7.74 -22.74 20.48
CA GLU J 193 6.69 -23.67 20.87
C GLU J 193 6.73 -24.95 20.03
N LYS J 194 7.01 -24.81 18.73
CA LYS J 194 7.17 -25.96 17.86
C LYS J 194 8.28 -26.88 18.33
N SER J 195 9.37 -26.32 18.86
CA SER J 195 10.45 -27.12 19.42
C SER J 195 10.13 -27.67 20.81
N LEU J 196 9.17 -27.08 21.52
CA LEU J 196 8.70 -27.62 22.78
C LEU J 196 7.77 -28.81 22.60
N LEU J 197 6.95 -28.81 21.55
CA LEU J 197 6.12 -29.96 21.23
C LEU J 197 6.93 -31.14 20.68
N MET J 198 8.01 -30.85 19.96
CA MET J 198 8.87 -31.91 19.44
C MET J 198 9.46 -32.76 20.56
N LEU J 199 9.94 -32.11 21.63
CA LEU J 199 10.52 -32.86 22.75
C LEU J 199 9.48 -33.71 23.45
N PHE J 200 8.27 -33.19 23.64
CA PHE J 200 7.21 -33.97 24.26
C PHE J 200 6.87 -35.20 23.44
N LEU J 201 6.71 -35.04 22.13
CA LEU J 201 6.42 -36.18 21.28
C LEU J 201 7.57 -37.18 21.18
N TRP J 202 8.82 -36.69 21.15
CA TRP J 202 9.98 -37.57 21.18
C TRP J 202 10.02 -38.40 22.46
N ALA J 203 9.78 -37.77 23.61
CA ALA J 203 9.75 -38.51 24.87
C ALA J 203 8.62 -39.53 24.90
N VAL J 204 7.43 -39.17 24.41
CA VAL J 204 6.33 -40.12 24.38
C VAL J 204 6.67 -41.32 23.52
N SER J 205 7.23 -41.08 22.33
CA SER J 205 7.60 -42.18 21.45
C SER J 205 8.68 -43.06 22.06
N ALA J 206 9.71 -42.45 22.67
CA ALA J 206 10.76 -43.23 23.30
C ALA J 206 10.25 -44.07 24.46
N LEU J 207 9.35 -43.51 25.28
CA LEU J 207 8.75 -44.27 26.37
C LEU J 207 7.88 -45.41 25.86
N SER J 208 7.09 -45.18 24.79
CA SER J 208 6.27 -46.24 24.24
C SER J 208 7.07 -47.33 23.54
N PHE J 209 8.27 -47.02 23.05
CA PHE J 209 9.09 -48.03 22.41
C PHE J 209 9.58 -49.09 23.39
N LEU J 210 9.90 -48.71 24.62
CA LEU J 210 10.36 -49.65 25.62
C LEU J 210 9.23 -50.44 26.26
N LEU J 211 7.99 -50.01 26.11
CA LEU J 211 6.85 -50.77 26.62
C LEU J 211 6.60 -52.03 25.81
N GLY J 212 6.80 -51.98 24.50
CA GLY J 212 6.74 -53.16 23.66
C GLY J 212 7.96 -54.05 23.72
N LEU J 213 9.07 -53.53 24.25
CA LEU J 213 10.27 -54.33 24.46
C LEU J 213 10.26 -55.06 25.80
N ALA J 214 9.59 -54.48 26.80
CA ALA J 214 9.42 -55.16 28.09
C ALA J 214 8.31 -56.20 28.06
N ASP J 215 7.47 -56.18 27.02
CA ASP J 215 6.41 -57.17 26.86
C ASP J 215 6.83 -58.36 26.02
N LEU J 216 7.62 -58.14 24.97
CA LEU J 216 8.11 -59.22 24.13
C LEU J 216 9.06 -60.15 24.85
N VAL J 217 10.02 -59.60 25.61
CA VAL J 217 10.99 -60.41 26.32
C VAL J 217 10.38 -61.10 27.54
N CYS J 218 9.14 -60.76 27.87
CA CYS J 218 8.38 -61.49 28.89
C CYS J 218 7.48 -62.55 28.30
N SER J 219 6.79 -62.25 27.21
CA SER J 219 5.98 -63.25 26.52
C SER J 219 6.83 -64.39 25.98
N LEU J 220 7.98 -64.07 25.37
CA LEU J 220 8.87 -65.11 24.87
C LEU J 220 9.39 -65.99 25.99
N ARG J 221 9.79 -65.38 27.10
CA ARG J 221 10.30 -66.14 28.24
C ARG J 221 9.21 -66.97 28.92
N ARG J 222 7.96 -66.52 28.89
CA ARG J 222 6.85 -67.28 29.45
C ARG J 222 6.40 -68.43 28.56
N ARG J 223 6.40 -68.24 27.24
CA ARG J 223 5.92 -69.29 26.34
C ARG J 223 6.82 -70.53 26.40
N MET J 224 8.14 -70.34 26.43
CA MET J 224 9.04 -71.48 26.54
C MET J 224 8.94 -72.17 27.90
N ARG J 225 8.63 -71.41 28.96
CA ARG J 225 8.47 -72.00 30.28
C ARG J 225 7.28 -72.96 30.31
N ARG J 226 6.16 -72.57 29.72
CA ARG J 226 4.96 -73.41 29.67
C ARG J 226 5.01 -74.33 28.45
N ARG J 227 6.04 -75.17 28.43
CA ARG J 227 6.23 -76.14 27.35
C ARG J 227 7.16 -77.25 27.82
N PRO J 228 6.65 -78.23 28.57
CA PRO J 228 7.51 -79.32 29.05
C PRO J 228 7.93 -80.26 27.93
N GLY J 229 8.91 -79.85 27.13
CA GLY J 229 9.39 -80.66 26.03
C GLY J 229 9.41 -79.91 24.71
#